data_9MHE
#
_entry.id   9MHE
#
_cell.length_a   1.00
_cell.length_b   1.00
_cell.length_c   1.00
_cell.angle_alpha   90.00
_cell.angle_beta   90.00
_cell.angle_gamma   90.00
#
_symmetry.space_group_name_H-M   'P 1'
#
loop_
_entity.id
_entity.type
_entity.pdbx_description
1 polymer 'Glycoprotein G2'
2 polymer 'Glycoprotein G1'
3 polymer '12.1F Heavy chain'
4 polymer '12.1F Light chain'
5 branched 2-acetamido-2-deoxy-beta-D-glucopyranose-(1-2)-alpha-D-mannopyranose-(1-3)-[alpha-D-mannopyranose-(1-6)]beta-D-mannopyranose-(1-4)-2-acetamido-2-deoxy-beta-D-glucopyranose-(1-4)-2-acetamido-2-deoxy-beta-D-glucopyranose
6 branched 2-acetamido-2-deoxy-beta-D-glucopyranose-(1-4)-2-acetamido-2-deoxy-beta-D-glucopyranose
7 branched beta-D-mannopyranose-(1-4)-2-acetamido-2-deoxy-beta-D-glucopyranose-(1-4)-2-acetamido-2-deoxy-beta-D-glucopyranose
8 branched beta-D-mannopyranose-(1-4)-2-acetamido-2-deoxy-beta-D-glucopyranose-(1-4)-[alpha-L-fucopyranose-(1-6)]2-acetamido-2-deoxy-beta-D-glucopyranose
9 branched beta-D-galactopyranose-(1-4)-2-acetamido-2-deoxy-beta-D-glucopyranose-(1-2)-alpha-D-mannopyranose-(1-3)-[alpha-D-mannopyranose-(1-6)]beta-D-mannopyranose-(1-4)-2-acetamido-2-deoxy-beta-D-glucopyranose-(1-4)-2-acetamido-2-deoxy-beta-D-glucopyranose
10 branched alpha-D-mannopyranose-(1-3)-beta-D-mannopyranose-(1-4)-2-acetamido-2-deoxy-beta-D-glucopyranose-(1-4)-[alpha-L-fucopyranose-(1-6)]2-acetamido-2-deoxy-beta-D-glucopyranose
11 branched alpha-D-mannopyranose-(1-3)-beta-D-mannopyranose-(1-4)-2-acetamido-2-deoxy-beta-D-glucopyranose-(1-4)-2-acetamido-2-deoxy-beta-D-glucopyranose
12 branched alpha-D-mannopyranose-(1-3)-[alpha-D-mannopyranose-(1-6)]beta-D-mannopyranose-(1-4)-2-acetamido-2-deoxy-beta-D-glucopyranose-(1-4)-2-acetamido-2-deoxy-beta-D-glucopyranose
13 non-polymer 2-acetamido-2-deoxy-beta-D-glucopyranose
14 non-polymer 'UNKNOWN LIGAND'
15 non-polymer (4S)-3-(4-tert-butoxyphenyl)-7-methyl-6-{4-[(propan-2-yl)oxy]phenyl}imidazo[1,2-a]pyridine
16 water water
#
loop_
_entity_poly.entity_id
_entity_poly.type
_entity_poly.pdbx_seq_one_letter_code
_entity_poly.pdbx_strand_id
1 'polypeptide(L)'
;GTFTWTLSDSEGKDTPGGYCLTRWMLIEAELKCFGNTAVAKCNEKHDEEFCDMLRLFDFNKQAIQRLKAEAQMSIQLINK
AVNALINDQLIMKNHLRDIMGIPYCNYSKYWYLNHTTTGRTSLPKCWLVSNGSYLNETHFSDDIEQQADNMITEMLQKEY
MERQGKTPLGLVDLFVFSTSFYLISIFLHLVKIPTHRHIVGKSCPKPHRLNHMGICSCGLYKQPGVPVKWKR
;
a,b,c
2 'polypeptide(L)'
;MGQIVTFFQEVPHVIEEVMNIVLIALSVLAVLKGLYNFATCGLVGLVTFLLLCGRSCTTSLYKGVYELQTLELNMETLNM
TMPLSCTKNNSHHYIMVGNETGLELTLTNTSIINHKFCNLSDAHKKNLYDHALMSIISTFHLSIPNFNQYEAMSCDFNGG
KISVQYNLSHSYAGDAANHCGTVANGVLQTFMRMAWGGSYIALDSGRGNWDCIMTSYQYLIIQNTTWEDHCQFSRPSPIG
YLGLLSQRTRDIYISRRLL
;
A,B,C
3 'polypeptide(L)'
;QVQLQESGAGLLKPSETLSLSCTVDGESFNGFFWTWIRQPPGKGLEWIGEINHLASTGYNPSLKSRVTISVDTSKNQFSL
KLTSVTAADTAVYYCARGYSYGFAWPNYHYLDVWGKGTTVTVSSASTKGPSVFPLAPSSKSTSGGTAALGCLVKDYFPEP
VTVSWNSGALTSGVHTFPAVLQSSGLYSLSSVVTVPSSSLGTQTYICNVNHKPSNTKVDKRVEPKSCDKTHGGDYKDDDD
KGTENLYFQ
;
H,D,F
4 'polypeptide(L)'
;EIVLTQSPATLSLSPGERATLSCRASQSVSSYLAWYQHKPGQAPRLLIYGASKRATGIPSRFSGSGSGTDFSLTISSLEP
EDFAVYYCQHRSDWRTTFGQGTRLEIKRTVAAPSVFIFPPSDEQLKSGTASVVCLLNNFYPREAKVQWKVDNALQSGNSQ
ESVTEQDSKDSTYSLSSTLTLSKADYEKHKVYACEVTHQGLSSPVTKSFNRGEC
;
L,E,G
#
loop_
_chem_comp.id
_chem_comp.type
_chem_comp.name
_chem_comp.formula
A1BK9 non-polymer (4S)-3-(4-tert-butoxyphenyl)-7-methyl-6-{4-[(propan-2-yl)oxy]phenyl}imidazo[1,2-a]pyridine 'C27 H30 N2 O2'
BMA D-saccharide, beta linking beta-D-mannopyranose 'C6 H12 O6'
FUC L-saccharide, alpha linking alpha-L-fucopyranose 'C6 H12 O5'
GAL D-saccharide, beta linking beta-D-galactopyranose 'C6 H12 O6'
MAN D-saccharide, alpha linking alpha-D-mannopyranose 'C6 H12 O6'
NAG D-saccharide, beta linking 2-acetamido-2-deoxy-beta-D-glucopyranose 'C8 H15 N O6'
UNX non-polymer 'UNKNOWN ATOM OR ION' ?
#
# COMPACT_ATOMS: atom_id res chain seq x y z
N GLY A 1 -6.54 -6.19 7.11
CA GLY A 1 -7.68 -7.01 7.45
C GLY A 1 -7.35 -8.46 7.81
N THR A 2 -8.35 -9.32 7.72
CA THR A 2 -8.22 -10.71 8.17
C THR A 2 -8.80 -11.63 7.11
N PHE A 3 -8.25 -12.84 6.99
CA PHE A 3 -8.74 -13.80 6.01
C PHE A 3 -10.23 -14.08 6.25
N THR A 4 -10.96 -14.28 5.17
CA THR A 4 -12.39 -14.50 5.23
C THR A 4 -12.86 -15.74 4.47
N TRP A 5 -12.02 -16.31 3.60
CA TRP A 5 -12.46 -17.39 2.73
C TRP A 5 -12.92 -18.60 3.55
N THR A 6 -14.09 -19.12 3.24
CA THR A 6 -14.63 -20.29 3.91
C THR A 6 -14.45 -21.51 3.01
N LEU A 7 -13.95 -22.60 3.59
CA LEU A 7 -13.71 -23.82 2.84
C LEU A 7 -15.01 -24.34 2.23
N SER A 8 -14.89 -24.92 1.03
CA SER A 8 -16.01 -25.55 0.37
C SER A 8 -16.34 -26.89 1.02
N ASP A 9 -17.56 -27.36 0.78
CA ASP A 9 -18.01 -28.62 1.38
C ASP A 9 -17.20 -29.79 0.84
N SER A 10 -16.80 -30.67 1.75
CA SER A 10 -15.99 -31.83 1.41
C SER A 10 -16.83 -32.94 0.78
N THR A 15 -16.07 -37.57 7.53
CA THR A 15 -15.88 -36.16 7.81
C THR A 15 -16.99 -35.32 7.19
N PRO A 16 -18.13 -35.22 7.89
CA PRO A 16 -19.23 -34.40 7.38
C PRO A 16 -18.86 -32.94 7.19
N GLY A 17 -18.41 -32.27 8.25
CA GLY A 17 -18.04 -30.88 8.18
C GLY A 17 -16.56 -30.60 8.01
N GLY A 18 -15.78 -31.60 7.63
CA GLY A 18 -14.34 -31.47 7.50
C GLY A 18 -13.91 -31.02 6.12
N TYR A 19 -12.73 -31.45 5.71
CA TYR A 19 -12.20 -31.07 4.41
C TYR A 19 -11.23 -32.15 3.91
N CYS A 20 -11.26 -32.41 2.61
CA CYS A 20 -10.46 -33.48 2.02
C CYS A 20 -9.43 -32.92 1.04
N LEU A 21 -8.19 -33.38 1.16
CA LEU A 21 -7.16 -33.16 0.17
C LEU A 21 -7.20 -34.32 -0.82
N THR A 22 -7.51 -33.99 -2.08
CA THR A 22 -7.63 -35.01 -3.11
C THR A 22 -6.24 -35.53 -3.50
N ARG A 23 -6.22 -36.61 -4.27
CA ARG A 23 -4.98 -37.24 -4.68
C ARG A 23 -4.07 -36.27 -5.40
N TRP A 24 -4.64 -35.33 -6.17
CA TRP A 24 -3.82 -34.39 -6.92
C TRP A 24 -3.19 -33.35 -6.00
N MET A 25 -3.84 -33.02 -4.89
CA MET A 25 -3.31 -32.04 -3.94
C MET A 25 -2.06 -32.52 -3.20
N LEU A 26 -1.71 -33.79 -3.29
CA LEU A 26 -0.64 -34.33 -2.45
C LEU A 26 0.43 -35.05 -3.27
N ILE A 27 1.65 -35.02 -2.75
CA ILE A 27 2.74 -35.78 -3.35
C ILE A 27 2.55 -37.27 -3.07
N GLU A 28 1.94 -37.62 -1.93
CA GLU A 28 1.71 -39.02 -1.58
C GLU A 28 0.78 -39.73 -2.54
N ALA A 29 -0.01 -38.98 -3.33
CA ALA A 29 -0.96 -39.55 -4.28
C ALA A 29 -1.96 -40.46 -3.58
N GLU A 30 -2.60 -39.93 -2.53
CA GLU A 30 -3.65 -40.63 -1.82
C GLU A 30 -4.60 -39.60 -1.21
N LEU A 31 -5.88 -39.95 -1.13
CA LEU A 31 -6.86 -39.06 -0.54
C LEU A 31 -6.63 -38.93 0.96
N LYS A 32 -6.77 -37.71 1.48
CA LYS A 32 -6.56 -37.46 2.91
C LYS A 32 -7.65 -36.55 3.42
N CYS A 33 -8.59 -37.09 4.18
CA CYS A 33 -9.71 -36.32 4.71
C CYS A 33 -9.48 -35.99 6.17
N PHE A 34 -9.80 -34.76 6.55
CA PHE A 34 -9.60 -34.27 7.91
C PHE A 34 -10.94 -33.86 8.50
N GLY A 35 -11.14 -34.21 9.76
CA GLY A 35 -12.43 -34.08 10.39
C GLY A 35 -12.79 -32.65 10.75
N ASN A 36 -14.05 -32.51 11.15
CA ASN A 36 -14.62 -31.19 11.41
C ASN A 36 -13.96 -30.49 12.59
N THR A 37 -13.60 -31.24 13.63
CA THR A 37 -13.05 -30.58 14.82
C THR A 37 -11.66 -30.00 14.53
N ALA A 38 -10.84 -30.74 13.79
CA ALA A 38 -9.54 -30.19 13.42
C ALA A 38 -9.70 -29.02 12.46
N VAL A 39 -10.62 -29.15 11.50
CA VAL A 39 -10.75 -28.16 10.43
C VAL A 39 -11.35 -26.86 10.94
N ALA A 40 -12.32 -26.94 11.86
CA ALA A 40 -12.93 -25.73 12.41
C ALA A 40 -11.91 -24.82 13.10
N LYS A 41 -10.77 -25.35 13.53
CA LYS A 41 -9.69 -24.50 14.01
C LYS A 41 -9.30 -23.46 12.97
N CYS A 42 -9.34 -23.83 11.69
CA CYS A 42 -8.94 -22.94 10.61
C CYS A 42 -9.82 -21.69 10.51
N ASN A 43 -11.04 -21.74 11.03
CA ASN A 43 -11.92 -20.57 10.94
C ASN A 43 -11.35 -19.40 11.76
N GLU A 44 -10.72 -19.69 12.90
CA GLU A 44 -10.37 -18.64 13.83
C GLU A 44 -8.90 -18.57 14.26
N LYS A 45 -8.02 -19.44 13.77
CA LYS A 45 -6.59 -19.31 14.05
C LYS A 45 -5.94 -18.35 13.06
N HIS A 46 -4.88 -17.69 13.52
CA HIS A 46 -4.15 -16.75 12.68
C HIS A 46 -2.73 -17.20 12.35
N ASP A 47 -2.23 -18.27 12.97
CA ASP A 47 -0.83 -18.65 12.85
C ASP A 47 -0.65 -20.11 12.44
N GLU A 48 -1.59 -20.65 11.68
CA GLU A 48 -1.52 -22.03 11.21
C GLU A 48 -1.24 -22.00 9.71
N GLU A 49 -0.05 -22.49 9.33
CA GLU A 49 0.33 -22.51 7.92
C GLU A 49 -0.60 -23.41 7.11
N PHE A 50 -0.97 -24.54 7.70
CA PHE A 50 -1.78 -25.52 6.97
C PHE A 50 -3.15 -24.95 6.60
N CYS A 51 -3.75 -24.17 7.48
CA CYS A 51 -5.05 -23.57 7.18
C CYS A 51 -4.96 -22.57 6.02
N ASP A 52 -3.90 -21.76 6.00
CA ASP A 52 -3.67 -20.89 4.86
C ASP A 52 -3.56 -21.71 3.57
N MET A 53 -2.82 -22.82 3.63
CA MET A 53 -2.68 -23.64 2.43
C MET A 53 -4.02 -24.26 2.02
N LEU A 54 -4.82 -24.71 2.98
CA LEU A 54 -6.13 -25.25 2.66
C LEU A 54 -6.97 -24.21 1.93
N ARG A 55 -7.01 -22.97 2.46
CA ARG A 55 -7.77 -21.92 1.81
C ARG A 55 -7.26 -21.66 0.39
N LEU A 56 -5.93 -21.66 0.20
CA LEU A 56 -5.36 -21.46 -1.13
C LEU A 56 -5.83 -22.56 -2.10
N PHE A 57 -5.72 -23.83 -1.68
CA PHE A 57 -6.13 -24.92 -2.53
C PHE A 57 -7.62 -24.87 -2.84
N ASP A 58 -8.45 -24.57 -1.84
CA ASP A 58 -9.89 -24.47 -2.08
C ASP A 58 -10.23 -23.32 -3.03
N PHE A 59 -9.55 -22.18 -2.90
CA PHE A 59 -9.78 -21.08 -3.83
C PHE A 59 -9.40 -21.48 -5.25
N ASN A 60 -8.27 -22.16 -5.41
CA ASN A 60 -7.89 -22.67 -6.72
C ASN A 60 -8.98 -23.57 -7.30
N LYS A 61 -9.44 -24.54 -6.50
CA LYS A 61 -10.48 -25.46 -6.93
C LYS A 61 -11.73 -24.72 -7.38
N GLN A 62 -12.23 -23.81 -6.54
CA GLN A 62 -13.49 -23.14 -6.84
C GLN A 62 -13.35 -22.22 -8.05
N ALA A 63 -12.19 -21.55 -8.18
CA ALA A 63 -11.97 -20.68 -9.32
C ALA A 63 -11.99 -21.47 -10.62
N ILE A 64 -11.34 -22.64 -10.64
CA ILE A 64 -11.34 -23.43 -11.85
C ILE A 64 -12.75 -23.97 -12.14
N GLN A 65 -13.50 -24.31 -11.09
CA GLN A 65 -14.83 -24.87 -11.30
C GLN A 65 -15.82 -23.83 -11.81
N ARG A 66 -15.85 -22.64 -11.19
CA ARG A 66 -16.91 -21.68 -11.44
C ARG A 66 -16.57 -20.62 -12.48
N LEU A 67 -15.31 -20.47 -12.84
CA LEU A 67 -14.91 -19.53 -13.87
C LEU A 67 -14.44 -20.30 -15.10
N LYS A 68 -14.54 -19.66 -16.25
CA LYS A 68 -14.03 -20.22 -17.50
C LYS A 68 -12.51 -20.14 -17.50
N ALA A 69 -11.85 -21.23 -17.11
CA ALA A 69 -10.40 -21.24 -17.03
C ALA A 69 -9.77 -21.19 -18.42
N GLU A 70 -8.67 -20.46 -18.53
CA GLU A 70 -7.91 -20.35 -19.77
C GLU A 70 -6.43 -20.59 -19.47
N ALA A 71 -5.66 -20.84 -20.53
CA ALA A 71 -4.24 -21.14 -20.36
C ALA A 71 -3.48 -19.95 -19.78
N GLN A 72 -3.81 -18.75 -20.21
CA GLN A 72 -3.17 -17.55 -19.69
C GLN A 72 -3.75 -17.24 -18.31
N MET A 73 -2.90 -17.16 -17.30
CA MET A 73 -3.35 -16.81 -15.97
C MET A 73 -3.81 -15.35 -15.95
N SER A 74 -4.84 -15.08 -15.18
CA SER A 74 -5.21 -13.70 -14.85
C SER A 74 -4.59 -13.43 -13.49
N ILE A 75 -3.41 -12.80 -13.49
CA ILE A 75 -2.72 -12.55 -12.23
C ILE A 75 -3.52 -11.59 -11.35
N GLN A 76 -4.44 -10.84 -11.98
CA GLN A 76 -5.31 -9.94 -11.24
C GLN A 76 -6.11 -10.69 -10.18
N LEU A 77 -6.63 -11.86 -10.53
CA LEU A 77 -7.54 -12.57 -9.63
C LEU A 77 -6.85 -12.89 -8.31
N ILE A 78 -5.68 -13.55 -8.37
CA ILE A 78 -4.99 -13.91 -7.13
C ILE A 78 -4.46 -12.66 -6.44
N ASN A 79 -3.97 -11.69 -7.22
CA ASN A 79 -3.45 -10.45 -6.63
C ASN A 79 -4.51 -9.78 -5.75
N LYS A 80 -5.77 -9.85 -6.14
CA LYS A 80 -6.79 -9.22 -5.31
C LYS A 80 -7.44 -10.15 -4.27
N ALA A 81 -7.34 -11.48 -4.43
CA ALA A 81 -7.96 -12.39 -3.47
C ALA A 81 -7.01 -12.85 -2.35
N VAL A 82 -5.70 -12.62 -2.51
CA VAL A 82 -4.71 -13.31 -1.66
C VAL A 82 -4.94 -13.01 -0.18
N ASN A 83 -5.14 -11.74 0.18
CA ASN A 83 -5.35 -11.39 1.57
C ASN A 83 -6.67 -11.90 2.12
N ALA A 84 -7.64 -12.21 1.26
CA ALA A 84 -8.82 -12.91 1.74
C ALA A 84 -8.52 -14.37 2.00
N LEU A 85 -7.42 -14.88 1.44
CA LEU A 85 -7.08 -16.29 1.54
C LEU A 85 -6.08 -16.62 2.65
N ILE A 86 -5.05 -15.81 2.87
CA ILE A 86 -3.95 -16.16 3.76
C ILE A 86 -3.54 -14.96 4.60
N ASN A 87 -2.75 -15.23 5.63
CA ASN A 87 -2.11 -14.20 6.44
C ASN A 87 -0.68 -14.00 5.91
N ASP A 88 -0.46 -12.89 5.19
CA ASP A 88 0.87 -12.63 4.67
C ASP A 88 1.90 -12.40 5.78
N GLN A 89 1.45 -12.04 6.98
CA GLN A 89 2.33 -11.95 8.14
C GLN A 89 2.76 -13.31 8.65
N LEU A 90 2.03 -14.38 8.34
CA LEU A 90 2.54 -15.71 8.65
C LEU A 90 3.73 -16.06 7.76
N ILE A 91 3.62 -15.73 6.47
CA ILE A 91 4.78 -15.78 5.59
C ILE A 91 5.93 -14.96 6.15
N MET A 92 5.63 -13.74 6.62
CA MET A 92 6.68 -12.89 7.18
C MET A 92 7.29 -13.52 8.43
N LYS A 93 6.48 -14.18 9.25
CA LYS A 93 7.00 -14.84 10.45
C LYS A 93 8.02 -15.89 10.08
N ASN A 94 7.71 -16.69 9.06
CA ASN A 94 8.67 -17.71 8.65
C ASN A 94 9.90 -17.10 7.98
N HIS A 95 9.73 -16.02 7.24
CA HIS A 95 10.87 -15.33 6.64
C HIS A 95 11.82 -14.80 7.73
N LEU A 96 11.26 -14.16 8.76
CA LEU A 96 12.07 -13.62 9.86
C LEU A 96 12.74 -14.75 10.64
N ARG A 97 12.04 -15.85 10.88
CA ARG A 97 12.67 -17.00 11.53
C ARG A 97 13.83 -17.54 10.71
N ASP A 98 13.64 -17.63 9.39
CA ASP A 98 14.70 -18.11 8.51
C ASP A 98 15.94 -17.21 8.59
N ILE A 99 15.77 -15.89 8.44
CA ILE A 99 16.96 -15.04 8.46
C ILE A 99 17.59 -14.94 9.84
N MET A 100 16.89 -15.32 10.90
CA MET A 100 17.49 -15.34 12.23
C MET A 100 18.14 -16.69 12.56
N GLY A 101 18.22 -17.60 11.60
CA GLY A 101 18.79 -18.91 11.86
C GLY A 101 17.90 -19.83 12.66
N ILE A 102 16.63 -19.49 12.82
CA ILE A 102 15.65 -20.26 13.59
C ILE A 102 14.90 -21.19 12.63
N PRO A 103 14.63 -22.43 13.01
CA PRO A 103 13.90 -23.33 12.09
C PRO A 103 12.55 -22.73 11.70
N TYR A 104 12.20 -22.89 10.43
CA TYR A 104 11.07 -22.19 9.86
C TYR A 104 10.27 -23.14 8.97
N CYS A 105 9.06 -22.70 8.65
CA CYS A 105 8.15 -23.44 7.78
C CYS A 105 8.33 -22.97 6.36
N ASN A 106 8.61 -23.89 5.45
CA ASN A 106 8.65 -23.56 4.03
C ASN A 106 7.43 -24.09 3.28
N TYR A 107 6.41 -24.54 4.02
CA TYR A 107 5.05 -24.85 3.58
C TYR A 107 4.92 -26.15 2.77
N SER A 108 6.01 -26.87 2.50
CA SER A 108 5.89 -28.13 1.76
C SER A 108 5.28 -29.25 2.62
N LYS A 109 5.74 -29.40 3.86
CA LYS A 109 5.55 -30.64 4.60
C LYS A 109 4.88 -30.40 5.94
N TYR A 110 3.98 -31.30 6.33
CA TYR A 110 3.23 -31.19 7.58
C TYR A 110 3.15 -32.55 8.26
N TRP A 111 2.99 -32.53 9.57
CA TRP A 111 2.85 -33.75 10.35
C TRP A 111 1.59 -33.65 11.21
N TYR A 112 0.99 -34.80 11.49
CA TYR A 112 -0.19 -34.86 12.32
C TYR A 112 -0.25 -36.20 13.03
N LEU A 113 -0.98 -36.23 14.13
CA LEU A 113 -1.25 -37.46 14.87
C LEU A 113 -2.56 -38.06 14.41
N ASN A 114 -2.58 -39.38 14.29
CA ASN A 114 -3.74 -40.11 13.80
C ASN A 114 -4.02 -41.26 14.75
N HIS A 115 -5.18 -41.22 15.41
CA HIS A 115 -5.54 -42.29 16.35
C HIS A 115 -5.66 -43.62 15.61
N THR A 116 -4.85 -44.59 16.05
CA THR A 116 -4.78 -45.88 15.36
C THR A 116 -6.14 -46.56 15.28
N THR A 117 -7.01 -46.35 16.26
CA THR A 117 -8.29 -47.04 16.29
C THR A 117 -9.42 -46.24 15.64
N THR A 118 -9.53 -44.95 15.96
CA THR A 118 -10.68 -44.17 15.50
C THR A 118 -10.42 -43.39 14.22
N GLY A 119 -9.17 -43.22 13.82
CA GLY A 119 -8.87 -42.47 12.62
C GLY A 119 -8.98 -40.97 12.74
N ARG A 120 -9.30 -40.45 13.93
CA ARG A 120 -9.34 -39.01 14.13
C ARG A 120 -7.92 -38.46 14.25
N THR A 121 -7.73 -37.26 13.72
CA THR A 121 -6.41 -36.66 13.62
C THR A 121 -6.41 -35.24 14.17
N SER A 122 -5.23 -34.78 14.55
CA SER A 122 -5.02 -33.39 14.88
C SER A 122 -4.89 -32.55 13.61
N LEU A 123 -4.94 -31.23 13.77
CA LEU A 123 -4.69 -30.34 12.66
C LEU A 123 -3.22 -30.48 12.24
N PRO A 124 -2.92 -30.75 10.97
CA PRO A 124 -1.52 -30.85 10.56
C PRO A 124 -0.74 -29.58 10.89
N LYS A 125 0.47 -29.77 11.42
CA LYS A 125 1.41 -28.67 11.69
C LYS A 125 2.58 -28.74 10.72
N CYS A 126 3.12 -27.57 10.38
CA CYS A 126 4.26 -27.54 9.47
C CYS A 126 5.46 -28.29 10.05
N TRP A 127 6.10 -29.09 9.20
CA TRP A 127 7.36 -29.75 9.53
C TRP A 127 8.48 -28.76 9.21
N LEU A 128 9.16 -28.27 10.25
CA LEU A 128 10.10 -27.18 10.09
C LEU A 128 11.37 -27.63 9.37
N VAL A 129 12.06 -26.66 8.76
CA VAL A 129 13.34 -26.88 8.13
C VAL A 129 14.38 -26.01 8.82
N SER A 130 15.64 -26.44 8.71
CA SER A 130 16.79 -25.70 9.20
C SER A 130 18.03 -26.19 8.43
N ASN A 131 18.87 -25.24 8.01
CA ASN A 131 20.14 -25.52 7.34
C ASN A 131 19.96 -26.44 6.13
N GLY A 132 18.87 -26.22 5.40
CA GLY A 132 18.63 -26.96 4.18
C GLY A 132 17.99 -28.32 4.35
N SER A 133 17.55 -28.69 5.55
CA SER A 133 16.97 -30.01 5.76
C SER A 133 15.83 -29.93 6.75
N TYR A 134 14.88 -30.85 6.63
CA TYR A 134 13.82 -30.98 7.62
C TYR A 134 14.42 -31.39 8.96
N LEU A 135 13.86 -30.88 10.05
CA LEU A 135 14.30 -31.29 11.37
C LEU A 135 14.05 -32.77 11.60
N ASN A 136 14.92 -33.40 12.39
CA ASN A 136 14.63 -34.74 12.86
C ASN A 136 13.45 -34.73 13.83
N GLU A 137 12.66 -35.80 13.81
CA GLU A 137 11.52 -35.92 14.71
C GLU A 137 11.90 -35.66 16.16
N THR A 138 13.02 -36.26 16.61
CA THR A 138 13.46 -36.11 17.99
C THR A 138 13.72 -34.65 18.35
N HIS A 139 13.95 -33.78 17.36
CA HIS A 139 14.16 -32.37 17.67
C HIS A 139 12.87 -31.73 18.18
N PHE A 140 11.72 -32.04 17.56
CA PHE A 140 10.47 -31.39 17.93
C PHE A 140 9.50 -32.34 18.64
N SER A 141 10.04 -33.42 19.21
CA SER A 141 9.21 -34.45 19.85
C SER A 141 8.30 -33.87 20.92
N ASP A 142 8.81 -32.90 21.69
CA ASP A 142 7.99 -32.27 22.72
C ASP A 142 6.71 -31.69 22.12
N ASP A 143 6.83 -30.96 21.02
CA ASP A 143 5.64 -30.44 20.34
C ASP A 143 4.68 -31.58 20.05
N ILE A 144 5.19 -32.68 19.48
CA ILE A 144 4.33 -33.82 19.16
C ILE A 144 3.63 -34.30 20.43
N GLU A 145 4.39 -34.48 21.51
CA GLU A 145 3.78 -34.89 22.77
C GLU A 145 2.67 -33.94 23.15
N GLN A 146 2.96 -32.64 23.11
CA GLN A 146 1.96 -31.65 23.44
C GLN A 146 0.72 -31.85 22.60
N GLN A 147 0.89 -32.01 21.29
CA GLN A 147 -0.27 -32.19 20.43
C GLN A 147 -1.08 -33.40 20.87
N ALA A 148 -0.40 -34.51 21.14
CA ALA A 148 -1.12 -35.69 21.61
C ALA A 148 -1.94 -35.36 22.84
N ASP A 149 -1.28 -34.76 23.84
CA ASP A 149 -1.99 -34.38 25.06
C ASP A 149 -3.20 -33.55 24.72
N ASN A 150 -3.01 -32.54 23.87
CA ASN A 150 -4.10 -31.64 23.52
C ASN A 150 -5.29 -32.42 23.01
N MET A 151 -5.05 -33.34 22.07
CA MET A 151 -6.16 -34.06 21.48
C MET A 151 -7.01 -34.70 22.57
N ILE A 152 -6.35 -35.44 23.47
CA ILE A 152 -7.07 -36.08 24.57
C ILE A 152 -7.91 -35.04 25.30
N THR A 153 -7.25 -34.01 25.82
CA THR A 153 -7.96 -33.01 26.62
C THR A 153 -9.08 -32.39 25.79
N GLU A 154 -8.77 -32.00 24.55
CA GLU A 154 -9.79 -31.33 23.75
C GLU A 154 -11.00 -32.24 23.60
N MET A 155 -10.74 -33.51 23.28
CA MET A 155 -11.82 -34.47 23.14
C MET A 155 -12.68 -34.51 24.40
N LEU A 156 -12.02 -34.66 25.56
CA LEU A 156 -12.77 -34.71 26.80
C LEU A 156 -13.60 -33.45 26.96
N GLN A 157 -12.97 -32.29 26.75
CA GLN A 157 -13.69 -31.04 26.96
C GLN A 157 -14.87 -30.95 26.00
N LYS A 158 -14.68 -31.46 24.78
CA LYS A 158 -15.76 -31.41 23.80
C LYS A 158 -17.02 -32.05 24.37
N GLU A 159 -16.87 -33.23 24.99
CA GLU A 159 -18.01 -33.90 25.59
C GLU A 159 -18.72 -32.95 26.55
N TYR A 160 -17.97 -32.36 27.49
CA TYR A 160 -18.58 -31.45 28.43
C TYR A 160 -19.35 -30.36 27.71
N MET A 161 -18.71 -29.73 26.72
CA MET A 161 -19.34 -28.61 26.04
C MET A 161 -20.68 -29.04 25.44
N GLU A 162 -20.69 -30.19 24.75
CA GLU A 162 -21.94 -30.61 24.11
C GLU A 162 -22.99 -30.95 25.16
N ARG A 163 -22.58 -31.58 26.28
CA ARG A 163 -23.56 -31.85 27.34
C ARG A 163 -24.16 -30.54 27.83
N GLN A 164 -23.33 -29.51 27.94
CA GLN A 164 -23.80 -28.22 28.44
C GLN A 164 -24.81 -27.58 27.51
N GLY A 165 -24.84 -27.99 26.24
CA GLY A 165 -25.83 -27.48 25.32
C GLY A 165 -27.12 -28.26 25.29
N LYS A 166 -27.17 -29.41 25.95
CA LYS A 166 -28.34 -30.25 25.92
C LYS A 166 -29.02 -30.42 27.27
N THR A 167 -28.27 -30.30 28.38
CA THR A 167 -28.83 -30.36 29.72
C THR A 167 -28.73 -29.00 30.37
N PRO A 168 -29.84 -28.34 30.67
CA PRO A 168 -29.77 -27.04 31.35
C PRO A 168 -29.20 -27.16 32.75
N LEU A 169 -28.52 -26.09 33.17
CA LEU A 169 -27.93 -26.05 34.50
C LEU A 169 -28.99 -26.23 35.58
N GLY A 170 -30.19 -25.70 35.35
CA GLY A 170 -31.24 -25.80 36.34
C GLY A 170 -31.72 -27.21 36.61
N LEU A 171 -31.72 -28.07 35.58
CA LEU A 171 -32.05 -29.46 35.82
C LEU A 171 -30.99 -30.14 36.67
N VAL A 172 -29.72 -29.79 36.48
CA VAL A 172 -28.67 -30.32 37.34
C VAL A 172 -28.89 -29.85 38.78
N ASP A 173 -29.21 -28.57 38.96
CA ASP A 173 -29.48 -28.04 40.29
C ASP A 173 -30.67 -28.74 40.94
N LEU A 174 -31.75 -28.96 40.17
CA LEU A 174 -32.91 -29.63 40.72
C LEU A 174 -32.61 -31.06 41.12
N PHE A 175 -31.84 -31.79 40.29
CA PHE A 175 -31.48 -33.15 40.65
C PHE A 175 -30.62 -33.18 41.92
N VAL A 176 -29.66 -32.26 42.02
CA VAL A 176 -28.79 -32.20 43.18
C VAL A 176 -29.59 -31.91 44.45
N PHE A 177 -30.49 -30.93 44.38
CA PHE A 177 -31.29 -30.58 45.54
C PHE A 177 -32.24 -31.70 45.92
N SER A 178 -32.82 -32.39 44.94
CA SER A 178 -33.70 -33.51 45.25
C SER A 178 -32.94 -34.63 45.95
N THR A 179 -31.75 -34.95 45.46
CA THR A 179 -30.94 -35.98 46.12
C THR A 179 -30.59 -35.57 47.54
N SER A 180 -30.24 -34.29 47.75
CA SER A 180 -29.90 -33.83 49.09
C SER A 180 -31.11 -33.91 50.03
N PHE A 181 -32.28 -33.50 49.55
CA PHE A 181 -33.48 -33.60 50.38
C PHE A 181 -33.80 -35.05 50.72
N TYR A 182 -33.63 -35.95 49.75
CA TYR A 182 -33.85 -37.37 50.00
C TYR A 182 -32.88 -37.91 51.04
N LEU A 183 -31.61 -37.50 50.97
CA LEU A 183 -30.64 -37.92 51.98
C LEU A 183 -31.01 -37.41 53.36
N ILE A 184 -31.42 -36.14 53.44
CA ILE A 184 -31.86 -35.58 54.72
C ILE A 184 -33.03 -36.39 55.26
N SER A 185 -33.94 -36.81 54.38
CA SER A 185 -35.09 -37.60 54.82
C SER A 185 -34.66 -38.97 55.34
N ILE A 186 -33.77 -39.65 54.60
CA ILE A 186 -33.38 -41.00 55.02
C ILE A 186 -32.55 -40.96 56.29
N PHE A 187 -31.91 -39.82 56.60
CA PHE A 187 -31.27 -39.70 57.90
C PHE A 187 -32.28 -39.79 59.03
N LEU A 188 -33.44 -39.17 58.87
CA LEU A 188 -34.50 -39.22 59.87
C LEU A 188 -35.01 -40.64 60.07
N GLN B 3 -21.60 -41.51 26.49
CA GLN B 3 -20.34 -41.05 27.05
C GLN B 3 -19.64 -42.16 27.82
N ILE B 4 -20.41 -43.17 28.22
CA ILE B 4 -19.84 -44.29 28.97
C ILE B 4 -18.85 -45.06 28.10
N VAL B 5 -19.25 -45.36 26.86
CA VAL B 5 -18.39 -46.16 25.98
C VAL B 5 -17.13 -45.39 25.63
N THR B 6 -17.25 -44.08 25.45
CA THR B 6 -16.07 -43.26 25.18
C THR B 6 -15.08 -43.32 26.34
N PHE B 7 -15.58 -43.27 27.57
CA PHE B 7 -14.70 -43.38 28.73
C PHE B 7 -14.07 -44.77 28.82
N PHE B 8 -14.85 -45.82 28.56
CA PHE B 8 -14.29 -47.16 28.54
C PHE B 8 -13.21 -47.31 27.47
N GLN B 9 -13.33 -46.54 26.39
CA GLN B 9 -12.31 -46.57 25.34
C GLN B 9 -11.08 -45.76 25.73
N GLU B 10 -11.28 -44.63 26.42
CA GLU B 10 -10.19 -43.74 26.80
C GLU B 10 -9.70 -44.00 28.22
N VAL B 11 -9.97 -45.20 28.75
CA VAL B 11 -9.47 -45.56 30.07
C VAL B 11 -7.97 -45.28 30.28
N PRO B 12 -7.05 -45.68 29.39
CA PRO B 12 -5.64 -45.72 29.80
C PRO B 12 -5.06 -44.38 30.23
N HIS B 13 -5.61 -43.26 29.77
CA HIS B 13 -5.05 -41.95 30.08
C HIS B 13 -5.71 -41.30 31.29
N VAL B 14 -6.59 -42.01 32.00
CA VAL B 14 -7.29 -41.44 33.14
C VAL B 14 -6.99 -42.14 34.46
N ILE B 15 -6.27 -43.27 34.44
CA ILE B 15 -5.93 -43.93 35.70
C ILE B 15 -4.98 -43.07 36.51
N GLU B 16 -4.05 -42.37 35.84
CA GLU B 16 -3.05 -41.60 36.56
C GLU B 16 -3.65 -40.53 37.45
N GLU B 17 -4.88 -40.09 37.16
CA GLU B 17 -5.54 -39.11 38.01
C GLU B 17 -6.21 -39.83 39.18
N VAL B 18 -5.90 -39.39 40.39
CA VAL B 18 -6.44 -40.03 41.59
C VAL B 18 -7.95 -39.85 41.68
N MET B 19 -8.45 -38.69 41.24
CA MET B 19 -9.89 -38.43 41.33
C MET B 19 -10.69 -39.45 40.53
N ASN B 20 -10.20 -39.82 39.35
CA ASN B 20 -10.87 -40.84 38.56
C ASN B 20 -10.84 -42.20 39.26
N ILE B 21 -9.74 -42.53 39.93
CA ILE B 21 -9.69 -43.79 40.67
C ILE B 21 -10.72 -43.79 41.80
N VAL B 22 -10.83 -42.66 42.51
CA VAL B 22 -11.82 -42.53 43.56
C VAL B 22 -13.22 -42.68 42.99
N LEU B 23 -13.49 -42.03 41.84
CA LEU B 23 -14.81 -42.11 41.23
C LEU B 23 -15.15 -43.53 40.80
N ILE B 24 -14.19 -44.23 40.19
CA ILE B 24 -14.43 -45.60 39.75
C ILE B 24 -14.68 -46.51 40.96
N ALA B 25 -13.89 -46.35 42.01
CA ALA B 25 -14.09 -47.15 43.22
C ALA B 25 -15.46 -46.86 43.84
N LEU B 26 -15.86 -45.60 43.88
CA LEU B 26 -17.16 -45.24 44.43
C LEU B 26 -18.31 -45.80 43.59
N SER B 27 -18.17 -45.75 42.26
CA SER B 27 -19.19 -46.34 41.40
C SER B 27 -19.30 -47.85 41.60
N VAL B 28 -18.17 -48.53 41.70
CA VAL B 28 -18.17 -49.98 41.91
C VAL B 28 -18.79 -50.31 43.25
N LEU B 29 -18.43 -49.56 44.30
CA LEU B 29 -19.00 -49.79 45.63
C LEU B 29 -20.51 -49.55 45.62
N ALA B 30 -20.95 -48.48 44.94
CA ALA B 30 -22.37 -48.19 44.88
C ALA B 30 -23.14 -49.30 44.18
N VAL B 31 -22.60 -49.79 43.06
CA VAL B 31 -23.26 -50.88 42.34
C VAL B 31 -23.32 -52.13 43.20
N LEU B 32 -22.23 -52.44 43.90
CA LEU B 32 -22.21 -53.63 44.75
C LEU B 32 -23.21 -53.51 45.88
N LYS B 33 -23.30 -52.35 46.52
CA LYS B 33 -24.26 -52.16 47.60
C LYS B 33 -25.69 -52.24 47.08
N GLY B 34 -25.96 -51.67 45.90
CA GLY B 34 -27.28 -51.79 45.33
C GLY B 34 -27.65 -53.23 45.03
N LEU B 35 -26.69 -54.01 44.52
CA LEU B 35 -26.96 -55.42 44.27
C LEU B 35 -27.19 -56.18 45.57
N TYR B 36 -26.47 -55.81 46.63
CA TYR B 36 -26.63 -56.49 47.91
C TYR B 36 -28.04 -56.30 48.47
N ASN B 37 -28.60 -55.10 48.32
CA ASN B 37 -29.93 -54.82 48.83
C ASN B 37 -31.00 -55.47 47.96
N THR B 59 5.39 -45.20 11.98
CA THR B 59 6.13 -46.12 12.83
C THR B 59 6.41 -45.48 14.19
N SER B 60 6.19 -44.17 14.28
CA SER B 60 6.43 -43.41 15.50
C SER B 60 5.11 -43.25 16.24
N LEU B 61 5.05 -43.74 17.46
CA LEU B 61 3.81 -43.85 18.24
C LEU B 61 3.88 -42.97 19.47
N TYR B 62 2.78 -42.28 19.77
CA TYR B 62 2.73 -41.34 20.89
C TYR B 62 1.50 -41.63 21.75
N LYS B 63 1.71 -41.65 23.05
CA LYS B 63 0.69 -41.98 24.04
C LYS B 63 0.05 -43.35 23.78
N GLY B 64 0.72 -44.19 22.99
CA GLY B 64 0.31 -45.55 22.75
C GLY B 64 -0.59 -45.76 21.54
N VAL B 65 -1.30 -44.73 21.10
CA VAL B 65 -2.36 -44.93 20.11
C VAL B 65 -2.27 -43.94 18.96
N TYR B 66 -1.48 -42.88 19.12
CA TYR B 66 -1.41 -41.83 18.11
C TYR B 66 -0.15 -42.03 17.27
N GLU B 67 -0.35 -42.41 16.02
CA GLU B 67 0.75 -42.56 15.08
C GLU B 67 1.04 -41.22 14.41
N LEU B 68 2.33 -40.90 14.27
CA LEU B 68 2.76 -39.68 13.61
C LEU B 68 2.80 -39.92 12.11
N GLN B 69 1.89 -39.29 11.38
CA GLN B 69 1.82 -39.39 9.94
C GLN B 69 2.09 -38.03 9.33
N THR B 70 2.47 -38.03 8.05
CA THR B 70 2.86 -36.81 7.36
C THR B 70 2.17 -36.74 6.01
N LEU B 71 2.19 -35.54 5.44
CA LEU B 71 1.75 -35.31 4.07
C LEU B 71 2.60 -34.19 3.49
N GLU B 72 2.70 -34.16 2.17
CA GLU B 72 3.40 -33.11 1.45
C GLU B 72 2.48 -32.57 0.36
N LEU B 73 2.30 -31.26 0.34
CA LEU B 73 1.40 -30.65 -0.62
C LEU B 73 2.04 -30.59 -2.01
N ASN B 74 1.24 -30.90 -3.03
CA ASN B 74 1.64 -30.72 -4.42
C ASN B 74 1.21 -29.33 -4.84
N MET B 75 2.11 -28.35 -4.65
CA MET B 75 1.84 -26.96 -5.04
C MET B 75 1.67 -26.80 -6.53
N GLU B 76 2.20 -27.73 -7.32
CA GLU B 76 2.12 -27.64 -8.77
C GLU B 76 0.69 -27.48 -9.24
N THR B 77 -0.26 -28.08 -8.52
CA THR B 77 -1.66 -28.04 -8.94
C THR B 77 -2.25 -26.63 -8.87
N LEU B 78 -1.57 -25.68 -8.24
CA LEU B 78 -2.05 -24.29 -8.23
C LEU B 78 -1.63 -23.51 -9.48
N ASN B 79 -0.95 -24.16 -10.43
CA ASN B 79 -0.33 -23.46 -11.57
C ASN B 79 -1.30 -22.53 -12.30
N MET B 80 -2.57 -22.95 -12.45
CA MET B 80 -3.51 -22.20 -13.28
C MET B 80 -3.93 -20.85 -12.68
N THR B 81 -3.80 -20.66 -11.36
CA THR B 81 -4.27 -19.42 -10.75
C THR B 81 -3.20 -18.59 -10.03
N MET B 82 -1.98 -19.09 -9.88
CA MET B 82 -0.94 -18.29 -9.22
C MET B 82 0.44 -18.69 -9.70
N PRO B 83 1.40 -17.76 -9.70
CA PRO B 83 2.77 -18.10 -10.07
C PRO B 83 3.39 -19.06 -9.07
N LEU B 84 4.38 -19.82 -9.55
CA LEU B 84 5.08 -20.82 -8.74
C LEU B 84 6.58 -20.63 -8.92
N SER B 85 7.29 -20.41 -7.82
CA SER B 85 8.72 -20.22 -7.86
C SER B 85 9.45 -21.49 -7.42
N CYS B 86 10.59 -21.76 -8.05
CA CYS B 86 11.42 -22.87 -7.63
C CYS B 86 12.86 -22.64 -8.09
N THR B 87 13.78 -23.30 -7.41
CA THR B 87 15.21 -23.15 -7.63
C THR B 87 15.75 -24.39 -8.34
N LYS B 88 16.43 -24.17 -9.47
CA LYS B 88 17.11 -25.28 -10.13
C LYS B 88 18.45 -25.57 -9.46
N ASN B 89 19.29 -24.56 -9.31
CA ASN B 89 20.58 -24.69 -8.67
C ASN B 89 21.00 -23.32 -8.13
N ASN B 90 22.26 -23.22 -7.70
CA ASN B 90 22.74 -21.98 -7.09
C ASN B 90 22.44 -20.77 -7.96
N SER B 91 22.66 -20.90 -9.27
CA SER B 91 22.59 -19.76 -10.17
C SER B 91 21.22 -19.56 -10.82
N HIS B 92 20.44 -20.62 -10.98
CA HIS B 92 19.24 -20.57 -11.81
C HIS B 92 17.99 -20.79 -10.97
N HIS B 93 17.04 -19.88 -11.11
CA HIS B 93 15.77 -19.91 -10.39
C HIS B 93 14.67 -19.48 -11.34
N TYR B 94 13.43 -19.86 -11.04
CA TYR B 94 12.33 -19.65 -11.97
C TYR B 94 11.06 -19.26 -11.24
N ILE B 95 10.27 -18.40 -11.86
CA ILE B 95 8.88 -18.17 -11.47
C ILE B 95 8.00 -18.48 -12.68
N MET B 96 7.29 -19.60 -12.61
CA MET B 96 6.42 -20.05 -13.68
C MET B 96 5.02 -19.47 -13.51
N VAL B 97 4.38 -19.17 -14.64
CA VAL B 97 3.05 -18.59 -14.69
C VAL B 97 2.24 -19.46 -15.65
N GLY B 98 1.41 -20.35 -15.11
CA GLY B 98 0.69 -21.28 -15.94
C GLY B 98 1.62 -22.38 -16.43
N ASN B 99 1.17 -23.12 -17.43
CA ASN B 99 2.00 -24.17 -18.00
C ASN B 99 2.77 -23.74 -19.24
N GLU B 100 2.70 -22.47 -19.62
CA GLU B 100 3.31 -22.06 -20.88
C GLU B 100 4.50 -21.11 -20.72
N THR B 101 4.45 -20.15 -19.80
CA THR B 101 5.48 -19.11 -19.72
C THR B 101 5.93 -18.91 -18.28
N GLY B 102 7.04 -18.19 -18.15
CA GLY B 102 7.53 -17.79 -16.85
C GLY B 102 8.74 -16.88 -16.98
N LEU B 103 9.40 -16.64 -15.86
CA LEU B 103 10.64 -15.87 -15.83
C LEU B 103 11.76 -16.73 -15.26
N GLU B 104 12.92 -16.63 -15.89
CA GLU B 104 14.15 -17.19 -15.38
C GLU B 104 14.98 -16.08 -14.73
N LEU B 105 15.36 -16.31 -13.48
CA LEU B 105 16.19 -15.39 -12.71
C LEU B 105 17.54 -16.07 -12.49
N THR B 106 18.59 -15.47 -13.02
CA THR B 106 19.93 -16.02 -12.95
C THR B 106 20.84 -15.05 -12.20
N LEU B 107 21.52 -15.53 -11.18
CA LEU B 107 22.64 -14.84 -10.59
C LEU B 107 23.88 -15.20 -11.38
N THR B 108 24.60 -14.18 -11.86
CA THR B 108 25.65 -14.45 -12.82
C THR B 108 26.66 -13.31 -12.85
N ASN B 109 27.89 -13.66 -13.17
CA ASN B 109 28.96 -12.71 -13.46
C ASN B 109 28.94 -12.22 -14.92
N THR B 110 28.20 -12.88 -15.80
CA THR B 110 28.17 -12.54 -17.22
C THR B 110 26.95 -11.67 -17.52
N SER B 111 27.18 -10.39 -17.75
CA SER B 111 26.09 -9.50 -18.13
C SER B 111 25.69 -9.72 -19.59
N ILE B 112 24.42 -9.47 -19.89
CA ILE B 112 23.95 -9.54 -21.27
C ILE B 112 23.48 -8.18 -21.80
N ILE B 113 23.37 -7.16 -20.96
CA ILE B 113 23.03 -5.81 -21.40
C ILE B 113 24.15 -4.86 -20.98
N ASN B 114 24.63 -4.05 -21.91
CA ASN B 114 25.74 -3.13 -21.65
C ASN B 114 25.40 -1.72 -22.11
N HIS B 115 24.16 -1.31 -21.89
CA HIS B 115 23.73 0.06 -22.05
C HIS B 115 23.02 0.46 -20.76
N LYS B 116 22.58 1.70 -20.66
CA LYS B 116 21.95 2.17 -19.44
C LYS B 116 20.45 2.47 -19.60
N PHE B 117 19.84 1.98 -20.67
CA PHE B 117 18.43 2.23 -20.94
C PHE B 117 17.52 1.23 -20.23
N CYS B 118 16.33 1.69 -19.85
CA CYS B 118 15.22 0.81 -19.48
C CYS B 118 13.95 1.49 -19.97
N ASN B 119 13.57 1.18 -21.21
CA ASN B 119 12.56 1.93 -21.94
C ASN B 119 11.15 1.41 -21.62
N LEU B 120 10.75 1.64 -20.37
CA LEU B 120 9.47 1.11 -19.89
C LEU B 120 8.29 1.77 -20.59
N SER B 121 8.34 3.09 -20.79
CA SER B 121 7.19 3.79 -21.37
C SER B 121 6.91 3.31 -22.79
N ASP B 122 7.96 3.14 -23.59
CA ASP B 122 7.76 2.65 -24.95
C ASP B 122 7.22 1.23 -24.97
N ALA B 123 7.69 0.38 -24.05
CA ALA B 123 7.16 -0.97 -23.96
C ALA B 123 5.68 -0.97 -23.60
N HIS B 124 5.28 -0.10 -22.67
CA HIS B 124 3.86 0.04 -22.36
C HIS B 124 3.08 0.50 -23.59
N LYS B 125 3.61 1.51 -24.30
CA LYS B 125 2.94 2.01 -25.49
C LYS B 125 2.76 0.92 -26.54
N LYS B 126 3.78 0.09 -26.74
CA LYS B 126 3.69 -0.98 -27.74
C LYS B 126 2.81 -2.14 -27.29
N ASN B 127 2.71 -2.40 -25.97
CA ASN B 127 1.75 -3.38 -25.42
C ASN B 127 1.88 -4.75 -26.09
N LEU B 128 3.11 -5.26 -26.15
CA LEU B 128 3.36 -6.57 -26.73
C LEU B 128 3.78 -7.63 -25.72
N TYR B 129 4.18 -7.23 -24.51
CA TYR B 129 4.66 -8.19 -23.54
C TYR B 129 3.51 -8.99 -22.94
N ASP B 130 3.86 -10.03 -22.20
CA ASP B 130 2.88 -10.76 -21.41
C ASP B 130 2.55 -9.96 -20.15
N HIS B 131 1.25 -9.68 -19.96
CA HIS B 131 0.83 -8.78 -18.89
C HIS B 131 1.13 -9.35 -17.49
N ALA B 132 0.97 -10.67 -17.32
CA ALA B 132 1.30 -11.32 -16.06
C ALA B 132 2.79 -11.16 -15.73
N LEU B 133 3.66 -11.35 -16.73
CA LEU B 133 5.09 -11.21 -16.52
C LEU B 133 5.48 -9.76 -16.21
N MET B 134 4.85 -8.79 -16.88
CA MET B 134 5.08 -7.39 -16.54
C MET B 134 4.64 -7.11 -15.10
N SER B 135 3.51 -7.69 -14.69
CA SER B 135 3.06 -7.53 -13.30
C SER B 135 4.09 -8.04 -12.31
N ILE B 136 4.67 -9.21 -12.59
CA ILE B 136 5.68 -9.77 -11.70
C ILE B 136 6.93 -8.90 -11.67
N ILE B 137 7.37 -8.40 -12.83
CA ILE B 137 8.50 -7.48 -12.87
C ILE B 137 8.22 -6.25 -12.01
N SER B 138 7.02 -5.67 -12.16
CA SER B 138 6.65 -4.49 -11.40
C SER B 138 6.69 -4.76 -9.90
N THR B 139 6.12 -5.90 -9.48
CA THR B 139 6.09 -6.25 -8.06
C THR B 139 7.51 -6.41 -7.51
N PHE B 140 8.37 -7.13 -8.25
CA PHE B 140 9.76 -7.27 -7.84
C PHE B 140 10.42 -5.91 -7.66
N HIS B 141 10.35 -5.06 -8.70
CA HIS B 141 11.09 -3.80 -8.66
C HIS B 141 10.56 -2.89 -7.57
N LEU B 142 9.24 -2.82 -7.40
CA LEU B 142 8.64 -1.98 -6.38
C LEU B 142 8.83 -2.50 -4.96
N SER B 143 9.22 -3.77 -4.81
CA SER B 143 9.51 -4.35 -3.51
C SER B 143 10.94 -4.10 -3.02
N ILE B 144 11.84 -3.66 -3.89
CA ILE B 144 13.24 -3.44 -3.48
C ILE B 144 13.28 -2.28 -2.48
N PRO B 145 13.93 -2.45 -1.33
CA PRO B 145 14.07 -1.32 -0.39
C PRO B 145 15.15 -0.34 -0.82
N ASN B 146 14.80 0.95 -0.77
CA ASN B 146 15.75 2.06 -0.88
C ASN B 146 16.54 2.05 -2.20
N PHE B 147 15.90 1.62 -3.28
CA PHE B 147 16.52 1.66 -4.60
C PHE B 147 16.73 3.13 -5.01
N ASN B 148 17.99 3.52 -5.23
CA ASN B 148 18.25 4.93 -5.51
C ASN B 148 19.33 5.16 -6.58
N GLN B 149 19.67 4.13 -7.37
CA GLN B 149 20.66 4.22 -8.45
C GLN B 149 20.00 3.67 -9.71
N TYR B 150 19.30 4.52 -10.47
CA TYR B 150 18.63 4.06 -11.68
C TYR B 150 19.61 3.49 -12.69
N GLU B 151 20.87 3.92 -12.65
CA GLU B 151 21.89 3.40 -13.54
C GLU B 151 22.13 1.90 -13.34
N ALA B 152 21.81 1.36 -12.17
CA ALA B 152 22.06 -0.05 -11.87
C ALA B 152 21.04 -1.00 -12.49
N MET B 153 19.95 -0.50 -13.07
CA MET B 153 18.93 -1.33 -13.70
C MET B 153 18.88 -1.03 -15.19
N SER B 154 19.09 -2.05 -16.02
CA SER B 154 18.99 -1.93 -17.47
C SER B 154 17.96 -2.94 -17.99
N CYS B 155 17.36 -2.64 -19.14
CA CYS B 155 16.29 -3.49 -19.63
C CYS B 155 16.29 -3.53 -21.15
N ASP B 156 15.60 -4.53 -21.68
CA ASP B 156 15.26 -4.63 -23.09
C ASP B 156 13.87 -5.26 -23.17
N PHE B 157 12.93 -4.54 -23.77
CA PHE B 157 11.57 -5.03 -23.98
C PHE B 157 11.17 -5.08 -25.45
N ASN B 158 12.15 -5.08 -26.36
CA ASN B 158 11.84 -5.06 -27.78
C ASN B 158 11.13 -6.35 -28.19
N GLY B 159 10.10 -6.19 -29.02
CA GLY B 159 9.33 -7.32 -29.49
C GLY B 159 8.46 -7.98 -28.44
N GLY B 160 8.20 -7.30 -27.33
CA GLY B 160 7.39 -7.87 -26.28
C GLY B 160 8.11 -8.79 -25.30
N LYS B 161 9.41 -8.98 -25.45
CA LYS B 161 10.20 -9.77 -24.50
C LYS B 161 10.44 -8.97 -23.22
N ILE B 162 10.85 -9.68 -22.18
CA ILE B 162 11.23 -9.07 -20.91
C ILE B 162 12.67 -9.47 -20.60
N SER B 163 13.56 -8.48 -20.54
CA SER B 163 14.93 -8.71 -20.11
C SER B 163 15.32 -7.59 -19.15
N VAL B 164 15.57 -7.93 -17.90
CA VAL B 164 15.89 -6.96 -16.86
C VAL B 164 17.19 -7.38 -16.19
N GLN B 165 18.14 -6.47 -16.11
CA GLN B 165 19.47 -6.75 -15.56
C GLN B 165 19.74 -5.77 -14.44
N TYR B 166 19.90 -6.29 -13.23
CA TYR B 166 20.28 -5.51 -12.06
C TYR B 166 21.78 -5.68 -11.85
N ASN B 167 22.50 -4.56 -11.90
CA ASN B 167 23.94 -4.53 -11.69
C ASN B 167 24.21 -4.46 -10.19
N LEU B 168 24.75 -5.54 -9.63
CA LEU B 168 24.98 -5.65 -8.20
C LEU B 168 26.36 -5.18 -7.77
N SER B 169 27.20 -4.71 -8.68
CA SER B 169 28.55 -4.32 -8.30
C SER B 169 28.54 -3.13 -7.36
N HIS B 170 29.42 -3.17 -6.37
CA HIS B 170 29.50 -2.12 -5.36
C HIS B 170 30.38 -0.96 -5.83
N ASN B 178 29.76 0.41 3.23
CA ASN B 178 28.94 -0.52 3.99
C ASN B 178 28.00 -1.29 3.06
N HIS B 179 27.81 -2.58 3.34
CA HIS B 179 27.00 -3.43 2.47
C HIS B 179 25.51 -3.21 2.62
N CYS B 180 25.05 -2.72 3.78
CA CYS B 180 23.62 -2.61 4.01
C CYS B 180 22.99 -1.55 3.10
N GLY B 181 23.70 -0.46 2.84
CA GLY B 181 23.12 0.61 2.04
C GLY B 181 23.42 0.54 0.55
N THR B 182 23.44 -0.66 -0.03
CA THR B 182 23.80 -0.83 -1.42
C THR B 182 22.61 -1.38 -2.21
N VAL B 183 22.55 -1.01 -3.50
CA VAL B 183 21.51 -1.55 -4.36
C VAL B 183 21.62 -3.07 -4.42
N ALA B 184 22.83 -3.61 -4.33
CA ALA B 184 23.00 -5.06 -4.32
C ALA B 184 22.24 -5.69 -3.15
N ASN B 185 22.35 -5.10 -1.96
CA ASN B 185 21.63 -5.63 -0.81
C ASN B 185 20.12 -5.62 -1.04
N GLY B 186 19.57 -4.49 -1.46
CA GLY B 186 18.12 -4.41 -1.65
C GLY B 186 17.62 -5.37 -2.72
N VAL B 187 18.35 -5.46 -3.83
CA VAL B 187 17.99 -6.39 -4.91
C VAL B 187 18.01 -7.83 -4.41
N LEU B 188 19.06 -8.19 -3.67
CA LEU B 188 19.15 -9.56 -3.17
C LEU B 188 18.08 -9.87 -2.13
N GLN B 189 17.71 -8.91 -1.28
CA GLN B 189 16.61 -9.14 -0.33
C GLN B 189 15.33 -9.47 -1.08
N THR B 190 15.03 -8.68 -2.10
CA THR B 190 13.85 -8.96 -2.93
C THR B 190 13.98 -10.32 -3.61
N PHE B 191 15.14 -10.63 -4.17
CA PHE B 191 15.33 -11.90 -4.85
C PHE B 191 15.12 -13.08 -3.91
N MET B 192 15.65 -12.96 -2.69
CA MET B 192 15.50 -14.01 -1.69
C MET B 192 14.03 -14.26 -1.38
N ARG B 193 13.25 -13.18 -1.23
CA ARG B 193 11.83 -13.37 -0.97
C ARG B 193 11.10 -13.95 -2.18
N MET B 194 11.39 -13.46 -3.39
CA MET B 194 10.63 -13.85 -4.57
C MET B 194 10.90 -15.30 -4.96
N ALA B 195 12.15 -15.75 -4.79
CA ALA B 195 12.52 -17.15 -5.03
C ALA B 195 12.70 -17.91 -3.72
N TRP B 196 11.84 -17.65 -2.74
CA TRP B 196 12.01 -18.21 -1.40
C TRP B 196 11.93 -19.72 -1.42
N GLY B 197 12.91 -20.37 -0.80
CA GLY B 197 13.04 -21.80 -0.92
C GLY B 197 14.00 -22.13 -2.04
N GLY B 198 15.19 -22.58 -1.69
CA GLY B 198 16.26 -22.70 -2.64
C GLY B 198 17.05 -21.41 -2.86
N SER B 199 16.55 -20.28 -2.39
CA SER B 199 17.25 -19.01 -2.54
C SER B 199 18.50 -18.92 -1.68
N TYR B 200 18.58 -19.71 -0.60
CA TYR B 200 19.66 -19.53 0.35
C TYR B 200 21.00 -20.05 -0.17
N ILE B 201 20.99 -21.02 -1.09
CA ILE B 201 22.26 -21.61 -1.52
C ILE B 201 23.13 -20.57 -2.22
N ALA B 202 22.52 -19.64 -2.92
CA ALA B 202 23.29 -18.57 -3.54
C ALA B 202 23.59 -17.42 -2.59
N LEU B 203 22.99 -17.41 -1.41
CA LEU B 203 22.87 -16.21 -0.60
C LEU B 203 23.53 -16.41 0.75
N ASP B 204 23.69 -15.30 1.47
CA ASP B 204 24.34 -15.25 2.78
C ASP B 204 25.79 -15.73 2.74
N SER B 205 26.41 -15.71 1.55
CA SER B 205 27.80 -16.14 1.45
C SER B 205 28.71 -15.26 2.29
N GLY B 206 28.51 -13.95 2.20
CA GLY B 206 29.14 -13.04 3.13
C GLY B 206 28.14 -12.60 4.18
N ARG B 207 28.29 -13.11 5.40
CA ARG B 207 27.37 -12.82 6.48
C ARG B 207 27.38 -11.35 6.84
N GLY B 208 26.26 -10.65 6.59
CA GLY B 208 26.18 -9.23 6.79
C GLY B 208 25.58 -8.84 8.13
N ASN B 209 25.72 -7.55 8.44
CA ASN B 209 25.10 -6.97 9.62
C ASN B 209 23.60 -6.88 9.44
N TRP B 210 22.87 -7.10 10.53
CA TRP B 210 21.39 -7.04 10.54
C TRP B 210 20.88 -8.06 9.53
N ASP B 211 19.98 -7.68 8.63
CA ASP B 211 19.38 -8.59 7.66
C ASP B 211 20.09 -8.57 6.31
N CYS B 212 21.25 -7.93 6.23
CA CYS B 212 21.85 -7.60 4.94
C CYS B 212 22.57 -8.79 4.31
N ILE B 213 22.40 -8.92 2.99
CA ILE B 213 22.93 -10.03 2.21
C ILE B 213 24.05 -9.53 1.33
N MET B 214 25.05 -10.39 1.14
CA MET B 214 26.05 -10.16 0.10
C MET B 214 26.36 -11.49 -0.59
N THR B 215 26.44 -11.46 -1.91
CA THR B 215 26.82 -12.61 -2.72
C THR B 215 28.08 -12.28 -3.51
N SER B 216 28.58 -13.28 -4.23
CA SER B 216 29.74 -13.10 -5.08
C SER B 216 29.38 -12.77 -6.52
N TYR B 217 28.10 -12.66 -6.84
CA TYR B 217 27.65 -12.39 -8.20
C TYR B 217 27.60 -10.90 -8.49
N GLN B 218 27.86 -10.54 -9.73
CA GLN B 218 27.81 -9.15 -10.15
C GLN B 218 26.49 -8.75 -10.82
N TYR B 219 25.62 -9.70 -11.17
CA TYR B 219 24.39 -9.35 -11.87
C TYR B 219 23.26 -10.30 -11.50
N LEU B 220 22.05 -9.76 -11.40
CA LEU B 220 20.83 -10.56 -11.37
C LEU B 220 20.05 -10.27 -12.65
N ILE B 221 19.77 -11.32 -13.42
CA ILE B 221 19.15 -11.16 -14.72
C ILE B 221 17.82 -11.91 -14.74
N ILE B 222 16.78 -11.24 -15.24
CA ILE B 222 15.42 -11.76 -15.31
C ILE B 222 14.98 -11.73 -16.76
N GLN B 223 14.73 -12.89 -17.34
CA GLN B 223 14.29 -12.97 -18.72
C GLN B 223 13.09 -13.90 -18.83
N ASN B 224 12.22 -13.63 -19.79
CA ASN B 224 11.10 -14.53 -19.98
C ASN B 224 11.57 -15.83 -20.61
N THR B 225 10.85 -16.90 -20.29
CA THR B 225 11.21 -18.24 -20.73
C THR B 225 9.96 -19.08 -20.88
N THR B 226 10.11 -20.19 -21.59
CA THR B 226 9.04 -21.16 -21.77
C THR B 226 9.05 -22.15 -20.62
N TRP B 227 7.89 -22.73 -20.36
CA TRP B 227 7.75 -23.65 -19.23
C TRP B 227 8.60 -24.89 -19.40
N GLU B 228 9.18 -25.34 -18.29
CA GLU B 228 9.94 -26.58 -18.21
C GLU B 228 10.03 -26.95 -16.74
N ASP B 229 10.12 -28.24 -16.45
CA ASP B 229 10.25 -28.70 -15.07
C ASP B 229 11.68 -28.46 -14.60
N HIS B 230 11.90 -27.33 -13.92
CA HIS B 230 13.23 -26.89 -13.51
C HIS B 230 13.54 -27.16 -12.04
N CYS B 231 12.57 -27.60 -11.25
CA CYS B 231 12.65 -27.56 -9.79
C CYS B 231 13.43 -28.76 -9.25
N GLN B 232 14.75 -28.72 -9.48
CA GLN B 232 15.60 -29.77 -8.96
C GLN B 232 15.97 -29.54 -7.50
N PHE B 233 16.15 -28.28 -7.10
CA PHE B 233 16.61 -28.03 -5.74
C PHE B 233 15.47 -27.84 -4.73
N SER B 234 14.39 -27.14 -5.10
CA SER B 234 13.29 -26.90 -4.18
C SER B 234 11.96 -27.01 -4.91
N ARG B 235 10.93 -27.43 -4.17
CA ARG B 235 9.61 -27.62 -4.75
C ARG B 235 9.06 -26.28 -5.24
N PRO B 236 8.26 -26.30 -6.31
CA PRO B 236 7.51 -25.09 -6.67
C PRO B 236 6.61 -24.66 -5.53
N SER B 237 6.49 -23.34 -5.37
CA SER B 237 5.68 -22.80 -4.29
C SER B 237 5.23 -21.39 -4.67
N PRO B 238 4.01 -21.00 -4.35
CA PRO B 238 3.58 -19.61 -4.56
C PRO B 238 3.95 -18.67 -3.43
N ILE B 239 4.56 -19.18 -2.36
CA ILE B 239 4.64 -18.44 -1.10
C ILE B 239 5.41 -17.12 -1.28
N GLY B 240 6.57 -17.19 -1.92
CA GLY B 240 7.39 -16.00 -2.06
C GLY B 240 6.67 -14.86 -2.75
N TYR B 241 6.03 -15.16 -3.89
CA TYR B 241 5.32 -14.14 -4.65
C TYR B 241 4.21 -13.51 -3.81
N LEU B 242 3.35 -14.34 -3.22
CA LEU B 242 2.21 -13.86 -2.45
C LEU B 242 2.67 -13.01 -1.27
N GLY B 243 3.76 -13.43 -0.61
CA GLY B 243 4.29 -12.63 0.49
C GLY B 243 4.85 -11.31 0.01
N LEU B 244 5.42 -11.29 -1.19
CA LEU B 244 6.04 -10.07 -1.69
C LEU B 244 5.00 -9.06 -2.16
N LEU B 245 3.78 -9.50 -2.45
CA LEU B 245 2.74 -8.54 -2.86
C LEU B 245 2.57 -7.41 -1.85
N SER B 246 2.56 -7.71 -0.55
CA SER B 246 2.38 -6.67 0.44
C SER B 246 3.63 -5.79 0.64
N GLN B 247 4.79 -6.22 0.13
CA GLN B 247 6.00 -5.40 0.23
C GLN B 247 6.01 -4.26 -0.77
N ARG B 248 5.23 -4.36 -1.85
CA ARG B 248 5.24 -3.35 -2.92
C ARG B 248 5.07 -1.95 -2.35
N THR B 249 5.96 -1.05 -2.77
CA THR B 249 6.01 0.38 -2.42
C THR B 249 6.33 0.66 -0.96
N ARG B 250 6.51 -0.35 -0.11
CA ARG B 250 6.71 -0.08 1.32
C ARG B 250 7.99 0.69 1.58
N ASP B 251 9.02 0.51 0.77
CA ASP B 251 10.33 1.09 1.05
C ASP B 251 10.91 1.84 -0.15
N ILE B 252 10.05 2.36 -1.01
CA ILE B 252 10.53 3.22 -2.09
C ILE B 252 10.86 4.60 -1.54
N TYR B 253 11.88 5.22 -2.12
CA TYR B 253 12.19 6.62 -1.87
C TYR B 253 11.31 7.53 -2.73
N ILE B 254 11.12 8.76 -2.26
CA ILE B 254 10.49 9.79 -3.09
C ILE B 254 11.52 10.32 -4.08
N SER B 255 11.13 10.45 -5.34
CA SER B 255 11.98 11.02 -6.36
C SER B 255 11.50 12.37 -6.88
N ARG B 256 10.28 12.76 -6.54
CA ARG B 256 9.72 14.05 -6.91
C ARG B 256 8.64 14.41 -5.88
N ARG B 257 8.25 15.68 -5.87
CA ARG B 257 7.33 16.16 -4.86
C ARG B 257 5.90 15.66 -5.10
N LEU B 258 5.45 15.64 -6.35
CA LEU B 258 4.11 15.16 -6.70
C LEU B 258 4.26 13.78 -7.34
N LEU B 259 4.04 12.73 -6.55
CA LEU B 259 4.08 11.36 -7.05
C LEU B 259 3.07 11.17 -8.17
N GLN C 3 -7.82 -28.24 44.38
CA GLN C 3 -9.09 -27.55 44.21
C GLN C 3 -9.70 -27.26 45.57
N ILE C 4 -9.62 -28.25 46.47
CA ILE C 4 -10.14 -28.07 47.83
C ILE C 4 -9.38 -26.96 48.53
N VAL C 5 -8.05 -26.99 48.45
CA VAL C 5 -7.23 -25.94 49.08
C VAL C 5 -7.51 -24.60 48.42
N THR C 6 -7.63 -24.59 47.09
CA THR C 6 -7.96 -23.36 46.39
C THR C 6 -9.30 -22.81 46.84
N PHE C 7 -10.30 -23.69 47.00
CA PHE C 7 -11.59 -23.25 47.53
C PHE C 7 -11.45 -22.67 48.92
N PHE C 8 -10.62 -23.30 49.77
CA PHE C 8 -10.43 -22.81 51.12
C PHE C 8 -9.79 -21.42 51.13
N GLN C 9 -8.87 -21.16 50.20
CA GLN C 9 -8.19 -19.87 50.19
C GLN C 9 -8.95 -18.79 49.42
N GLU C 10 -10.03 -19.12 48.72
CA GLU C 10 -10.82 -18.14 47.99
C GLU C 10 -12.22 -17.99 48.58
N VAL C 11 -12.36 -18.26 49.88
CA VAL C 11 -13.69 -18.31 50.50
C VAL C 11 -14.43 -16.97 50.46
N PRO C 12 -13.82 -15.82 50.80
CA PRO C 12 -14.65 -14.61 50.97
C PRO C 12 -15.37 -14.18 49.71
N HIS C 13 -14.78 -14.39 48.53
CA HIS C 13 -15.43 -13.98 47.29
C HIS C 13 -16.62 -14.86 46.93
N VAL C 14 -16.65 -16.10 47.42
CA VAL C 14 -17.74 -17.02 47.10
C VAL C 14 -18.76 -17.15 48.21
N ILE C 15 -18.45 -16.66 49.42
CA ILE C 15 -19.41 -16.75 50.51
C ILE C 15 -20.70 -16.01 50.18
N GLU C 16 -20.60 -14.89 49.45
CA GLU C 16 -21.78 -14.08 49.17
C GLU C 16 -22.83 -14.83 48.36
N GLU C 17 -22.42 -15.83 47.58
CA GLU C 17 -23.38 -16.59 46.79
C GLU C 17 -24.17 -17.55 47.67
N VAL C 18 -25.49 -17.53 47.53
CA VAL C 18 -26.34 -18.42 48.33
C VAL C 18 -26.13 -19.88 47.93
N MET C 19 -25.83 -20.14 46.66
CA MET C 19 -25.52 -21.50 46.24
C MET C 19 -24.29 -22.04 46.96
N ASN C 20 -23.27 -21.21 47.11
CA ASN C 20 -22.05 -21.67 47.79
C ASN C 20 -22.32 -21.94 49.27
N ILE C 21 -23.09 -21.07 49.92
CA ILE C 21 -23.46 -21.31 51.32
C ILE C 21 -24.27 -22.60 51.45
N VAL C 22 -25.21 -22.82 50.53
CA VAL C 22 -26.03 -24.03 50.57
C VAL C 22 -25.16 -25.27 50.42
N LEU C 23 -24.23 -25.24 49.46
CA LEU C 23 -23.34 -26.39 49.27
C LEU C 23 -22.48 -26.64 50.50
N ILE C 24 -21.95 -25.57 51.12
CA ILE C 24 -21.16 -25.74 52.32
C ILE C 24 -21.99 -26.37 53.44
N ALA C 25 -23.22 -25.87 53.62
CA ALA C 25 -24.07 -26.42 54.67
C ALA C 25 -24.40 -27.89 54.41
N LEU C 26 -24.67 -28.23 53.15
CA LEU C 26 -24.96 -29.61 52.79
C LEU C 26 -23.76 -30.52 53.05
N SER C 27 -22.55 -30.07 52.67
CA SER C 27 -21.36 -30.88 52.93
C SER C 27 -21.14 -31.07 54.42
N VAL C 28 -21.32 -30.01 55.22
CA VAL C 28 -21.12 -30.13 56.65
C VAL C 28 -22.14 -31.08 57.27
N LEU C 29 -23.41 -30.96 56.85
CA LEU C 29 -24.44 -31.86 57.37
C LEU C 29 -24.16 -33.30 56.99
N ALA C 30 -23.72 -33.55 55.75
CA ALA C 30 -23.39 -34.90 55.34
C ALA C 30 -22.23 -35.46 56.16
N VAL C 31 -21.20 -34.65 56.39
CA VAL C 31 -20.07 -35.10 57.20
C VAL C 31 -20.51 -35.43 58.61
N LEU C 32 -21.34 -34.58 59.22
CA LEU C 32 -21.77 -34.82 60.58
C LEU C 32 -22.63 -36.08 60.67
N LYS C 33 -23.55 -36.26 59.72
CA LYS C 33 -24.39 -37.46 59.73
C LYS C 33 -23.55 -38.71 59.52
N GLY C 34 -22.55 -38.64 58.64
CA GLY C 34 -21.67 -39.78 58.46
C GLY C 34 -20.88 -40.12 59.70
N LEU C 35 -20.36 -39.10 60.39
CA LEU C 35 -19.61 -39.33 61.62
C LEU C 35 -20.52 -39.86 62.73
N TYR C 36 -21.80 -39.48 62.72
CA TYR C 36 -22.73 -39.97 63.73
C TYR C 36 -22.89 -41.48 63.65
N ASN C 37 -22.94 -42.02 62.43
CA ASN C 37 -23.10 -43.46 62.23
C ASN C 37 -21.76 -44.18 62.35
N THR C 59 -0.91 0.76 47.30
CA THR C 59 -1.71 1.31 48.38
C THR C 59 -3.20 1.24 48.05
N SER C 60 -3.51 1.06 46.77
CA SER C 60 -4.88 0.95 46.31
C SER C 60 -5.28 -0.52 46.26
N LEU C 61 -6.28 -0.89 47.07
CA LEU C 61 -6.69 -2.27 47.26
C LEU C 61 -8.04 -2.52 46.59
N TYR C 62 -8.21 -3.73 46.06
CA TYR C 62 -9.42 -4.09 45.33
C TYR C 62 -9.84 -5.51 45.71
N LYS C 63 -11.10 -5.65 46.11
CA LYS C 63 -11.64 -6.93 46.57
C LYS C 63 -10.81 -7.53 47.70
N GLY C 64 -10.15 -6.67 48.48
CA GLY C 64 -9.37 -7.10 49.62
C GLY C 64 -7.97 -7.61 49.32
N VAL C 65 -7.81 -8.41 48.27
CA VAL C 65 -6.58 -9.16 48.04
C VAL C 65 -5.77 -8.64 46.86
N TYR C 66 -6.28 -7.71 46.07
CA TYR C 66 -5.62 -7.29 44.83
C TYR C 66 -5.10 -5.86 44.98
N GLU C 67 -3.79 -5.70 44.84
CA GLU C 67 -3.15 -4.40 44.90
C GLU C 67 -2.92 -3.87 43.49
N LEU C 68 -3.33 -2.62 43.26
CA LEU C 68 -3.16 -1.99 41.96
C LEU C 68 -1.72 -1.51 41.82
N GLN C 69 -1.00 -2.09 40.87
CA GLN C 69 0.38 -1.73 40.62
C GLN C 69 0.53 -1.25 39.19
N THR C 70 1.65 -0.57 38.93
CA THR C 70 1.90 0.06 37.64
C THR C 70 3.32 -0.25 37.18
N LEU C 71 3.50 -0.23 35.85
CA LEU C 71 4.80 -0.27 35.23
C LEU C 71 4.86 0.79 34.14
N GLU C 72 6.08 1.20 33.80
CA GLU C 72 6.32 2.11 32.70
C GLU C 72 7.43 1.56 31.82
N LEU C 73 7.22 1.58 30.51
CA LEU C 73 8.14 0.96 29.58
C LEU C 73 9.28 1.91 29.22
N ASN C 74 10.48 1.36 29.13
CA ASN C 74 11.64 2.11 28.68
C ASN C 74 11.81 1.86 27.18
N MET C 75 11.16 2.70 26.37
CA MET C 75 11.27 2.58 24.91
C MET C 75 12.66 2.85 24.39
N GLU C 76 13.49 3.57 25.15
CA GLU C 76 14.85 3.87 24.71
C GLU C 76 15.63 2.61 24.37
N THR C 77 15.35 1.50 25.07
CA THR C 77 16.01 0.23 24.78
C THR C 77 15.79 -0.26 23.35
N LEU C 78 14.74 0.20 22.68
CA LEU C 78 14.48 -0.19 21.30
C LEU C 78 15.34 0.57 20.29
N ASN C 79 16.20 1.49 20.74
CA ASN C 79 16.79 2.44 19.81
C ASN C 79 17.57 1.77 18.69
N MET C 80 18.12 0.58 18.92
CA MET C 80 18.96 -0.04 17.91
C MET C 80 18.18 -0.57 16.70
N THR C 81 16.90 -0.90 16.84
CA THR C 81 16.16 -1.50 15.74
C THR C 81 15.00 -0.67 15.20
N MET C 82 14.69 0.48 15.78
CA MET C 82 13.56 1.25 15.28
C MET C 82 13.70 2.72 15.68
N PRO C 83 13.19 3.64 14.87
CA PRO C 83 13.27 5.07 15.23
C PRO C 83 12.46 5.38 16.48
N LEU C 84 12.86 6.42 17.19
CA LEU C 84 12.18 6.85 18.41
C LEU C 84 11.91 8.35 18.32
N SER C 85 10.65 8.74 18.38
CA SER C 85 10.28 10.14 18.35
C SER C 85 10.02 10.65 19.76
N CYS C 86 10.31 11.93 19.98
CA CYS C 86 9.92 12.60 21.21
C CYS C 86 9.90 14.10 20.99
N THR C 87 9.36 14.82 21.97
CA THR C 87 9.16 16.26 21.89
C THR C 87 9.98 16.94 22.98
N LYS C 88 10.76 17.95 22.58
CA LYS C 88 11.44 18.79 23.56
C LYS C 88 10.52 19.89 24.07
N ASN C 89 9.93 20.67 23.17
CA ASN C 89 8.99 21.71 23.55
C ASN C 89 8.04 21.95 22.38
N ASN C 90 7.27 23.04 22.47
CA ASN C 90 6.21 23.31 21.49
C ASN C 90 6.75 23.33 20.07
N SER C 91 7.97 23.81 19.90
CA SER C 91 8.53 24.05 18.59
C SER C 91 9.52 22.98 18.14
N HIS C 92 10.14 22.24 19.04
CA HIS C 92 11.20 21.31 18.69
C HIS C 92 10.79 19.88 19.02
N HIS C 93 10.93 19.00 18.03
CA HIS C 93 10.62 17.59 18.14
C HIS C 93 11.70 16.83 17.39
N TYR C 94 11.86 15.55 17.70
CA TYR C 94 12.98 14.78 17.19
C TYR C 94 12.54 13.35 16.88
N ILE C 95 13.14 12.78 15.85
CA ILE C 95 13.04 11.35 15.59
C ILE C 95 14.46 10.83 15.49
N MET C 96 14.89 10.07 16.48
CA MET C 96 16.25 9.60 16.59
C MET C 96 16.35 8.20 15.99
N VAL C 97 17.43 7.95 15.25
CA VAL C 97 17.71 6.66 14.65
C VAL C 97 19.02 6.17 15.26
N GLY C 98 18.94 5.17 16.13
CA GLY C 98 20.13 4.70 16.79
C GLY C 98 20.64 5.71 17.81
N ASN C 99 21.89 5.54 18.21
CA ASN C 99 22.51 6.41 19.20
C ASN C 99 23.37 7.49 18.57
N GLU C 100 23.32 7.69 17.26
CA GLU C 100 24.22 8.63 16.62
C GLU C 100 23.54 9.75 15.84
N THR C 101 22.38 9.51 15.22
CA THR C 101 21.83 10.47 14.28
C THR C 101 20.31 10.54 14.43
N GLY C 102 19.72 11.52 13.76
CA GLY C 102 18.27 11.67 13.78
C GLY C 102 17.85 12.85 12.94
N LEU C 103 16.56 13.19 13.05
CA LEU C 103 15.98 14.36 12.39
C LEU C 103 15.35 15.26 13.44
N GLU C 104 15.70 16.53 13.39
CA GLU C 104 15.02 17.59 14.13
C GLU C 104 13.90 18.17 13.28
N LEU C 105 12.69 18.14 13.83
CA LEU C 105 11.51 18.75 13.23
C LEU C 105 11.15 19.97 14.06
N THR C 106 11.18 21.13 13.44
CA THR C 106 10.92 22.40 14.09
C THR C 106 9.75 23.09 13.42
N LEU C 107 8.73 23.41 14.19
CA LEU C 107 7.73 24.36 13.74
C LEU C 107 8.23 25.76 14.04
N THR C 108 8.26 26.62 13.02
CA THR C 108 8.91 27.92 13.18
C THR C 108 8.33 28.93 12.21
N ASN C 109 8.42 30.20 12.59
CA ASN C 109 8.15 31.28 11.65
C ASN C 109 9.39 31.70 10.84
N THR C 110 10.56 31.17 11.14
CA THR C 110 11.80 31.56 10.46
C THR C 110 12.18 30.50 9.44
N SER C 111 12.00 30.82 8.16
CA SER C 111 12.37 29.89 7.13
C SER C 111 13.87 29.94 6.88
N ILE C 112 14.43 28.80 6.49
CA ILE C 112 15.87 28.74 6.19
C ILE C 112 16.16 28.43 4.74
N ILE C 113 15.15 28.15 3.92
CA ILE C 113 15.32 27.95 2.49
C ILE C 113 14.45 28.98 1.77
N ASN C 114 15.06 29.74 0.86
CA ASN C 114 14.33 30.77 0.13
C ASN C 114 14.43 30.55 -1.38
N HIS C 115 14.17 29.33 -1.82
CA HIS C 115 14.08 28.99 -3.24
C HIS C 115 13.00 27.94 -3.39
N LYS C 116 12.79 27.45 -4.63
CA LYS C 116 11.70 26.53 -4.90
C LYS C 116 12.16 25.14 -5.33
N PHE C 117 13.46 24.83 -5.21
CA PHE C 117 13.95 23.54 -5.65
C PHE C 117 13.82 22.46 -4.58
N CYS C 118 13.67 21.22 -5.02
CA CYS C 118 13.86 20.03 -4.18
C CYS C 118 14.51 18.97 -5.08
N ASN C 119 15.84 18.97 -5.12
CA ASN C 119 16.61 18.19 -6.10
C ASN C 119 16.79 16.73 -5.63
N LEU C 120 15.66 16.02 -5.57
CA LEU C 120 15.67 14.64 -5.08
C LEU C 120 16.46 13.73 -6.00
N SER C 121 16.31 13.90 -7.32
CA SER C 121 17.00 13.05 -8.29
C SER C 121 18.51 13.11 -8.14
N ASP C 122 19.05 14.33 -8.08
CA ASP C 122 20.49 14.50 -7.90
C ASP C 122 20.96 13.96 -6.57
N ALA C 123 20.15 14.12 -5.52
CA ALA C 123 20.49 13.56 -4.22
C ALA C 123 20.60 12.04 -4.29
N HIS C 124 19.66 11.39 -4.96
CA HIS C 124 19.73 9.95 -5.14
C HIS C 124 20.96 9.55 -5.94
N LYS C 125 21.23 10.27 -7.04
CA LYS C 125 22.37 9.94 -7.89
C LYS C 125 23.68 10.06 -7.12
N LYS C 126 23.82 11.09 -6.28
CA LYS C 126 25.06 11.26 -5.53
C LYS C 126 25.18 10.28 -4.36
N ASN C 127 24.06 9.86 -3.78
CA ASN C 127 24.03 8.77 -2.79
C ASN C 127 24.98 9.04 -1.61
N LEU C 128 24.92 10.25 -1.06
CA LEU C 128 25.74 10.61 0.09
C LEU C 128 24.96 10.64 1.41
N TYR C 129 23.63 10.59 1.37
CA TYR C 129 22.82 10.78 2.57
C TYR C 129 22.70 9.50 3.38
N ASP C 130 22.26 9.66 4.64
CA ASP C 130 21.91 8.53 5.48
C ASP C 130 20.67 7.85 4.91
N HIS C 131 20.76 6.55 4.65
CA HIS C 131 19.65 5.85 4.00
C HIS C 131 18.42 5.75 4.89
N ALA C 132 18.62 5.51 6.20
CA ALA C 132 17.50 5.47 7.14
C ALA C 132 16.78 6.82 7.23
N LEU C 133 17.55 7.91 7.27
CA LEU C 133 16.94 9.23 7.33
C LEU C 133 16.17 9.55 6.05
N MET C 134 16.72 9.21 4.88
CA MET C 134 15.97 9.39 3.63
C MET C 134 14.70 8.55 3.64
N SER C 135 14.76 7.36 4.22
CA SER C 135 13.57 6.52 4.36
C SER C 135 12.51 7.23 5.19
N ILE C 136 12.91 7.83 6.31
CA ILE C 136 11.94 8.54 7.15
C ILE C 136 11.34 9.72 6.41
N ILE C 137 12.17 10.48 5.70
CA ILE C 137 11.68 11.61 4.91
C ILE C 137 10.64 11.14 3.90
N SER C 138 10.96 10.04 3.19
CA SER C 138 10.05 9.50 2.19
C SER C 138 8.72 9.08 2.82
N THR C 139 8.78 8.37 3.95
CA THR C 139 7.56 7.96 4.63
C THR C 139 6.70 9.16 5.03
N PHE C 140 7.33 10.19 5.60
CA PHE C 140 6.61 11.40 5.97
C PHE C 140 5.91 12.01 4.76
N HIS C 141 6.66 12.26 3.68
CA HIS C 141 6.09 12.97 2.54
C HIS C 141 4.99 12.16 1.87
N LEU C 142 5.18 10.85 1.75
CA LEU C 142 4.18 10.01 1.13
C LEU C 142 2.94 9.85 2.00
N SER C 143 3.06 10.07 3.31
CA SER C 143 1.91 9.98 4.20
C SER C 143 1.02 11.22 4.20
N ILE C 144 1.44 12.33 3.60
CA ILE C 144 0.64 13.56 3.65
C ILE C 144 -0.60 13.39 2.80
N PRO C 145 -1.80 13.65 3.33
CA PRO C 145 -3.01 13.54 2.51
C PRO C 145 -3.14 14.73 1.55
N ASN C 146 -3.43 14.41 0.29
CA ASN C 146 -3.84 15.39 -0.72
C ASN C 146 -2.82 16.52 -0.92
N PHE C 147 -1.53 16.17 -0.94
CA PHE C 147 -0.49 17.14 -1.25
C PHE C 147 -0.56 17.51 -2.72
N ASN C 148 -0.76 18.81 -3.03
CA ASN C 148 -0.94 19.18 -4.42
C ASN C 148 -0.28 20.50 -4.83
N GLN C 149 0.57 21.09 -3.99
CA GLN C 149 1.30 22.32 -4.27
C GLN C 149 2.79 22.01 -4.11
N TYR C 150 3.44 21.57 -5.20
CA TYR C 150 4.84 21.18 -5.12
C TYR C 150 5.73 22.36 -4.72
N GLU C 151 5.31 23.57 -5.03
CA GLU C 151 6.07 24.75 -4.62
C GLU C 151 6.06 24.97 -3.11
N ALA C 152 5.20 24.27 -2.37
CA ALA C 152 5.19 24.39 -0.92
C ALA C 152 6.33 23.63 -0.24
N MET C 153 7.01 22.76 -0.97
CA MET C 153 8.09 21.93 -0.43
C MET C 153 9.41 22.35 -1.07
N SER C 154 10.38 22.74 -0.24
CA SER C 154 11.72 23.08 -0.70
C SER C 154 12.74 22.23 0.06
N CYS C 155 13.89 21.96 -0.56
CA CYS C 155 14.84 21.03 0.04
C CYS C 155 16.27 21.44 -0.28
N ASP C 156 17.18 20.92 0.54
CA ASP C 156 18.62 20.98 0.30
C ASP C 156 19.23 19.66 0.78
N PHE C 157 19.85 18.93 -0.14
CA PHE C 157 20.51 17.67 0.15
C PHE C 157 22.00 17.70 -0.15
N ASN C 158 22.57 18.86 -0.45
CA ASN C 158 23.98 18.94 -0.83
C ASN C 158 24.89 18.40 0.27
N GLY C 159 25.88 17.61 -0.14
CA GLY C 159 26.81 17.01 0.79
C GLY C 159 26.28 15.84 1.57
N GLY C 160 25.15 15.26 1.18
CA GLY C 160 24.53 14.21 1.95
C GLY C 160 23.66 14.67 3.10
N LYS C 161 23.54 15.97 3.32
CA LYS C 161 22.68 16.48 4.38
C LYS C 161 21.20 16.32 3.98
N ILE C 162 20.34 16.43 4.98
CA ILE C 162 18.90 16.40 4.75
C ILE C 162 18.32 17.67 5.36
N SER C 163 17.76 18.53 4.51
CA SER C 163 17.05 19.72 4.96
C SER C 163 15.79 19.88 4.12
N VAL C 164 14.63 19.77 4.74
CA VAL C 164 13.35 19.80 4.07
C VAL C 164 12.46 20.83 4.75
N GLN C 165 11.93 21.77 3.97
CA GLN C 165 11.13 22.88 4.49
C GLN C 165 9.75 22.84 3.85
N TYR C 166 8.72 22.72 4.68
CA TYR C 166 7.33 22.80 4.26
C TYR C 166 6.79 24.19 4.59
N ASN C 167 6.31 24.88 3.57
CA ASN C 167 5.62 26.15 3.72
C ASN C 167 4.17 25.91 4.14
N LEU C 168 3.80 26.37 5.34
CA LEU C 168 2.46 26.18 5.85
C LEU C 168 1.56 27.39 5.62
N SER C 169 2.04 28.42 4.95
CA SER C 169 1.27 29.66 4.86
C SER C 169 0.08 29.49 3.93
N HIS C 170 -1.03 30.15 4.27
CA HIS C 170 -2.24 30.11 3.47
C HIS C 170 -2.27 31.27 2.47
N ASN C 178 -11.54 27.63 3.82
CA ASN C 178 -11.55 26.47 4.71
C ASN C 178 -10.12 25.96 4.94
N HIS C 179 -9.83 25.58 6.19
CA HIS C 179 -8.50 25.09 6.51
C HIS C 179 -8.29 23.64 6.12
N CYS C 180 -9.37 22.90 5.86
CA CYS C 180 -9.26 21.46 5.63
C CYS C 180 -8.52 21.15 4.34
N GLY C 181 -8.82 21.87 3.26
CA GLY C 181 -8.18 21.60 1.99
C GLY C 181 -6.92 22.40 1.73
N THR C 182 -6.00 22.42 2.69
CA THR C 182 -4.78 23.20 2.56
C THR C 182 -3.56 22.30 2.76
N VAL C 183 -2.43 22.75 2.21
CA VAL C 183 -1.15 22.10 2.46
C VAL C 183 -0.83 22.10 3.95
N ALA C 184 -1.12 23.21 4.62
CA ALA C 184 -0.79 23.32 6.04
C ALA C 184 -1.47 22.22 6.84
N ASN C 185 -2.75 21.96 6.57
CA ASN C 185 -3.47 20.93 7.30
C ASN C 185 -2.87 19.54 7.04
N GLY C 186 -2.65 19.18 5.78
CA GLY C 186 -2.11 17.86 5.49
C GLY C 186 -0.74 17.64 6.11
N VAL C 187 0.14 18.63 6.00
CA VAL C 187 1.46 18.54 6.62
C VAL C 187 1.31 18.37 8.13
N LEU C 188 0.46 19.18 8.74
CA LEU C 188 0.32 19.12 10.20
C LEU C 188 -0.26 17.80 10.67
N GLN C 189 -1.18 17.21 9.91
CA GLN C 189 -1.70 15.90 10.28
C GLN C 189 -0.59 14.85 10.27
N THR C 190 0.23 14.87 9.22
CA THR C 190 1.35 13.95 9.15
C THR C 190 2.32 14.21 10.29
N PHE C 191 2.60 15.48 10.59
CA PHE C 191 3.51 15.80 11.69
C PHE C 191 2.96 15.32 13.02
N MET C 192 1.66 15.54 13.25
CA MET C 192 1.02 15.09 14.49
C MET C 192 1.20 13.59 14.67
N ARG C 193 1.07 12.83 13.59
CA ARG C 193 1.30 11.39 13.73
C ARG C 193 2.78 11.07 13.93
N MET C 194 3.66 11.70 13.15
CA MET C 194 5.08 11.34 13.18
C MET C 194 5.68 11.57 14.57
N ALA C 195 5.33 12.68 15.21
CA ALA C 195 5.76 12.93 16.58
C ALA C 195 4.60 12.83 17.56
N TRP C 196 3.76 11.82 17.37
CA TRP C 196 2.61 11.61 18.24
C TRP C 196 3.07 11.45 19.68
N GLY C 197 2.40 12.15 20.59
CA GLY C 197 2.88 12.25 21.95
C GLY C 197 3.79 13.46 22.05
N GLY C 198 3.28 14.54 22.63
CA GLY C 198 4.02 15.77 22.72
C GLY C 198 3.79 16.74 21.57
N SER C 199 3.31 16.27 20.43
CA SER C 199 3.05 17.15 19.30
C SER C 199 1.79 17.98 19.47
N TYR C 200 0.87 17.54 20.33
CA TYR C 200 -0.39 18.25 20.48
C TYR C 200 -0.21 19.65 21.06
N ILE C 201 0.84 19.86 21.88
CA ILE C 201 1.02 21.18 22.48
C ILE C 201 1.34 22.22 21.44
N ALA C 202 1.89 21.83 20.30
CA ALA C 202 2.04 22.75 19.20
C ALA C 202 0.74 22.95 18.41
N LEU C 203 -0.23 22.06 18.61
CA LEU C 203 -1.35 21.87 17.71
C LEU C 203 -2.67 22.18 18.43
N ASP C 204 -3.79 21.89 17.75
CA ASP C 204 -5.14 22.13 18.25
C ASP C 204 -5.41 23.59 18.60
N SER C 205 -4.53 24.49 18.14
CA SER C 205 -4.68 25.90 18.51
C SER C 205 -5.86 26.56 17.80
N GLY C 206 -6.00 26.30 16.51
CA GLY C 206 -7.21 26.67 15.80
C GLY C 206 -8.07 25.45 15.56
N ARG C 207 -9.16 25.31 16.31
CA ARG C 207 -10.03 24.14 16.23
C ARG C 207 -10.76 24.15 14.89
N GLY C 208 -10.33 23.26 13.99
CA GLY C 208 -10.88 23.22 12.65
C GLY C 208 -12.06 22.28 12.52
N ASN C 209 -12.64 22.28 11.33
CA ASN C 209 -13.73 21.37 10.99
C ASN C 209 -13.19 19.95 10.90
N TRP C 210 -13.99 18.99 11.38
CA TRP C 210 -13.67 17.57 11.32
C TRP C 210 -12.35 17.32 12.05
N ASP C 211 -11.33 16.77 11.41
CA ASP C 211 -10.04 16.49 12.04
C ASP C 211 -8.97 17.50 11.68
N CYS C 212 -9.36 18.64 11.10
CA CYS C 212 -8.40 19.56 10.51
C CYS C 212 -7.70 20.41 11.57
N ILE C 213 -6.41 20.65 11.34
CA ILE C 213 -5.52 21.29 12.31
C ILE C 213 -5.13 22.65 11.75
N MET C 214 -4.83 23.57 12.66
CA MET C 214 -4.28 24.87 12.28
C MET C 214 -3.33 25.33 13.39
N THR C 215 -2.20 25.87 12.97
CA THR C 215 -1.23 26.47 13.89
C THR C 215 -0.96 27.90 13.45
N SER C 216 -0.31 28.65 14.33
CA SER C 216 0.17 29.98 13.98
C SER C 216 1.53 29.96 13.26
N TYR C 217 2.16 28.79 13.16
CA TYR C 217 3.48 28.67 12.54
C TYR C 217 3.40 28.75 11.02
N GLN C 218 4.44 29.31 10.41
CA GLN C 218 4.50 29.44 8.96
C GLN C 218 5.30 28.34 8.27
N TYR C 219 6.12 27.58 9.00
CA TYR C 219 6.98 26.60 8.36
C TYR C 219 7.19 25.41 9.27
N LEU C 220 7.37 24.23 8.65
CA LEU C 220 7.84 23.04 9.35
C LEU C 220 9.14 22.59 8.69
N ILE C 221 10.21 22.52 9.48
CA ILE C 221 11.54 22.27 8.95
C ILE C 221 12.07 20.96 9.54
N ILE C 222 12.63 20.12 8.68
CA ILE C 222 13.18 18.82 9.05
C ILE C 222 14.65 18.80 8.62
N GLN C 223 15.56 18.62 9.57
CA GLN C 223 16.99 18.57 9.26
C GLN C 223 17.66 17.44 10.04
N ASN C 224 18.69 16.85 9.45
CA ASN C 224 19.44 15.85 10.20
C ASN C 224 20.21 16.50 11.35
N THR C 225 20.34 15.74 12.44
CA THR C 225 21.02 16.17 13.65
C THR C 225 21.76 14.97 14.26
N THR C 226 22.64 15.27 15.22
CA THR C 226 23.34 14.28 16.01
C THR C 226 22.51 13.90 17.22
N TRP C 227 22.83 12.75 17.80
CA TRP C 227 22.05 12.26 18.93
C TRP C 227 22.28 13.09 20.17
N GLU C 228 21.20 13.34 20.90
CA GLU C 228 21.20 14.04 22.17
C GLU C 228 19.89 13.72 22.86
N ASP C 229 19.92 13.65 24.19
CA ASP C 229 18.71 13.41 24.97
C ASP C 229 17.86 14.69 24.96
N HIS C 230 16.89 14.74 24.04
CA HIS C 230 16.04 15.90 23.86
C HIS C 230 14.65 15.76 24.49
N CYS C 231 14.34 14.62 25.10
CA CYS C 231 12.95 14.24 25.39
C CYS C 231 12.50 14.79 26.74
N GLN C 232 12.43 16.12 26.82
CA GLN C 232 11.99 16.77 28.04
C GLN C 232 10.47 16.71 28.20
N PHE C 233 9.72 16.76 27.11
CA PHE C 233 8.28 16.88 27.20
C PHE C 233 7.53 15.56 27.10
N SER C 234 7.94 14.66 26.22
CA SER C 234 7.35 13.34 26.10
C SER C 234 8.45 12.28 26.00
N ARG C 235 8.13 11.07 26.44
CA ARG C 235 9.09 9.98 26.35
C ARG C 235 9.39 9.64 24.89
N PRO C 236 10.59 9.17 24.60
CA PRO C 236 10.85 8.58 23.28
C PRO C 236 9.89 7.43 23.02
N SER C 237 9.50 7.28 21.77
CA SER C 237 8.47 6.31 21.39
C SER C 237 8.52 5.98 19.89
N PRO C 238 8.50 4.69 19.54
CA PRO C 238 8.44 4.31 18.12
C PRO C 238 7.05 4.34 17.52
N ILE C 239 6.03 4.66 18.33
CA ILE C 239 4.65 4.38 17.95
C ILE C 239 4.24 5.21 16.74
N GLY C 240 4.51 6.51 16.77
CA GLY C 240 4.06 7.36 15.68
C GLY C 240 4.58 6.90 14.33
N TYR C 241 5.88 6.61 14.26
CA TYR C 241 6.51 6.15 13.03
C TYR C 241 5.90 4.82 12.56
N LEU C 242 5.81 3.86 13.47
CA LEU C 242 5.27 2.55 13.12
C LEU C 242 3.85 2.67 12.60
N GLY C 243 3.04 3.51 13.24
CA GLY C 243 1.70 3.76 12.74
C GLY C 243 1.67 4.45 11.40
N LEU C 244 2.68 5.29 11.13
CA LEU C 244 2.69 6.03 9.88
C LEU C 244 3.11 5.18 8.70
N LEU C 245 3.79 4.05 8.95
CA LEU C 245 4.17 3.16 7.85
C LEU C 245 2.97 2.75 6.99
N SER C 246 1.84 2.41 7.63
CA SER C 246 0.66 2.01 6.88
C SER C 246 -0.05 3.16 6.18
N GLN C 247 0.29 4.41 6.48
CA GLN C 247 -0.33 5.55 5.81
C GLN C 247 0.31 5.84 4.45
N ARG C 248 1.55 5.39 4.22
CA ARG C 248 2.25 5.70 2.98
C ARG C 248 1.39 5.39 1.75
N THR C 249 1.23 6.40 0.90
CA THR C 249 0.52 6.37 -0.39
C THR C 249 -0.99 6.24 -0.28
N ARG C 250 -1.56 6.15 0.92
CA ARG C 250 -3.00 5.94 1.05
C ARG C 250 -3.79 7.11 0.46
N ASP C 251 -3.24 8.33 0.53
CA ASP C 251 -4.01 9.53 0.20
C ASP C 251 -3.30 10.46 -0.77
N ILE C 252 -2.38 9.95 -1.60
CA ILE C 252 -1.74 10.78 -2.60
C ILE C 252 -2.69 10.98 -3.77
N TYR C 253 -2.43 12.04 -4.55
CA TYR C 253 -3.11 12.30 -5.81
C TYR C 253 -2.30 11.75 -6.97
N ILE C 254 -3.00 11.40 -8.05
CA ILE C 254 -2.33 11.12 -9.31
C ILE C 254 -1.89 12.44 -9.94
N SER C 255 -0.67 12.46 -10.46
CA SER C 255 -0.23 13.59 -11.26
C SER C 255 0.13 13.21 -12.68
N ARG C 256 0.03 11.93 -13.04
CA ARG C 256 0.24 11.48 -14.41
C ARG C 256 -0.55 10.21 -14.60
N ARG C 257 -0.74 9.81 -15.86
CA ARG C 257 -1.61 8.67 -16.14
C ARG C 257 -0.91 7.36 -15.82
N LEU C 258 0.38 7.24 -16.14
CA LEU C 258 1.17 6.06 -15.85
C LEU C 258 2.06 6.35 -14.65
N LEU C 259 1.71 5.80 -13.51
CA LEU C 259 2.52 5.95 -12.31
C LEU C 259 3.88 5.30 -12.50
N GLN D 3 -32.11 -20.58 36.93
CA GLN D 3 -31.62 -21.84 36.41
C GLN D 3 -32.75 -22.85 36.26
N ILE D 4 -33.31 -23.27 37.40
CA ILE D 4 -34.40 -24.25 37.39
C ILE D 4 -35.63 -23.68 36.69
N VAL D 5 -35.95 -22.41 36.96
CA VAL D 5 -37.06 -21.76 36.28
C VAL D 5 -36.78 -21.66 34.79
N THR D 6 -35.54 -21.34 34.42
CA THR D 6 -35.16 -21.31 33.01
C THR D 6 -35.27 -22.70 32.39
N PHE D 7 -34.95 -23.73 33.17
CA PHE D 7 -35.15 -25.10 32.69
C PHE D 7 -36.62 -25.41 32.46
N PHE D 8 -37.49 -24.90 33.34
CA PHE D 8 -38.94 -25.07 33.14
C PHE D 8 -39.40 -24.32 31.90
N GLN D 9 -38.77 -23.18 31.60
CA GLN D 9 -39.18 -22.37 30.48
C GLN D 9 -38.80 -22.97 29.14
N GLU D 10 -37.84 -23.89 29.11
CA GLU D 10 -37.35 -24.51 27.87
C GLU D 10 -37.63 -26.01 27.85
N VAL D 11 -38.77 -26.43 28.40
CA VAL D 11 -39.10 -27.86 28.42
C VAL D 11 -39.22 -28.46 27.03
N PRO D 12 -39.84 -27.82 26.02
CA PRO D 12 -39.95 -28.51 24.72
C PRO D 12 -38.62 -28.86 24.09
N HIS D 13 -37.59 -28.03 24.28
CA HIS D 13 -36.31 -28.26 23.65
C HIS D 13 -35.45 -29.27 24.41
N VAL D 14 -35.81 -29.62 25.65
CA VAL D 14 -35.00 -30.51 26.45
C VAL D 14 -35.70 -31.82 26.80
N ILE D 15 -37.01 -31.93 26.59
CA ILE D 15 -37.70 -33.19 26.87
C ILE D 15 -37.17 -34.30 25.96
N GLU D 16 -36.83 -33.96 24.72
CA GLU D 16 -36.44 -34.97 23.74
C GLU D 16 -35.19 -35.74 24.15
N GLU D 17 -34.31 -35.14 24.94
CA GLU D 17 -33.11 -35.86 25.39
C GLU D 17 -33.47 -36.95 26.37
N VAL D 18 -32.82 -38.10 26.23
CA VAL D 18 -33.09 -39.21 27.14
C VAL D 18 -32.55 -38.92 28.53
N MET D 19 -31.35 -38.32 28.62
CA MET D 19 -30.76 -38.05 29.94
C MET D 19 -31.53 -36.98 30.69
N ASN D 20 -32.07 -35.98 29.97
CA ASN D 20 -32.91 -35.00 30.65
C ASN D 20 -34.15 -35.66 31.24
N ILE D 21 -34.75 -36.60 30.52
CA ILE D 21 -35.90 -37.35 31.03
C ILE D 21 -35.51 -38.16 32.25
N VAL D 22 -34.35 -38.84 32.18
CA VAL D 22 -33.89 -39.65 33.30
C VAL D 22 -33.68 -38.78 34.54
N LEU D 23 -33.06 -37.62 34.37
CA LEU D 23 -32.84 -36.71 35.48
C LEU D 23 -34.15 -36.22 36.07
N ILE D 24 -35.11 -35.88 35.22
CA ILE D 24 -36.41 -35.43 35.73
C ILE D 24 -37.07 -36.53 36.53
N ALA D 25 -37.04 -37.76 36.01
CA ALA D 25 -37.64 -38.89 36.73
C ALA D 25 -36.94 -39.12 38.06
N LEU D 26 -35.62 -39.04 38.08
CA LEU D 26 -34.88 -39.25 39.33
C LEU D 26 -35.20 -38.16 40.34
N SER D 27 -35.29 -36.91 39.89
CA SER D 27 -35.66 -35.82 40.79
C SER D 27 -37.06 -36.03 41.37
N VAL D 28 -38.00 -36.43 40.52
CA VAL D 28 -39.38 -36.64 40.98
C VAL D 28 -39.43 -37.80 41.97
N LEU D 29 -38.75 -38.90 41.66
CA LEU D 29 -38.74 -40.04 42.57
C LEU D 29 -38.10 -39.68 43.90
N ALA D 30 -37.00 -38.92 43.87
CA ALA D 30 -36.34 -38.52 45.10
C ALA D 30 -37.22 -37.60 45.94
N VAL D 31 -37.93 -36.67 45.28
CA VAL D 31 -38.85 -35.81 46.02
C VAL D 31 -39.94 -36.63 46.68
N LEU D 32 -40.50 -37.60 45.92
CA LEU D 32 -41.55 -38.44 46.47
C LEU D 32 -41.04 -39.27 47.65
N LYS D 33 -39.85 -39.84 47.52
CA LYS D 33 -39.32 -40.68 48.60
C LYS D 33 -38.96 -39.85 49.82
N GLY D 34 -38.42 -38.65 49.62
CA GLY D 34 -38.22 -37.75 50.74
C GLY D 34 -39.52 -37.42 51.44
N LEU D 35 -40.60 -37.27 50.69
CA LEU D 35 -41.90 -37.06 51.29
C LEU D 35 -42.36 -38.28 52.09
N TYR D 36 -42.12 -39.48 51.54
CA TYR D 36 -42.56 -40.70 52.23
C TYR D 36 -41.84 -40.87 53.56
N ASN D 37 -40.54 -40.59 53.60
CA ASN D 37 -39.76 -40.71 54.83
C ASN D 37 -40.11 -39.61 55.81
N THR D 59 -44.30 -14.31 10.42
CA THR D 59 -45.02 -15.53 10.14
C THR D 59 -44.07 -16.72 10.08
N SER D 60 -42.77 -16.43 10.05
CA SER D 60 -41.72 -17.44 9.94
C SER D 60 -41.28 -17.81 11.35
N LEU D 61 -41.67 -19.00 11.80
CA LEU D 61 -41.42 -19.47 13.15
C LEU D 61 -40.47 -20.66 13.14
N TYR D 62 -39.53 -20.67 14.08
CA TYR D 62 -38.53 -21.73 14.18
C TYR D 62 -38.43 -22.19 15.63
N LYS D 63 -38.32 -23.50 15.80
CA LYS D 63 -38.35 -24.17 17.10
C LYS D 63 -39.60 -23.83 17.90
N GLY D 64 -40.61 -23.25 17.25
CA GLY D 64 -41.86 -22.91 17.88
C GLY D 64 -41.89 -21.57 18.59
N VAL D 65 -40.73 -20.95 18.83
CA VAL D 65 -40.69 -19.73 19.64
C VAL D 65 -39.89 -18.62 18.95
N TYR D 66 -39.12 -18.97 17.94
CA TYR D 66 -38.20 -18.01 17.32
C TYR D 66 -38.82 -17.48 16.02
N GLU D 67 -39.22 -16.21 16.06
CA GLU D 67 -39.74 -15.52 14.89
C GLU D 67 -38.58 -14.95 14.07
N LEU D 68 -38.59 -15.22 12.77
CA LEU D 68 -37.60 -14.67 11.86
C LEU D 68 -37.97 -13.23 11.52
N GLN D 69 -37.08 -12.30 11.86
CA GLN D 69 -37.32 -10.89 11.62
C GLN D 69 -36.15 -10.33 10.81
N THR D 70 -36.38 -9.17 10.20
CA THR D 70 -35.47 -8.58 9.25
C THR D 70 -35.28 -7.09 9.55
N LEU D 71 -34.14 -6.57 9.12
CA LEU D 71 -33.87 -5.14 9.17
C LEU D 71 -33.07 -4.75 7.94
N GLU D 72 -33.26 -3.53 7.45
CA GLU D 72 -32.46 -2.97 6.37
C GLU D 72 -31.82 -1.68 6.86
N LEU D 73 -30.53 -1.54 6.60
CA LEU D 73 -29.81 -0.37 7.08
C LEU D 73 -30.03 0.81 6.15
N ASN D 74 -30.16 2.00 6.74
CA ASN D 74 -30.25 3.25 5.98
C ASN D 74 -28.83 3.81 5.88
N MET D 75 -28.08 3.38 4.85
CA MET D 75 -26.72 3.87 4.62
C MET D 75 -26.67 5.36 4.32
N GLU D 76 -27.80 5.94 3.90
CA GLU D 76 -27.83 7.35 3.59
C GLU D 76 -27.44 8.20 4.78
N THR D 77 -27.74 7.74 6.00
CA THR D 77 -27.36 8.47 7.20
C THR D 77 -25.85 8.63 7.33
N LEU D 78 -25.05 7.83 6.64
CA LEU D 78 -23.60 7.97 6.68
C LEU D 78 -23.07 9.08 5.79
N ASN D 79 -23.94 9.79 5.05
CA ASN D 79 -23.49 10.66 3.96
C ASN D 79 -22.46 11.69 4.43
N MET D 80 -22.51 12.12 5.70
CA MET D 80 -21.64 13.21 6.14
C MET D 80 -20.18 12.80 6.28
N THR D 81 -19.86 11.50 6.41
CA THR D 81 -18.50 11.08 6.69
C THR D 81 -17.91 10.11 5.67
N MET D 82 -18.67 9.60 4.70
CA MET D 82 -18.09 8.72 3.70
C MET D 82 -18.89 8.80 2.41
N PRO D 83 -18.24 8.58 1.26
CA PRO D 83 -18.98 8.59 0.00
C PRO D 83 -19.96 7.43 -0.09
N LEU D 84 -21.04 7.66 -0.84
CA LEU D 84 -22.10 6.67 -1.02
C LEU D 84 -22.33 6.44 -2.50
N SER D 85 -22.23 5.19 -2.94
CA SER D 85 -22.41 4.83 -4.34
C SER D 85 -23.81 4.24 -4.56
N CYS D 86 -24.40 4.56 -5.70
CA CYS D 86 -25.65 3.91 -6.09
C CYS D 86 -25.78 3.91 -7.61
N THR D 87 -26.72 3.11 -8.09
CA THR D 87 -26.94 2.93 -9.51
C THR D 87 -28.33 3.43 -9.86
N LYS D 88 -28.41 4.33 -10.84
CA LYS D 88 -29.70 4.74 -11.34
C LYS D 88 -30.22 3.75 -12.38
N ASN D 89 -29.43 3.45 -13.40
CA ASN D 89 -29.84 2.50 -14.43
C ASN D 89 -28.61 1.88 -15.05
N ASN D 90 -28.81 1.14 -16.16
CA ASN D 90 -27.70 0.44 -16.79
C ASN D 90 -26.53 1.38 -17.05
N SER D 91 -26.83 2.60 -17.50
CA SER D 91 -25.78 3.52 -17.93
C SER D 91 -25.36 4.55 -16.88
N HIS D 92 -26.22 4.90 -15.93
CA HIS D 92 -25.94 6.03 -15.03
C HIS D 92 -25.75 5.55 -13.61
N HIS D 93 -24.62 5.91 -13.02
CA HIS D 93 -24.26 5.53 -11.67
C HIS D 93 -23.63 6.73 -11.00
N TYR D 94 -23.65 6.76 -9.67
CA TYR D 94 -23.26 7.95 -8.94
C TYR D 94 -22.50 7.57 -7.69
N ILE D 95 -21.56 8.43 -7.30
CA ILE D 95 -20.95 8.39 -5.98
C ILE D 95 -21.11 9.79 -5.38
N MET D 96 -21.87 9.88 -4.31
CA MET D 96 -22.24 11.13 -3.68
C MET D 96 -21.34 11.39 -2.48
N VAL D 97 -20.93 12.63 -2.33
CA VAL D 97 -20.05 13.06 -1.26
C VAL D 97 -20.78 14.16 -0.50
N GLY D 98 -21.33 13.81 0.66
CA GLY D 98 -22.13 14.76 1.39
C GLY D 98 -23.46 15.00 0.69
N ASN D 99 -24.09 16.11 1.03
CA ASN D 99 -25.40 16.45 0.49
C ASN D 99 -25.33 17.49 -0.63
N GLU D 100 -24.14 17.84 -1.09
CA GLU D 100 -24.02 18.86 -2.11
C GLU D 100 -23.44 18.37 -3.44
N THR D 101 -22.41 17.54 -3.41
CA THR D 101 -21.63 17.23 -4.60
C THR D 101 -21.45 15.72 -4.78
N GLY D 102 -20.94 15.35 -5.95
CA GLY D 102 -20.60 13.97 -6.22
C GLY D 102 -20.03 13.81 -7.61
N LEU D 103 -19.93 12.56 -8.03
CA LEU D 103 -19.50 12.20 -9.38
C LEU D 103 -20.54 11.31 -10.03
N GLU D 104 -20.83 11.61 -11.29
CA GLU D 104 -21.68 10.80 -12.15
C GLU D 104 -20.79 10.00 -13.08
N LEU D 105 -20.97 8.69 -13.06
CA LEU D 105 -20.25 7.75 -13.89
C LEU D 105 -21.23 7.18 -14.91
N THR D 106 -20.97 7.43 -16.18
CA THR D 106 -21.84 6.99 -17.26
C THR D 106 -21.06 6.07 -18.19
N LEU D 107 -21.61 4.90 -18.43
CA LEU D 107 -21.16 4.04 -19.52
C LEU D 107 -21.93 4.50 -20.76
N THR D 108 -21.20 4.86 -21.82
CA THR D 108 -21.83 5.50 -22.95
C THR D 108 -21.05 5.25 -24.22
N ASN D 109 -21.76 5.26 -25.34
CA ASN D 109 -21.12 5.28 -26.65
C ASN D 109 -20.80 6.68 -27.14
N THR D 110 -21.27 7.71 -26.47
CA THR D 110 -21.07 9.11 -26.87
C THR D 110 -19.94 9.71 -26.04
N SER D 111 -18.76 9.83 -26.63
CA SER D 111 -17.66 10.48 -25.94
C SER D 111 -17.89 11.98 -25.90
N ILE D 112 -17.31 12.64 -24.91
CA ILE D 112 -17.39 14.09 -24.80
C ILE D 112 -16.05 14.78 -24.84
N ILE D 113 -14.94 14.04 -24.84
CA ILE D 113 -13.60 14.59 -25.00
C ILE D 113 -12.95 13.95 -26.21
N ASN D 114 -12.46 14.78 -27.13
CA ASN D 114 -11.88 14.28 -28.38
C ASN D 114 -10.43 14.74 -28.53
N HIS D 115 -9.70 14.78 -27.43
CA HIS D 115 -8.26 15.05 -27.44
C HIS D 115 -7.57 14.00 -26.60
N LYS D 116 -6.24 14.12 -26.47
CA LYS D 116 -5.46 13.12 -25.75
C LYS D 116 -4.80 13.67 -24.49
N PHE D 117 -5.12 14.89 -24.08
CA PHE D 117 -4.51 15.48 -22.89
C PHE D 117 -5.22 15.04 -21.61
N CYS D 118 -4.45 14.96 -20.53
CA CYS D 118 -4.99 14.86 -19.16
C CYS D 118 -4.04 15.68 -18.29
N ASN D 119 -4.35 16.96 -18.14
CA ASN D 119 -3.42 17.93 -17.54
C ASN D 119 -3.54 17.94 -16.01
N LEU D 120 -3.14 16.82 -15.40
CA LEU D 120 -3.24 16.68 -13.96
C LEU D 120 -2.37 17.70 -13.24
N SER D 121 -1.15 17.92 -13.71
CA SER D 121 -0.21 18.82 -13.03
C SER D 121 -0.75 20.24 -12.96
N ASP D 122 -1.27 20.76 -14.07
CA ASP D 122 -1.84 22.10 -14.10
C ASP D 122 -3.08 22.19 -13.22
N ALA D 123 -3.90 21.14 -13.19
CA ALA D 123 -5.03 21.11 -12.28
C ALA D 123 -4.59 21.23 -10.83
N HIS D 124 -3.54 20.49 -10.45
CA HIS D 124 -3.00 20.57 -9.09
C HIS D 124 -2.45 21.96 -8.78
N LYS D 125 -1.68 22.53 -9.71
CA LYS D 125 -1.12 23.88 -9.52
C LYS D 125 -2.23 24.89 -9.28
N LYS D 126 -3.30 24.84 -10.07
CA LYS D 126 -4.38 25.80 -9.90
C LYS D 126 -5.18 25.57 -8.62
N ASN D 127 -5.30 24.32 -8.16
CA ASN D 127 -5.98 23.99 -6.91
C ASN D 127 -7.39 24.58 -6.84
N LEU D 128 -8.18 24.33 -7.89
CA LEU D 128 -9.56 24.81 -7.92
C LEU D 128 -10.60 23.71 -7.72
N TYR D 129 -10.24 22.44 -7.89
CA TYR D 129 -11.19 21.35 -7.84
C TYR D 129 -11.60 21.05 -6.39
N ASP D 130 -12.64 20.23 -6.24
CA ASP D 130 -13.04 19.71 -4.95
C ASP D 130 -12.06 18.61 -4.53
N HIS D 131 -11.48 18.77 -3.34
CA HIS D 131 -10.41 17.87 -2.90
C HIS D 131 -10.90 16.44 -2.68
N ALA D 132 -12.09 16.27 -2.11
CA ALA D 132 -12.66 14.94 -1.95
C ALA D 132 -12.88 14.25 -3.29
N LEU D 133 -13.40 14.99 -4.28
CA LEU D 133 -13.62 14.43 -5.60
C LEU D 133 -12.31 14.04 -6.29
N MET D 134 -11.28 14.88 -6.18
CA MET D 134 -9.98 14.50 -6.71
C MET D 134 -9.45 13.25 -6.01
N SER D 135 -9.66 13.14 -4.70
CA SER D 135 -9.27 11.92 -3.98
C SER D 135 -9.96 10.71 -4.57
N ILE D 136 -11.26 10.81 -4.85
CA ILE D 136 -11.99 9.67 -5.39
C ILE D 136 -11.48 9.31 -6.79
N ILE D 137 -11.25 10.31 -7.64
CA ILE D 137 -10.72 10.05 -8.98
C ILE D 137 -9.37 9.34 -8.89
N SER D 138 -8.51 9.81 -7.99
CA SER D 138 -7.21 9.21 -7.77
C SER D 138 -7.33 7.75 -7.33
N THR D 139 -8.22 7.47 -6.37
CA THR D 139 -8.41 6.10 -5.90
C THR D 139 -8.88 5.20 -7.03
N PHE D 140 -9.84 5.68 -7.83
CA PHE D 140 -10.29 4.91 -8.99
C PHE D 140 -9.14 4.59 -9.93
N HIS D 141 -8.39 5.62 -10.36
CA HIS D 141 -7.37 5.39 -11.38
C HIS D 141 -6.24 4.52 -10.86
N LEU D 142 -5.85 4.71 -9.60
CA LEU D 142 -4.79 3.91 -8.99
C LEU D 142 -5.23 2.49 -8.71
N SER D 143 -6.53 2.22 -8.66
CA SER D 143 -7.00 0.86 -8.44
C SER D 143 -7.10 0.03 -9.73
N ILE D 144 -6.94 0.64 -10.89
CA ILE D 144 -7.07 -0.09 -12.15
C ILE D 144 -5.90 -1.05 -12.31
N PRO D 145 -6.14 -2.34 -12.54
CA PRO D 145 -5.02 -3.28 -12.71
C PRO D 145 -4.38 -3.16 -14.10
N ASN D 146 -3.06 -3.02 -14.12
CA ASN D 146 -2.25 -3.14 -15.34
C ASN D 146 -2.61 -2.09 -16.39
N PHE D 147 -2.86 -0.87 -15.95
CA PHE D 147 -3.12 0.22 -16.89
C PHE D 147 -1.81 0.59 -17.60
N ASN D 148 -1.78 0.48 -18.93
CA ASN D 148 -0.54 0.72 -19.66
C ASN D 148 -0.73 1.51 -20.94
N GLN D 149 -1.90 2.11 -21.18
CA GLN D 149 -2.19 2.88 -22.38
C GLN D 149 -2.64 4.28 -21.95
N TYR D 150 -1.68 5.20 -21.78
CA TYR D 150 -2.04 6.52 -21.27
C TYR D 150 -2.95 7.28 -22.23
N GLU D 151 -2.94 6.95 -23.52
CA GLU D 151 -3.83 7.60 -24.47
C GLU D 151 -5.29 7.20 -24.29
N ALA D 152 -5.55 6.10 -23.57
CA ALA D 152 -6.92 5.69 -23.29
C ALA D 152 -7.62 6.58 -22.27
N MET D 153 -6.90 7.42 -21.55
CA MET D 153 -7.48 8.28 -20.54
C MET D 153 -7.32 9.74 -20.95
N SER D 154 -8.43 10.45 -21.08
CA SER D 154 -8.43 11.88 -21.38
C SER D 154 -9.20 12.60 -20.28
N CYS D 155 -8.89 13.88 -20.08
CA CYS D 155 -9.46 14.62 -18.96
C CYS D 155 -9.64 16.10 -19.31
N ASP D 156 -10.50 16.76 -18.54
CA ASP D 156 -10.65 18.20 -18.52
C ASP D 156 -10.89 18.64 -17.07
N PHE D 157 -9.98 19.46 -16.54
CA PHE D 157 -10.12 19.99 -15.20
C PHE D 157 -10.25 21.51 -15.16
N ASN D 158 -10.41 22.15 -16.32
CA ASN D 158 -10.43 23.61 -16.36
C ASN D 158 -11.55 24.18 -15.49
N GLY D 159 -11.21 25.23 -14.76
CA GLY D 159 -12.15 25.89 -13.87
C GLY D 159 -12.47 25.11 -12.62
N GLY D 160 -11.64 24.14 -12.24
CA GLY D 160 -11.94 23.33 -11.09
C GLY D 160 -12.94 22.21 -11.30
N LYS D 161 -13.37 21.98 -12.55
CA LYS D 161 -14.27 20.88 -12.84
C LYS D 161 -13.49 19.57 -12.90
N ILE D 162 -14.20 18.46 -12.76
CA ILE D 162 -13.63 17.15 -12.96
C ILE D 162 -14.38 16.46 -14.09
N SER D 163 -13.66 16.15 -15.17
CA SER D 163 -14.20 15.38 -16.28
C SER D 163 -13.14 14.38 -16.73
N VAL D 164 -13.39 13.09 -16.54
CA VAL D 164 -12.44 12.05 -16.89
C VAL D 164 -13.12 11.04 -17.81
N GLN D 165 -12.54 10.80 -18.97
CA GLN D 165 -13.07 9.89 -19.97
C GLN D 165 -12.06 8.76 -20.21
N TYR D 166 -12.49 7.53 -19.97
CA TYR D 166 -11.74 6.33 -20.28
C TYR D 166 -12.30 5.73 -21.56
N ASN D 167 -11.42 5.43 -22.50
CA ASN D 167 -11.80 4.90 -23.80
C ASN D 167 -11.64 3.38 -23.75
N LEU D 168 -12.76 2.67 -23.88
CA LEU D 168 -12.80 1.22 -23.70
C LEU D 168 -12.73 0.45 -25.01
N SER D 169 -12.46 1.12 -26.12
CA SER D 169 -12.48 0.45 -27.43
C SER D 169 -11.38 -0.60 -27.51
N HIS D 170 -11.70 -1.72 -28.15
CA HIS D 170 -10.74 -2.82 -28.29
C HIS D 170 -9.95 -2.74 -29.58
N ASN D 178 -7.32 -11.34 -26.71
CA ASN D 178 -8.08 -11.69 -25.52
C ASN D 178 -8.55 -10.45 -24.77
N HIS D 179 -9.78 -10.51 -24.22
CA HIS D 179 -10.34 -9.38 -23.49
C HIS D 179 -9.68 -9.17 -22.14
N CYS D 180 -8.96 -10.16 -21.62
CA CYS D 180 -8.44 -10.06 -20.27
C CYS D 180 -7.31 -9.04 -20.16
N GLY D 181 -6.49 -8.89 -21.20
CA GLY D 181 -5.36 -8.00 -21.14
C GLY D 181 -5.60 -6.65 -21.79
N THR D 182 -6.80 -6.09 -21.63
CA THR D 182 -7.16 -4.83 -22.27
C THR D 182 -7.44 -3.75 -21.24
N VAL D 183 -7.35 -2.50 -21.70
CA VAL D 183 -7.73 -1.36 -20.87
C VAL D 183 -9.19 -1.47 -20.42
N ALA D 184 -10.05 -1.90 -21.33
CA ALA D 184 -11.47 -1.98 -21.02
C ALA D 184 -11.73 -2.92 -19.86
N ASN D 185 -11.04 -4.07 -19.83
CA ASN D 185 -11.20 -5.00 -18.72
C ASN D 185 -10.82 -4.36 -17.39
N GLY D 186 -9.63 -3.76 -17.31
CA GLY D 186 -9.20 -3.16 -16.04
C GLY D 186 -10.11 -2.03 -15.56
N VAL D 187 -10.48 -1.15 -16.48
CA VAL D 187 -11.38 -0.05 -16.13
C VAL D 187 -12.71 -0.61 -15.62
N LEU D 188 -13.26 -1.59 -16.32
CA LEU D 188 -14.54 -2.19 -15.93
C LEU D 188 -14.45 -2.87 -14.57
N GLN D 189 -13.35 -3.57 -14.28
CA GLN D 189 -13.18 -4.17 -12.96
C GLN D 189 -13.27 -3.12 -11.87
N THR D 190 -12.53 -2.02 -12.06
CA THR D 190 -12.56 -0.94 -11.08
C THR D 190 -13.95 -0.32 -10.98
N PHE D 191 -14.60 -0.11 -12.12
CA PHE D 191 -15.95 0.47 -12.12
C PHE D 191 -16.91 -0.41 -11.35
N MET D 192 -16.84 -1.73 -11.59
CA MET D 192 -17.71 -2.67 -10.89
C MET D 192 -17.52 -2.58 -9.39
N ARG D 193 -16.27 -2.52 -8.93
CA ARG D 193 -16.04 -2.40 -7.49
C ARG D 193 -16.51 -1.04 -6.97
N MET D 194 -16.22 0.04 -7.69
CA MET D 194 -16.54 1.39 -7.21
C MET D 194 -18.04 1.60 -7.08
N ALA D 195 -18.81 1.06 -8.02
CA ALA D 195 -20.27 1.10 -7.93
C ALA D 195 -20.84 -0.29 -7.66
N TRP D 196 -20.21 -1.04 -6.75
CA TRP D 196 -20.66 -2.39 -6.45
C TRP D 196 -22.09 -2.37 -5.94
N GLY D 197 -22.94 -3.20 -6.55
CA GLY D 197 -24.36 -3.13 -6.32
C GLY D 197 -25.01 -2.26 -7.37
N GLY D 198 -25.67 -2.87 -8.34
CA GLY D 198 -26.19 -2.15 -9.47
C GLY D 198 -25.20 -1.93 -10.59
N SER D 199 -23.91 -2.23 -10.38
CA SER D 199 -22.95 -2.16 -11.47
C SER D 199 -23.14 -3.29 -12.47
N TYR D 200 -23.62 -4.44 -12.00
CA TYR D 200 -23.65 -5.64 -12.82
C TYR D 200 -24.60 -5.52 -13.99
N ILE D 201 -25.65 -4.70 -13.89
CA ILE D 201 -26.68 -4.71 -14.93
C ILE D 201 -26.18 -4.23 -16.27
N ALA D 202 -25.07 -3.50 -16.30
CA ALA D 202 -24.40 -3.22 -17.57
C ALA D 202 -23.21 -4.12 -17.81
N LEU D 203 -22.91 -5.03 -16.88
CA LEU D 203 -21.64 -5.74 -16.85
C LEU D 203 -21.86 -7.23 -17.07
N ASP D 204 -20.75 -7.92 -17.36
CA ASP D 204 -20.71 -9.36 -17.59
C ASP D 204 -21.52 -9.79 -18.81
N SER D 205 -21.85 -8.85 -19.69
CA SER D 205 -22.61 -9.20 -20.90
C SER D 205 -21.79 -10.12 -21.80
N GLY D 206 -20.53 -9.77 -22.05
CA GLY D 206 -19.63 -10.70 -22.70
C GLY D 206 -18.87 -11.49 -21.66
N ARG D 207 -19.35 -12.70 -21.35
CA ARG D 207 -18.74 -13.53 -20.32
C ARG D 207 -17.30 -13.86 -20.69
N GLY D 208 -16.35 -13.29 -19.96
CA GLY D 208 -14.94 -13.49 -20.28
C GLY D 208 -14.31 -14.63 -19.50
N ASN D 209 -13.07 -14.93 -19.86
CA ASN D 209 -12.28 -15.89 -19.10
C ASN D 209 -11.89 -15.31 -17.76
N TRP D 210 -11.78 -16.19 -16.77
CA TRP D 210 -11.40 -15.84 -15.39
C TRP D 210 -12.36 -14.76 -14.91
N ASP D 211 -11.89 -13.69 -14.29
CA ASP D 211 -12.73 -12.65 -13.73
C ASP D 211 -13.02 -11.52 -14.71
N CYS D 212 -12.74 -11.72 -16.00
CA CYS D 212 -12.68 -10.61 -16.95
C CYS D 212 -14.06 -10.18 -17.43
N ILE D 213 -14.23 -8.87 -17.58
CA ILE D 213 -15.49 -8.21 -17.89
C ILE D 213 -15.44 -7.75 -19.34
N MET D 214 -16.61 -7.68 -19.95
CA MET D 214 -16.72 -7.07 -21.27
C MET D 214 -18.11 -6.46 -21.40
N THR D 215 -18.17 -5.25 -21.97
CA THR D 215 -19.44 -4.60 -22.25
C THR D 215 -19.48 -4.12 -23.69
N SER D 216 -20.63 -3.65 -24.11
CA SER D 216 -20.82 -3.06 -25.43
C SER D 216 -20.55 -1.55 -25.44
N TYR D 217 -20.19 -0.95 -24.30
CA TYR D 217 -19.96 0.48 -24.23
C TYR D 217 -18.53 0.83 -24.66
N GLN D 218 -18.39 1.95 -25.34
CA GLN D 218 -17.07 2.39 -25.78
C GLN D 218 -16.41 3.39 -24.83
N TYR D 219 -17.15 3.95 -23.88
CA TYR D 219 -16.56 4.96 -23.00
C TYR D 219 -17.13 4.88 -21.60
N LEU D 220 -16.29 5.15 -20.62
CA LEU D 220 -16.72 5.41 -19.25
C LEU D 220 -16.36 6.85 -18.90
N ILE D 221 -17.34 7.63 -18.48
CA ILE D 221 -17.16 9.05 -18.25
C ILE D 221 -17.52 9.39 -16.81
N ILE D 222 -16.64 10.13 -16.15
CA ILE D 222 -16.79 10.52 -14.75
C ILE D 222 -16.76 12.04 -14.69
N GLN D 223 -17.88 12.65 -14.32
CA GLN D 223 -17.97 14.10 -14.20
C GLN D 223 -18.57 14.50 -12.87
N ASN D 224 -18.10 15.60 -12.31
CA ASN D 224 -18.69 16.09 -11.08
C ASN D 224 -20.12 16.59 -11.33
N THR D 225 -20.94 16.48 -10.30
CA THR D 225 -22.35 16.82 -10.38
C THR D 225 -22.86 17.22 -9.01
N THR D 226 -24.06 17.81 -8.98
CA THR D 226 -24.71 18.20 -7.74
C THR D 226 -25.54 17.06 -7.17
N TRP D 227 -25.88 17.18 -5.90
CA TRP D 227 -26.57 16.10 -5.22
C TRP D 227 -28.02 15.98 -5.68
N GLU D 228 -28.48 14.74 -5.84
CA GLU D 228 -29.85 14.42 -6.18
C GLU D 228 -30.08 12.95 -5.86
N ASP D 229 -31.30 12.61 -5.46
CA ASP D 229 -31.63 11.22 -5.18
C ASP D 229 -31.74 10.45 -6.51
N HIS D 230 -30.64 9.83 -6.91
CA HIS D 230 -30.56 9.09 -8.16
C HIS D 230 -30.77 7.59 -8.00
N CYS D 231 -30.83 7.08 -6.77
CA CYS D 231 -30.67 5.66 -6.48
C CYS D 231 -31.96 4.88 -6.73
N GLN D 232 -32.36 4.84 -8.01
CA GLN D 232 -33.55 4.09 -8.37
C GLN D 232 -33.29 2.59 -8.39
N PHE D 233 -32.11 2.16 -8.85
CA PHE D 233 -31.86 0.74 -8.99
C PHE D 233 -31.27 0.08 -7.74
N SER D 234 -30.33 0.73 -7.05
CA SER D 234 -29.73 0.14 -5.86
C SER D 234 -29.59 1.18 -4.77
N ARG D 235 -29.66 0.72 -3.52
CA ARG D 235 -29.53 1.60 -2.37
C ARG D 235 -28.15 2.25 -2.37
N PRO D 236 -28.04 3.48 -1.84
CA PRO D 236 -26.72 4.05 -1.61
C PRO D 236 -25.92 3.17 -0.65
N SER D 237 -24.60 3.14 -0.85
CA SER D 237 -23.73 2.30 -0.02
C SER D 237 -22.30 2.81 -0.06
N PRO D 238 -21.60 2.82 1.08
CA PRO D 238 -20.17 3.17 1.08
C PRO D 238 -19.26 2.00 0.74
N ILE D 239 -19.81 0.80 0.54
CA ILE D 239 -19.01 -0.42 0.60
C ILE D 239 -17.99 -0.46 -0.54
N GLY D 240 -18.43 -0.16 -1.76
CA GLY D 240 -17.53 -0.27 -2.91
C GLY D 240 -16.29 0.59 -2.77
N TYR D 241 -16.47 1.86 -2.38
CA TYR D 241 -15.37 2.78 -2.19
C TYR D 241 -14.41 2.29 -1.10
N LEU D 242 -14.98 1.89 0.03
CA LEU D 242 -14.17 1.46 1.17
C LEU D 242 -13.35 0.23 0.81
N GLY D 243 -13.94 -0.69 0.06
CA GLY D 243 -13.19 -1.85 -0.40
C GLY D 243 -12.11 -1.49 -1.41
N LEU D 244 -12.38 -0.53 -2.29
CA LEU D 244 -11.37 -0.10 -3.26
C LEU D 244 -10.17 0.58 -2.61
N LEU D 245 -10.34 1.15 -1.42
CA LEU D 245 -9.22 1.84 -0.78
C LEU D 245 -7.97 0.96 -0.67
N SER D 246 -8.14 -0.34 -0.35
CA SER D 246 -6.98 -1.22 -0.26
C SER D 246 -6.47 -1.70 -1.61
N GLN D 247 -7.23 -1.53 -2.69
CA GLN D 247 -6.77 -1.86 -4.02
C GLN D 247 -5.78 -0.83 -4.58
N ARG D 248 -5.75 0.38 -4.02
CA ARG D 248 -4.93 1.45 -4.58
C ARG D 248 -3.48 0.99 -4.73
N THR D 249 -2.95 1.18 -5.95
CA THR D 249 -1.57 0.89 -6.34
C THR D 249 -1.22 -0.60 -6.34
N ARG D 250 -2.16 -1.48 -5.97
CA ARG D 250 -1.81 -2.89 -5.84
C ARG D 250 -1.35 -3.50 -7.15
N ASP D 251 -1.89 -3.04 -8.28
CA ASP D 251 -1.63 -3.67 -9.57
C ASP D 251 -1.13 -2.69 -10.63
N ILE D 252 -0.48 -1.60 -10.20
CA ILE D 252 0.13 -0.68 -11.16
C ILE D 252 1.40 -1.28 -11.73
N TYR D 253 1.74 -0.83 -12.94
CA TYR D 253 3.01 -1.14 -13.59
C TYR D 253 4.04 -0.07 -13.23
N ILE D 254 5.31 -0.44 -13.29
CA ILE D 254 6.38 0.55 -13.26
C ILE D 254 6.50 1.18 -14.64
N SER D 255 6.63 2.50 -14.65
CA SER D 255 6.95 3.21 -15.88
C SER D 255 8.32 3.86 -15.84
N ARG D 256 8.99 3.87 -14.70
CA ARG D 256 10.36 4.38 -14.59
C ARG D 256 11.04 3.69 -13.42
N ARG D 257 12.37 3.81 -13.40
CA ARG D 257 13.15 3.07 -12.41
C ARG D 257 13.03 3.68 -11.01
N LEU D 258 13.04 5.00 -10.92
CA LEU D 258 12.86 5.69 -9.64
C LEU D 258 11.43 6.23 -9.60
N LEU D 259 10.56 5.50 -8.91
CA LEU D 259 9.18 5.94 -8.73
C LEU D 259 9.16 7.22 -7.91
N GLY E 1 -3.31 -8.49 7.06
CA GLY E 1 -2.94 -9.62 7.89
C GLY E 1 -3.06 -9.43 9.40
N THR E 2 -2.51 -10.39 10.13
CA THR E 2 -2.61 -10.43 11.58
C THR E 2 -1.22 -10.71 12.14
N PHE E 3 -0.93 -10.14 13.30
CA PHE E 3 0.37 -10.36 13.93
C PHE E 3 0.60 -11.86 14.15
N THR E 4 1.85 -12.27 14.05
CA THR E 4 2.23 -13.68 14.15
C THR E 4 3.38 -13.94 15.11
N TRP E 5 4.08 -12.91 15.57
CA TRP E 5 5.29 -13.10 16.36
C TRP E 5 4.98 -13.80 17.68
N THR E 6 5.76 -14.84 17.98
CA THR E 6 5.62 -15.59 19.22
C THR E 6 6.71 -15.16 20.21
N LEU E 7 6.30 -14.87 21.42
CA LEU E 7 7.24 -14.44 22.45
C LEU E 7 8.28 -15.52 22.72
N SER E 8 9.52 -15.10 22.93
CA SER E 8 10.59 -16.02 23.28
C SER E 8 10.33 -16.60 24.67
N ASP E 9 11.02 -17.70 24.96
CA ASP E 9 10.84 -18.38 26.23
C ASP E 9 11.28 -17.49 27.39
N SER E 10 10.45 -17.44 28.43
CA SER E 10 10.76 -16.69 29.63
C SER E 10 11.84 -17.40 30.45
N THR E 15 6.39 -18.45 36.56
CA THR E 15 5.93 -18.15 35.20
C THR E 15 6.63 -19.03 34.16
N PRO E 16 6.41 -20.35 34.23
CA PRO E 16 7.06 -21.24 33.24
C PRO E 16 6.70 -20.91 31.80
N GLY E 17 5.46 -20.53 31.52
CA GLY E 17 5.06 -20.14 30.17
C GLY E 17 4.86 -18.65 29.97
N GLY E 18 5.24 -17.82 30.93
CA GLY E 18 4.97 -16.39 30.89
C GLY E 18 6.02 -15.61 30.15
N TYR E 19 6.22 -14.36 30.58
CA TYR E 19 7.20 -13.50 29.97
C TYR E 19 7.71 -12.48 30.99
N CYS E 20 8.98 -12.16 30.90
CA CYS E 20 9.63 -11.29 31.88
C CYS E 20 10.16 -10.04 31.19
N LEU E 21 9.68 -8.88 31.64
CA LEU E 21 10.31 -7.60 31.31
C LEU E 21 11.51 -7.41 32.23
N THR E 22 12.69 -7.24 31.65
CA THR E 22 13.92 -7.11 32.42
C THR E 22 14.04 -5.71 32.99
N ARG E 23 15.13 -5.51 33.73
CA ARG E 23 15.37 -4.24 34.41
C ARG E 23 15.52 -3.10 33.42
N TRP E 24 16.19 -3.33 32.30
CA TRP E 24 16.46 -2.25 31.35
C TRP E 24 15.21 -1.85 30.59
N MET E 25 14.26 -2.77 30.42
CA MET E 25 13.03 -2.51 29.69
C MET E 25 12.04 -1.66 30.46
N LEU E 26 12.27 -1.43 31.75
CA LEU E 26 11.35 -0.68 32.60
C LEU E 26 12.04 0.56 33.13
N ILE E 27 11.25 1.62 33.33
CA ILE E 27 11.83 2.88 33.80
C ILE E 27 12.34 2.73 35.23
N GLU E 28 11.53 2.17 36.11
CA GLU E 28 12.07 1.69 37.37
C GLU E 28 12.95 0.47 37.10
N ALA E 29 13.97 0.29 37.94
CA ALA E 29 15.01 -0.69 37.65
C ALA E 29 14.79 -1.94 38.51
N GLU E 30 13.91 -2.82 38.02
CA GLU E 30 13.78 -4.16 38.57
C GLU E 30 13.06 -5.05 37.56
N LEU E 31 13.17 -6.35 37.79
CA LEU E 31 12.55 -7.34 36.93
C LEU E 31 11.06 -7.46 37.23
N LYS E 32 10.28 -7.75 36.19
CA LYS E 32 8.83 -7.95 36.35
C LYS E 32 8.41 -9.10 35.45
N CYS E 33 7.92 -10.18 36.05
CA CYS E 33 7.51 -11.37 35.30
C CYS E 33 6.01 -11.56 35.40
N PHE E 34 5.40 -11.87 34.26
CA PHE E 34 3.98 -12.15 34.17
C PHE E 34 3.78 -13.60 33.76
N GLY E 35 2.77 -14.23 34.36
CA GLY E 35 2.56 -15.65 34.21
C GLY E 35 1.95 -16.05 32.89
N ASN E 36 1.80 -17.36 32.72
CA ASN E 36 1.34 -17.89 31.45
C ASN E 36 -0.09 -17.50 31.14
N THR E 37 -0.93 -17.32 32.16
CA THR E 37 -2.33 -17.01 31.92
C THR E 37 -2.47 -15.67 31.21
N ALA E 38 -1.86 -14.61 31.77
CA ALA E 38 -1.99 -13.29 31.17
C ALA E 38 -1.37 -13.28 29.78
N VAL E 39 -0.20 -13.89 29.64
CA VAL E 39 0.55 -13.84 28.39
C VAL E 39 -0.16 -14.64 27.29
N ALA E 40 -0.88 -15.70 27.67
CA ALA E 40 -1.67 -16.44 26.69
C ALA E 40 -2.73 -15.55 26.04
N LYS E 41 -3.24 -14.55 26.76
CA LYS E 41 -4.16 -13.60 26.16
C LYS E 41 -3.54 -12.89 24.95
N CYS E 42 -2.23 -12.66 24.99
CA CYS E 42 -1.55 -11.95 23.90
C CYS E 42 -1.56 -12.74 22.60
N ASN E 43 -1.73 -14.06 22.68
CA ASN E 43 -1.71 -14.89 21.47
C ASN E 43 -2.94 -14.66 20.61
N GLU E 44 -4.06 -14.24 21.20
CA GLU E 44 -5.32 -14.21 20.48
C GLU E 44 -6.07 -12.88 20.52
N LYS E 45 -5.82 -12.01 21.49
CA LYS E 45 -6.48 -10.70 21.52
C LYS E 45 -5.86 -9.75 20.50
N HIS E 46 -6.69 -8.84 19.99
CA HIS E 46 -6.27 -7.90 18.95
C HIS E 46 -6.22 -6.45 19.40
N ASP E 47 -6.72 -6.12 20.60
CA ASP E 47 -6.84 -4.72 21.02
C ASP E 47 -6.15 -4.46 22.36
N GLU E 48 -5.10 -5.19 22.67
CA GLU E 48 -4.35 -5.03 23.91
C GLU E 48 -3.01 -4.39 23.57
N GLU E 49 -2.82 -3.14 24.01
CA GLU E 49 -1.59 -2.42 23.68
C GLU E 49 -0.36 -3.11 24.28
N PHE E 50 -0.48 -3.59 25.52
CA PHE E 50 0.67 -4.20 26.20
C PHE E 50 1.19 -5.41 25.44
N CYS E 51 0.32 -6.19 24.81
CA CYS E 51 0.75 -7.33 24.01
C CYS E 51 1.56 -6.91 22.79
N ASP E 52 1.12 -5.85 22.10
CA ASP E 52 1.90 -5.32 20.99
C ASP E 52 3.28 -4.87 21.47
N MET E 53 3.34 -4.21 22.64
CA MET E 53 4.63 -3.79 23.16
C MET E 53 5.51 -4.97 23.55
N LEU E 54 4.93 -6.01 24.15
CA LEU E 54 5.71 -7.20 24.45
C LEU E 54 6.30 -7.79 23.18
N ARG E 55 5.51 -7.86 22.12
CA ARG E 55 6.04 -8.36 20.84
C ARG E 55 7.16 -7.46 20.32
N LEU E 56 7.00 -6.14 20.41
CA LEU E 56 8.06 -5.23 19.98
C LEU E 56 9.35 -5.46 20.76
N PHE E 57 9.25 -5.51 22.09
CA PHE E 57 10.44 -5.70 22.91
C PHE E 57 11.09 -7.05 22.65
N ASP E 58 10.29 -8.11 22.54
CA ASP E 58 10.83 -9.42 22.23
C ASP E 58 11.54 -9.44 20.88
N PHE E 59 10.95 -8.78 19.88
CA PHE E 59 11.59 -8.71 18.57
C PHE E 59 12.92 -7.97 18.66
N ASN E 60 12.96 -6.86 19.41
CA ASN E 60 14.21 -6.13 19.60
C ASN E 60 15.28 -7.03 20.23
N LYS E 61 14.91 -7.71 21.31
CA LYS E 61 15.85 -8.61 21.98
C LYS E 61 16.36 -9.69 21.03
N GLN E 62 15.45 -10.38 20.34
CA GLN E 62 15.85 -11.51 19.50
C GLN E 62 16.68 -11.03 18.30
N ALA E 63 16.31 -9.90 17.71
CA ALA E 63 17.08 -9.35 16.59
C ALA E 63 18.50 -9.00 17.03
N ILE E 64 18.63 -8.32 18.17
CA ILE E 64 19.95 -7.98 18.67
C ILE E 64 20.75 -9.24 18.97
N GLN E 65 20.11 -10.23 19.58
CA GLN E 65 20.82 -11.46 19.96
C GLN E 65 21.27 -12.26 18.74
N ARG E 66 20.38 -12.43 17.77
CA ARG E 66 20.60 -13.41 16.70
C ARG E 66 21.27 -12.83 15.48
N LEU E 67 21.12 -11.54 15.23
CA LEU E 67 21.77 -10.89 14.12
C LEU E 67 23.02 -10.18 14.62
N LYS E 68 23.91 -9.87 13.68
CA LYS E 68 25.10 -9.08 13.98
C LYS E 68 24.70 -7.62 13.93
N ALA E 69 24.60 -7.00 15.11
CA ALA E 69 24.14 -5.62 15.22
C ALA E 69 25.26 -4.65 14.86
N GLU E 70 24.90 -3.60 14.13
CA GLU E 70 25.81 -2.52 13.79
C GLU E 70 25.18 -1.21 14.21
N ALA E 71 26.04 -0.21 14.44
CA ALA E 71 25.55 1.07 14.94
C ALA E 71 24.54 1.70 13.99
N GLN E 72 24.67 1.44 12.70
CA GLN E 72 23.73 1.94 11.72
C GLN E 72 22.47 1.08 11.74
N MET E 73 21.33 1.73 11.88
CA MET E 73 20.07 0.98 11.82
C MET E 73 19.77 0.59 10.39
N SER E 74 19.41 -0.68 10.19
CA SER E 74 18.79 -1.11 8.95
C SER E 74 17.29 -0.92 9.16
N ILE E 75 16.76 0.20 8.67
CA ILE E 75 15.35 0.50 8.84
C ILE E 75 14.49 -0.49 8.05
N GLN E 76 15.09 -1.17 7.06
CA GLN E 76 14.37 -2.19 6.30
C GLN E 76 13.81 -3.28 7.21
N LEU E 77 14.58 -3.71 8.21
CA LEU E 77 14.17 -4.84 9.03
C LEU E 77 12.86 -4.55 9.76
N ILE E 78 12.80 -3.42 10.50
CA ILE E 78 11.58 -3.11 11.23
C ILE E 78 10.46 -2.75 10.26
N ASN E 79 10.80 -2.06 9.15
CA ASN E 79 9.78 -1.71 8.17
C ASN E 79 9.09 -2.95 7.62
N LYS E 80 9.80 -4.05 7.46
CA LYS E 80 9.16 -5.26 6.96
C LYS E 80 8.64 -6.17 8.07
N ALA E 81 9.02 -5.97 9.33
CA ALA E 81 8.54 -6.84 10.42
C ALA E 81 7.38 -6.26 11.23
N VAL E 82 7.11 -4.96 11.10
CA VAL E 82 6.22 -4.28 12.05
C VAL E 82 4.86 -4.96 12.12
N ASN E 83 4.25 -5.25 10.97
CA ASN E 83 2.89 -5.80 10.96
C ASN E 83 2.84 -7.24 11.43
N ALA E 84 3.96 -7.96 11.40
CA ALA E 84 4.06 -9.22 12.14
C ALA E 84 4.14 -8.98 13.64
N LEU E 85 4.56 -7.79 14.06
CA LEU E 85 4.75 -7.56 15.49
C LEU E 85 3.51 -6.95 16.17
N ILE E 86 2.79 -6.05 15.51
CA ILE E 86 1.74 -5.25 16.15
C ILE E 86 0.54 -5.09 15.22
N ASN E 87 -0.55 -4.60 15.80
CA ASN E 87 -1.74 -4.19 15.05
C ASN E 87 -1.66 -2.67 14.89
N ASP E 88 -1.34 -2.21 13.68
CA ASP E 88 -1.31 -0.75 13.47
C ASP E 88 -2.69 -0.11 13.60
N GLN E 89 -3.76 -0.88 13.48
CA GLN E 89 -5.08 -0.35 13.73
C GLN E 89 -5.33 -0.05 15.22
N LEU E 90 -4.55 -0.63 16.13
CA LEU E 90 -4.63 -0.24 17.53
C LEU E 90 -4.03 1.15 17.74
N ILE E 91 -2.89 1.41 17.09
CA ILE E 91 -2.37 2.76 17.06
C ILE E 91 -3.41 3.71 16.49
N MET E 92 -4.08 3.30 15.41
CA MET E 92 -5.12 4.15 14.82
C MET E 92 -6.27 4.37 15.79
N LYS E 93 -6.65 3.34 16.55
CA LYS E 93 -7.71 3.50 17.55
C LYS E 93 -7.35 4.59 18.52
N ASN E 94 -6.10 4.58 19.00
CA ASN E 94 -5.72 5.58 19.98
C ASN E 94 -5.58 6.98 19.36
N HIS E 95 -5.14 7.06 18.11
CA HIS E 95 -5.10 8.34 17.40
C HIS E 95 -6.50 8.94 17.25
N LEU E 96 -7.47 8.11 16.82
CA LEU E 96 -8.84 8.57 16.65
C LEU E 96 -9.45 8.98 17.98
N ARG E 97 -9.19 8.24 19.05
CA ARG E 97 -9.66 8.65 20.37
C ARG E 97 -9.03 9.98 20.78
N ASP E 98 -7.76 10.18 20.46
CA ASP E 98 -7.09 11.44 20.78
C ASP E 98 -7.76 12.62 20.09
N ILE E 99 -7.95 12.55 18.77
CA ILE E 99 -8.51 13.71 18.07
C ILE E 99 -9.97 13.96 18.44
N MET E 100 -10.67 12.96 18.98
CA MET E 100 -12.05 13.14 19.38
C MET E 100 -12.20 13.58 20.83
N GLY E 101 -11.10 13.81 21.53
CA GLY E 101 -11.16 14.24 22.91
C GLY E 101 -11.43 13.16 23.93
N ILE E 102 -11.34 11.90 23.54
CA ILE E 102 -11.54 10.73 24.40
C ILE E 102 -10.20 10.32 25.00
N PRO E 103 -10.13 9.89 26.26
CA PRO E 103 -8.85 9.42 26.81
C PRO E 103 -8.28 8.28 25.99
N TYR E 104 -6.97 8.32 25.78
CA TYR E 104 -6.32 7.40 24.86
C TYR E 104 -5.01 6.88 25.46
N CYS E 105 -4.50 5.82 24.86
CA CYS E 105 -3.26 5.18 25.29
C CYS E 105 -2.09 5.75 24.49
N ASN E 106 -1.10 6.30 25.20
CA ASN E 106 0.12 6.74 24.54
C ASN E 106 1.27 5.75 24.73
N TYR E 107 0.97 4.56 25.23
CA TYR E 107 1.80 3.36 25.28
C TYR E 107 2.93 3.41 26.32
N SER E 108 3.04 4.49 27.11
CA SER E 108 4.07 4.54 28.13
C SER E 108 3.71 3.70 29.36
N LYS E 109 2.50 3.85 29.88
CA LYS E 109 2.18 3.42 31.23
C LYS E 109 1.03 2.41 31.25
N TYR E 110 1.11 1.46 32.17
CA TYR E 110 0.16 0.36 32.26
C TYR E 110 -0.09 0.06 33.73
N TRP E 111 -1.28 -0.45 34.02
CA TRP E 111 -1.64 -0.86 35.37
C TRP E 111 -2.09 -2.31 35.34
N TYR E 112 -1.90 -2.98 36.47
CA TYR E 112 -2.34 -4.36 36.64
C TYR E 112 -2.64 -4.60 38.11
N LEU E 113 -3.41 -5.65 38.36
CA LEU E 113 -3.75 -6.06 39.72
C LEU E 113 -2.85 -7.22 40.11
N ASN E 114 -2.30 -7.16 41.31
CA ASN E 114 -1.36 -8.16 41.80
C ASN E 114 -1.90 -8.73 43.11
N HIS E 115 -2.21 -10.03 43.11
CA HIS E 115 -2.75 -10.68 44.31
C HIS E 115 -1.71 -10.64 45.43
N THR E 116 -2.09 -10.05 46.56
CA THR E 116 -1.13 -9.80 47.63
C THR E 116 -0.53 -11.09 48.18
N THR E 117 -1.25 -12.21 48.11
CA THR E 117 -0.76 -13.47 48.65
C THR E 117 -0.03 -14.30 47.60
N THR E 118 -0.75 -14.69 46.53
CA THR E 118 -0.22 -15.62 45.55
C THR E 118 0.62 -14.95 44.47
N GLY E 119 0.69 -13.62 44.44
CA GLY E 119 1.51 -12.94 43.46
C GLY E 119 1.06 -13.07 42.03
N ARG E 120 -0.14 -13.59 41.77
CA ARG E 120 -0.63 -13.71 40.41
C ARG E 120 -1.24 -12.38 39.95
N THR E 121 -1.06 -12.08 38.67
CA THR E 121 -1.40 -10.77 38.12
C THR E 121 -2.32 -10.90 36.92
N SER E 122 -3.01 -9.80 36.62
CA SER E 122 -3.74 -9.65 35.37
C SER E 122 -2.84 -9.09 34.28
N LEU E 123 -3.29 -9.22 33.04
CA LEU E 123 -2.55 -8.63 31.92
C LEU E 123 -2.55 -7.11 32.06
N PRO E 124 -1.40 -6.46 32.03
CA PRO E 124 -1.37 -4.99 32.19
C PRO E 124 -2.23 -4.30 31.13
N LYS E 125 -2.92 -3.25 31.56
CA LYS E 125 -3.77 -2.44 30.70
C LYS E 125 -3.24 -1.01 30.65
N CYS E 126 -3.33 -0.40 29.47
CA CYS E 126 -2.77 0.92 29.30
C CYS E 126 -3.41 1.93 30.24
N TRP E 127 -2.59 2.77 30.84
CA TRP E 127 -3.06 3.87 31.67
C TRP E 127 -3.30 5.07 30.77
N LEU E 128 -4.57 5.43 30.57
CA LEU E 128 -4.92 6.40 29.55
C LEU E 128 -4.55 7.83 29.99
N VAL E 129 -4.41 8.70 28.99
CA VAL E 129 -4.11 10.11 29.20
C VAL E 129 -5.23 10.97 28.61
N SER E 130 -5.34 12.18 29.14
CA SER E 130 -6.25 13.21 28.65
C SER E 130 -5.71 14.58 29.05
N ASN E 131 -5.85 15.57 28.17
CA ASN E 131 -5.43 16.94 28.42
C ASN E 131 -3.94 17.01 28.76
N GLY E 132 -3.15 16.07 28.30
CA GLY E 132 -1.75 16.04 28.64
C GLY E 132 -1.39 15.43 29.98
N SER E 133 -2.32 14.73 30.64
CA SER E 133 -1.99 14.07 31.90
C SER E 133 -2.66 12.71 31.99
N TYR E 134 -2.06 11.83 32.79
CA TYR E 134 -2.65 10.54 33.08
C TYR E 134 -3.95 10.71 33.85
N LEU E 135 -4.97 9.94 33.46
CA LEU E 135 -6.26 9.96 34.14
C LEU E 135 -6.09 9.60 35.61
N ASN E 136 -6.87 10.25 36.47
CA ASN E 136 -6.91 9.85 37.87
C ASN E 136 -7.54 8.47 38.01
N GLU E 137 -7.03 7.69 38.96
CA GLU E 137 -7.50 6.34 39.19
C GLU E 137 -9.01 6.30 39.44
N THR E 138 -9.57 7.35 40.04
CA THR E 138 -11.01 7.41 40.25
C THR E 138 -11.80 7.46 38.95
N HIS E 139 -11.19 7.89 37.85
CA HIS E 139 -11.93 7.95 36.59
C HIS E 139 -12.15 6.56 36.00
N PHE E 140 -11.24 5.61 36.23
CA PHE E 140 -11.38 4.26 35.68
C PHE E 140 -11.37 3.18 36.77
N SER E 141 -11.75 3.54 37.99
CA SER E 141 -11.91 2.52 39.04
C SER E 141 -12.95 1.47 38.66
N ASP E 142 -13.91 1.82 37.80
CA ASP E 142 -14.87 0.82 37.33
C ASP E 142 -14.19 -0.25 36.49
N ASP E 143 -13.31 0.15 35.58
CA ASP E 143 -12.53 -0.82 34.82
C ASP E 143 -11.64 -1.65 35.74
N ILE E 144 -11.07 -1.01 36.77
CA ILE E 144 -10.23 -1.75 37.72
C ILE E 144 -11.04 -2.83 38.43
N GLU E 145 -12.24 -2.48 38.91
CA GLU E 145 -13.10 -3.47 39.55
C GLU E 145 -13.49 -4.58 38.59
N GLN E 146 -13.79 -4.22 37.33
CA GLN E 146 -14.10 -5.23 36.34
C GLN E 146 -12.94 -6.21 36.18
N GLN E 147 -11.70 -5.70 36.16
CA GLN E 147 -10.55 -6.59 36.05
C GLN E 147 -10.40 -7.49 37.28
N ALA E 148 -10.67 -6.97 38.48
CA ALA E 148 -10.59 -7.80 39.67
C ALA E 148 -11.62 -8.95 39.62
N ASP E 149 -12.86 -8.61 39.25
CA ASP E 149 -13.90 -9.63 39.10
C ASP E 149 -13.51 -10.64 38.03
N ASN E 150 -12.95 -10.16 36.91
CA ASN E 150 -12.53 -11.07 35.86
C ASN E 150 -11.44 -12.01 36.34
N MET E 151 -10.49 -11.51 37.13
CA MET E 151 -9.44 -12.36 37.66
C MET E 151 -10.04 -13.51 38.46
N ILE E 152 -10.97 -13.19 39.36
CA ILE E 152 -11.59 -14.24 40.16
C ILE E 152 -12.32 -15.26 39.27
N THR E 153 -13.20 -14.76 38.40
CA THR E 153 -14.04 -15.67 37.63
C THR E 153 -13.22 -16.53 36.67
N GLU E 154 -12.24 -15.93 35.99
CA GLU E 154 -11.40 -16.68 35.06
C GLU E 154 -10.57 -17.72 35.79
N MET E 155 -10.11 -17.42 37.00
CA MET E 155 -9.41 -18.44 37.78
C MET E 155 -10.31 -19.64 38.04
N LEU E 156 -11.53 -19.39 38.54
CA LEU E 156 -12.44 -20.49 38.82
C LEU E 156 -12.76 -21.29 37.55
N GLN E 157 -12.97 -20.60 36.44
CA GLN E 157 -13.32 -21.25 35.19
C GLN E 157 -12.15 -22.07 34.62
N LYS E 158 -10.91 -21.59 34.81
CA LYS E 158 -9.74 -22.38 34.44
C LYS E 158 -9.67 -23.66 35.24
N GLU E 159 -9.95 -23.57 36.54
CA GLU E 159 -10.02 -24.77 37.36
C GLU E 159 -11.02 -25.79 36.78
N TYR E 160 -12.20 -25.31 36.39
CA TYR E 160 -13.19 -26.19 35.77
C TYR E 160 -12.69 -26.80 34.47
N MET E 161 -12.10 -25.98 33.60
CA MET E 161 -11.63 -26.47 32.30
C MET E 161 -10.54 -27.52 32.46
N GLU E 162 -9.63 -27.32 33.40
CA GLU E 162 -8.62 -28.32 33.69
C GLU E 162 -9.25 -29.63 34.14
N ARG E 163 -10.25 -29.57 35.01
CA ARG E 163 -10.91 -30.83 35.40
C ARG E 163 -11.56 -31.50 34.20
N GLN E 164 -12.19 -30.71 33.33
CA GLN E 164 -12.86 -31.28 32.16
C GLN E 164 -11.86 -31.92 31.21
N GLY E 165 -10.63 -31.44 31.19
CA GLY E 165 -9.63 -32.07 30.35
C GLY E 165 -9.03 -33.34 30.92
N LYS E 166 -9.38 -33.71 32.13
CA LYS E 166 -8.79 -34.86 32.79
C LYS E 166 -9.80 -35.91 33.19
N THR E 167 -10.99 -35.50 33.64
CA THR E 167 -12.01 -36.43 34.10
C THR E 167 -13.06 -36.56 33.03
N PRO E 168 -13.23 -37.73 32.41
CA PRO E 168 -14.21 -37.85 31.33
C PRO E 168 -15.63 -37.65 31.83
N LEU E 169 -16.45 -37.04 30.97
CA LEU E 169 -17.86 -36.85 31.28
C LEU E 169 -18.56 -38.17 31.55
N GLY E 170 -18.14 -39.24 30.88
CA GLY E 170 -18.75 -40.54 31.11
C GLY E 170 -18.51 -41.06 32.51
N LEU E 171 -17.35 -40.76 33.09
CA LEU E 171 -17.09 -41.21 34.45
C LEU E 171 -18.02 -40.51 35.45
N VAL E 172 -18.29 -39.23 35.23
CA VAL E 172 -19.26 -38.53 36.07
C VAL E 172 -20.65 -39.11 35.88
N ASP E 173 -21.04 -39.37 34.62
CA ASP E 173 -22.33 -40.00 34.36
C ASP E 173 -22.46 -41.31 35.14
N LEU E 174 -21.41 -42.13 35.09
CA LEU E 174 -21.45 -43.42 35.79
C LEU E 174 -21.55 -43.23 37.30
N PHE E 175 -20.79 -42.27 37.85
CA PHE E 175 -20.84 -42.06 39.29
C PHE E 175 -22.24 -41.64 39.72
N VAL E 176 -22.84 -40.71 38.99
CA VAL E 176 -24.17 -40.21 39.33
C VAL E 176 -25.21 -41.33 39.21
N PHE E 177 -25.14 -42.12 38.15
CA PHE E 177 -26.13 -43.18 37.95
C PHE E 177 -25.96 -44.29 38.98
N SER E 178 -24.71 -44.63 39.33
CA SER E 178 -24.48 -45.63 40.37
C SER E 178 -25.03 -45.16 41.71
N THR E 179 -24.81 -43.88 42.04
CA THR E 179 -25.36 -43.34 43.28
C THR E 179 -26.88 -43.38 43.27
N SER E 180 -27.50 -43.05 42.13
CA SER E 180 -28.96 -43.11 42.04
C SER E 180 -29.46 -44.53 42.23
N PHE E 181 -28.79 -45.51 41.61
CA PHE E 181 -29.18 -46.91 41.78
C PHE E 181 -29.05 -47.33 43.24
N TYR E 182 -27.98 -46.91 43.90
CA TYR E 182 -27.81 -47.23 45.32
C TYR E 182 -28.91 -46.60 46.18
N LEU E 183 -29.30 -45.37 45.85
CA LEU E 183 -30.39 -44.72 46.59
C LEU E 183 -31.70 -45.47 46.39
N ILE E 184 -31.99 -45.90 45.16
CA ILE E 184 -33.18 -46.70 44.92
C ILE E 184 -33.13 -47.98 45.73
N SER E 185 -31.95 -48.61 45.80
CA SER E 185 -31.81 -49.84 46.57
C SER E 185 -32.06 -49.61 48.05
N ILE E 186 -31.53 -48.53 48.60
CA ILE E 186 -31.73 -48.28 50.04
C ILE E 186 -33.19 -47.94 50.32
N PHE E 187 -33.89 -47.33 49.35
CA PHE E 187 -35.33 -47.17 49.52
C PHE E 187 -36.02 -48.53 49.53
N LEU E 188 -35.60 -49.43 48.65
CA LEU E 188 -36.16 -50.78 48.66
C LEU E 188 -35.93 -51.46 50.00
N HIS E 189 -34.76 -51.22 50.61
CA HIS E 189 -34.47 -51.77 51.93
C HIS E 189 -35.42 -51.20 52.98
N LEU E 190 -35.70 -49.90 52.91
CA LEU E 190 -36.58 -49.27 53.88
C LEU E 190 -38.04 -49.37 53.44
N GLY F 1 -3.65 -5.22 9.47
CA GLY F 1 -4.03 -5.34 10.85
C GLY F 1 -5.46 -5.82 11.08
N THR F 2 -6.03 -5.46 12.23
CA THR F 2 -7.33 -5.94 12.66
C THR F 2 -8.15 -4.76 13.19
N PHE F 3 -9.47 -4.81 12.94
CA PHE F 3 -10.36 -3.76 13.43
C PHE F 3 -10.25 -3.63 14.95
N THR F 4 -10.44 -2.41 15.44
CA THR F 4 -10.25 -2.09 16.85
C THR F 4 -11.36 -1.22 17.45
N TRP F 5 -12.22 -0.61 16.63
CA TRP F 5 -13.20 0.34 17.14
C TRP F 5 -14.19 -0.33 18.08
N THR F 6 -14.37 0.25 19.26
CA THR F 6 -15.31 -0.25 20.25
C THR F 6 -16.61 0.55 20.18
N LEU F 7 -17.73 -0.16 20.18
CA LEU F 7 -19.03 0.48 20.08
C LEU F 7 -19.28 1.42 21.26
N SER F 8 -19.97 2.52 21.00
CA SER F 8 -20.37 3.41 22.07
C SER F 8 -21.46 2.75 22.92
N ASP F 9 -21.75 3.37 24.07
CA ASP F 9 -22.74 2.80 24.98
C ASP F 9 -24.15 2.93 24.39
N SER F 10 -24.96 1.90 24.61
CA SER F 10 -26.33 1.89 24.11
C SER F 10 -27.26 2.61 25.09
N THR F 15 -31.27 -3.63 27.10
CA THR F 15 -29.92 -3.98 26.67
C THR F 15 -28.89 -3.03 27.26
N PRO F 16 -28.45 -3.30 28.50
CA PRO F 16 -27.41 -2.46 29.11
C PRO F 16 -26.14 -2.40 28.29
N GLY F 17 -25.51 -3.55 28.05
CA GLY F 17 -24.24 -3.59 27.33
C GLY F 17 -24.37 -3.90 25.85
N GLY F 18 -25.55 -3.71 25.28
CA GLY F 18 -25.82 -4.04 23.89
C GLY F 18 -25.57 -2.88 22.95
N TYR F 19 -26.40 -2.80 21.90
CA TYR F 19 -26.31 -1.69 20.96
C TYR F 19 -27.66 -1.51 20.29
N CYS F 20 -28.06 -0.25 20.13
CA CYS F 20 -29.35 0.08 19.52
C CYS F 20 -29.13 0.79 18.19
N LEU F 21 -29.74 0.24 17.14
CA LEU F 21 -29.91 0.96 15.89
C LEU F 21 -31.12 1.87 16.01
N THR F 22 -30.90 3.17 15.93
CA THR F 22 -31.97 4.13 16.05
C THR F 22 -32.83 4.16 14.79
N ARG F 23 -33.87 4.97 14.83
CA ARG F 23 -34.87 4.96 13.78
C ARG F 23 -34.33 5.56 12.49
N TRP F 24 -33.38 6.50 12.58
CA TRP F 24 -32.78 7.05 11.38
C TRP F 24 -31.89 6.02 10.68
N MET F 25 -31.20 5.18 11.45
CA MET F 25 -30.27 4.20 10.91
C MET F 25 -30.95 3.06 10.14
N LEU F 26 -32.27 2.95 10.21
CA LEU F 26 -33.01 1.87 9.57
C LEU F 26 -33.98 2.41 8.53
N ILE F 27 -34.36 1.54 7.60
CA ILE F 27 -35.24 1.97 6.51
C ILE F 27 -36.68 2.12 7.00
N GLU F 28 -37.20 1.13 7.71
CA GLU F 28 -38.49 1.28 8.38
C GLU F 28 -38.32 2.08 9.67
N ALA F 29 -39.45 2.50 10.24
CA ALA F 29 -39.46 3.43 11.36
C ALA F 29 -39.66 2.67 12.67
N GLU F 30 -38.56 2.27 13.30
CA GLU F 30 -38.59 1.77 14.66
C GLU F 30 -37.16 1.57 15.17
N LEU F 31 -36.99 1.81 16.46
CA LEU F 31 -35.74 1.50 17.14
C LEU F 31 -35.55 -0.02 17.25
N LYS F 32 -34.31 -0.48 17.11
CA LYS F 32 -34.01 -1.91 17.21
C LYS F 32 -32.79 -2.09 18.09
N CYS F 33 -32.98 -2.65 19.29
CA CYS F 33 -31.91 -2.82 20.26
C CYS F 33 -31.51 -4.28 20.34
N PHE F 34 -30.20 -4.52 20.45
CA PHE F 34 -29.64 -5.86 20.52
C PHE F 34 -28.86 -6.02 21.81
N GLY F 35 -28.97 -7.20 22.41
CA GLY F 35 -28.39 -7.46 23.72
C GLY F 35 -26.90 -7.72 23.68
N ASN F 36 -26.32 -7.76 24.88
CA ASN F 36 -24.88 -7.86 25.03
C ASN F 36 -24.34 -9.16 24.45
N THR F 37 -25.15 -10.22 24.41
CA THR F 37 -24.70 -11.49 23.85
C THR F 37 -24.36 -11.36 22.38
N ALA F 38 -25.28 -10.81 21.59
CA ALA F 38 -25.01 -10.63 20.16
C ALA F 38 -23.86 -9.67 19.93
N VAL F 39 -23.85 -8.57 20.68
CA VAL F 39 -22.88 -7.50 20.45
C VAL F 39 -21.47 -7.93 20.86
N ALA F 40 -21.35 -8.79 21.87
CA ALA F 40 -20.02 -9.27 22.27
C ALA F 40 -19.36 -10.09 21.18
N LYS F 41 -20.16 -10.81 20.37
CA LYS F 41 -19.61 -11.52 19.22
C LYS F 41 -18.92 -10.57 18.25
N CYS F 42 -19.45 -9.35 18.10
CA CYS F 42 -18.84 -8.37 17.22
C CYS F 42 -17.42 -8.01 17.65
N ASN F 43 -17.11 -8.16 18.93
CA ASN F 43 -15.78 -7.82 19.43
C ASN F 43 -14.70 -8.77 18.94
N GLU F 44 -15.07 -9.98 18.52
CA GLU F 44 -14.06 -11.00 18.21
C GLU F 44 -14.21 -11.67 16.85
N LYS F 45 -15.39 -11.66 16.22
CA LYS F 45 -15.56 -12.32 14.93
C LYS F 45 -14.89 -11.51 13.81
N HIS F 46 -14.50 -12.20 12.75
CA HIS F 46 -13.86 -11.55 11.62
C HIS F 46 -14.69 -11.60 10.34
N ASP F 47 -15.80 -12.33 10.32
CA ASP F 47 -16.54 -12.55 9.08
C ASP F 47 -18.02 -12.18 9.20
N GLU F 48 -18.37 -11.33 10.16
CA GLU F 48 -19.75 -10.88 10.34
C GLU F 48 -19.90 -9.49 9.73
N GLU F 49 -20.64 -9.41 8.63
CA GLU F 49 -20.85 -8.14 7.95
C GLU F 49 -21.58 -7.13 8.84
N PHE F 50 -22.59 -7.61 9.59
CA PHE F 50 -23.38 -6.72 10.43
C PHE F 50 -22.52 -6.01 11.48
N CYS F 51 -21.51 -6.70 12.01
CA CYS F 51 -20.61 -6.07 12.97
C CYS F 51 -19.79 -4.96 12.33
N ASP F 52 -19.29 -5.19 11.11
CA ASP F 52 -18.61 -4.12 10.39
C ASP F 52 -19.54 -2.93 10.21
N MET F 53 -20.81 -3.18 9.87
CA MET F 53 -21.74 -2.07 9.67
C MET F 53 -22.06 -1.35 10.98
N LEU F 54 -22.17 -2.11 12.09
CA LEU F 54 -22.36 -1.48 13.38
C LEU F 54 -21.22 -0.53 13.69
N ARG F 55 -19.99 -0.99 13.47
CA ARG F 55 -18.83 -0.13 13.73
C ARG F 55 -18.85 1.11 12.84
N LEU F 56 -19.22 0.95 11.56
CA LEU F 56 -19.34 2.09 10.66
C LEU F 56 -20.36 3.11 11.17
N PHE F 57 -21.56 2.65 11.52
CA PHE F 57 -22.60 3.57 11.99
C PHE F 57 -22.17 4.26 13.29
N ASP F 58 -21.57 3.50 14.21
CA ASP F 58 -21.14 4.09 15.47
C ASP F 58 -20.05 5.13 15.26
N PHE F 59 -19.09 4.86 14.37
CA PHE F 59 -18.05 5.83 14.06
C PHE F 59 -18.65 7.10 13.45
N ASN F 60 -19.63 6.95 12.56
CA ASN F 60 -20.32 8.11 12.01
C ASN F 60 -20.94 8.95 13.13
N LYS F 61 -21.68 8.28 14.02
CA LYS F 61 -22.33 8.97 15.13
C LYS F 61 -21.32 9.70 16.00
N GLN F 62 -20.25 9.00 16.39
CA GLN F 62 -19.27 9.58 17.31
C GLN F 62 -18.51 10.73 16.67
N ALA F 63 -18.17 10.60 15.38
CA ALA F 63 -17.48 11.69 14.69
C ALA F 63 -18.37 12.93 14.58
N ILE F 64 -19.64 12.73 14.23
CA ILE F 64 -20.55 13.86 14.13
C ILE F 64 -20.73 14.52 15.50
N GLN F 65 -20.84 13.70 16.55
CA GLN F 65 -21.05 14.24 17.89
C GLN F 65 -19.81 14.98 18.41
N ARG F 66 -18.62 14.41 18.22
CA ARG F 66 -17.42 14.88 18.92
C ARG F 66 -16.56 15.82 18.09
N LEU F 67 -16.70 15.81 16.78
CA LEU F 67 -16.02 16.74 15.90
C LEU F 67 -17.02 17.77 15.39
N LYS F 68 -16.52 18.96 15.11
CA LYS F 68 -17.36 20.00 14.53
C LYS F 68 -17.63 19.61 13.07
N ALA F 69 -18.80 19.03 12.82
CA ALA F 69 -19.15 18.58 11.49
C ALA F 69 -19.46 19.77 10.59
N GLU F 70 -19.06 19.66 9.32
CA GLU F 70 -19.36 20.67 8.31
C GLU F 70 -19.90 19.98 7.07
N ALA F 71 -20.55 20.77 6.21
CA ALA F 71 -21.15 20.23 5.00
C ALA F 71 -20.12 19.64 4.05
N GLN F 72 -18.88 20.11 4.12
CA GLN F 72 -17.81 19.57 3.29
C GLN F 72 -17.21 18.35 3.96
N MET F 73 -17.23 17.22 3.26
CA MET F 73 -16.67 16.00 3.83
C MET F 73 -15.15 16.05 3.83
N SER F 74 -14.56 15.61 4.94
CA SER F 74 -13.13 15.38 5.03
C SER F 74 -12.90 13.90 4.72
N ILE F 75 -12.65 13.60 3.44
CA ILE F 75 -12.42 12.22 3.02
C ILE F 75 -11.21 11.62 3.72
N GLN F 76 -10.29 12.46 4.20
CA GLN F 76 -9.11 11.99 4.90
C GLN F 76 -9.47 11.19 6.14
N LEU F 77 -10.49 11.63 6.88
CA LEU F 77 -10.85 10.96 8.13
C LEU F 77 -11.25 9.51 7.90
N ILE F 78 -12.23 9.27 7.02
CA ILE F 78 -12.66 7.90 6.78
C ILE F 78 -11.53 7.12 6.13
N ASN F 79 -10.78 7.77 5.23
CA ASN F 79 -9.68 7.08 4.55
C ASN F 79 -8.67 6.55 5.55
N LYS F 80 -8.40 7.27 6.63
CA LYS F 80 -7.49 6.73 7.62
C LYS F 80 -8.14 5.86 8.69
N ALA F 81 -9.47 5.91 8.88
CA ALA F 81 -10.10 5.10 9.93
C ALA F 81 -10.72 3.79 9.44
N VAL F 82 -10.88 3.58 8.14
CA VAL F 82 -11.72 2.49 7.66
C VAL F 82 -11.23 1.14 8.18
N ASN F 83 -9.91 0.88 8.14
CA ASN F 83 -9.38 -0.41 8.57
C ASN F 83 -9.46 -0.61 10.07
N ALA F 84 -9.55 0.46 10.85
CA ALA F 84 -9.93 0.31 12.25
C ALA F 84 -11.41 -0.03 12.40
N LEU F 85 -12.22 0.28 11.41
CA LEU F 85 -13.65 0.03 11.55
C LEU F 85 -14.10 -1.33 11.02
N ILE F 86 -13.62 -1.75 9.85
CA ILE F 86 -14.15 -2.90 9.14
C ILE F 86 -13.01 -3.78 8.64
N ASN F 87 -13.37 -4.99 8.21
CA ASN F 87 -12.46 -5.92 7.54
C ASN F 87 -12.71 -5.82 6.03
N ASP F 88 -11.78 -5.17 5.31
CA ASP F 88 -11.97 -5.02 3.87
C ASP F 88 -11.92 -6.36 3.13
N GLN F 89 -11.32 -7.38 3.74
CA GLN F 89 -11.36 -8.72 3.16
C GLN F 89 -12.75 -9.34 3.22
N LEU F 90 -13.62 -8.87 4.12
CA LEU F 90 -15.01 -9.34 4.08
C LEU F 90 -15.73 -8.78 2.85
N ILE F 91 -15.50 -7.51 2.55
CA ILE F 91 -15.98 -6.95 1.29
C ILE F 91 -15.41 -7.76 0.12
N MET F 92 -14.13 -8.15 0.21
CA MET F 92 -13.53 -8.93 -0.88
C MET F 92 -14.15 -10.32 -0.97
N LYS F 93 -14.47 -10.95 0.16
CA LYS F 93 -15.15 -12.24 0.13
C LYS F 93 -16.47 -12.15 -0.62
N ASN F 94 -17.25 -11.10 -0.35
CA ASN F 94 -18.52 -10.96 -1.05
C ASN F 94 -18.32 -10.65 -2.54
N HIS F 95 -17.32 -9.83 -2.87
CA HIS F 95 -17.00 -9.57 -4.28
C HIS F 95 -16.64 -10.86 -5.02
N LEU F 96 -15.78 -11.69 -4.41
CA LEU F 96 -15.37 -12.94 -5.01
C LEU F 96 -16.54 -13.92 -5.16
N ARG F 97 -17.41 -13.98 -4.15
CA ARG F 97 -18.63 -14.79 -4.29
C ARG F 97 -19.50 -14.29 -5.44
N ASP F 98 -19.62 -12.97 -5.57
CA ASP F 98 -20.43 -12.39 -6.64
C ASP F 98 -19.91 -12.79 -8.01
N ILE F 99 -18.61 -12.60 -8.25
CA ILE F 99 -18.08 -12.91 -9.58
C ILE F 99 -18.06 -14.42 -9.86
N MET F 100 -18.14 -15.26 -8.84
CA MET F 100 -18.24 -16.70 -9.03
C MET F 100 -19.68 -17.19 -9.11
N GLY F 101 -20.66 -16.30 -9.08
CA GLY F 101 -22.04 -16.70 -9.12
C GLY F 101 -22.58 -17.33 -7.84
N ILE F 102 -21.83 -17.25 -6.75
CA ILE F 102 -22.27 -17.73 -5.43
C ILE F 102 -23.13 -16.63 -4.79
N PRO F 103 -24.21 -16.96 -4.09
CA PRO F 103 -24.99 -15.93 -3.39
C PRO F 103 -24.13 -15.11 -2.45
N TYR F 104 -24.34 -13.80 -2.43
CA TYR F 104 -23.45 -12.91 -1.71
C TYR F 104 -24.24 -11.81 -1.00
N CYS F 105 -23.55 -11.16 -0.07
CA CYS F 105 -24.11 -10.11 0.76
C CYS F 105 -23.79 -8.75 0.16
N ASN F 106 -24.81 -7.93 -0.09
CA ASN F 106 -24.53 -6.56 -0.51
C ASN F 106 -24.70 -5.55 0.63
N TYR F 107 -24.88 -6.01 1.85
CA TYR F 107 -24.82 -5.28 3.12
C TYR F 107 -26.09 -4.47 3.43
N SER F 108 -27.12 -4.49 2.58
CA SER F 108 -28.34 -3.77 2.89
C SER F 108 -29.18 -4.45 3.96
N LYS F 109 -29.44 -5.74 3.80
CA LYS F 109 -30.52 -6.41 4.52
C LYS F 109 -29.98 -7.57 5.38
N TYR F 110 -30.56 -7.74 6.56
CA TYR F 110 -30.10 -8.71 7.54
C TYR F 110 -31.29 -9.43 8.17
N TRP F 111 -31.09 -10.67 8.61
CA TRP F 111 -32.13 -11.43 9.27
C TRP F 111 -31.63 -11.92 10.62
N TYR F 112 -32.57 -12.10 11.54
CA TYR F 112 -32.27 -12.55 12.88
C TYR F 112 -33.49 -13.24 13.47
N LEU F 113 -33.25 -14.05 14.48
CA LEU F 113 -34.31 -14.75 15.20
C LEU F 113 -34.61 -14.01 16.51
N ASN F 114 -35.90 -13.79 16.78
CA ASN F 114 -36.32 -13.07 17.96
C ASN F 114 -37.25 -13.97 18.76
N HIS F 115 -36.88 -14.24 20.01
CA HIS F 115 -37.68 -15.12 20.85
C HIS F 115 -39.01 -14.46 21.18
N THR F 116 -40.11 -15.15 20.90
CA THR F 116 -41.43 -14.54 21.01
C THR F 116 -41.71 -14.03 22.42
N THR F 117 -41.30 -14.78 23.44
CA THR F 117 -41.63 -14.41 24.81
C THR F 117 -40.61 -13.46 25.43
N THR F 118 -39.33 -13.78 25.30
CA THR F 118 -38.29 -13.07 26.03
C THR F 118 -37.62 -11.97 25.21
N GLY F 119 -37.85 -11.89 23.91
CA GLY F 119 -37.30 -10.82 23.11
C GLY F 119 -35.81 -10.88 22.88
N ARG F 120 -35.15 -11.98 23.22
CA ARG F 120 -33.74 -12.14 22.93
C ARG F 120 -33.56 -12.49 21.45
N THR F 121 -32.45 -12.02 20.88
CA THR F 121 -32.23 -12.13 19.45
C THR F 121 -30.86 -12.70 19.14
N SER F 122 -30.75 -13.38 18.00
CA SER F 122 -29.46 -13.73 17.46
C SER F 122 -28.79 -12.50 16.85
N LEU F 123 -27.49 -12.59 16.64
CA LEU F 123 -26.79 -11.55 15.91
C LEU F 123 -27.26 -11.54 14.46
N PRO F 124 -27.73 -10.41 13.94
CA PRO F 124 -28.28 -10.39 12.58
C PRO F 124 -27.25 -10.88 11.56
N LYS F 125 -27.73 -11.66 10.60
CA LYS F 125 -26.93 -12.21 9.52
C LYS F 125 -27.37 -11.61 8.19
N CYS F 126 -26.41 -11.34 7.32
CA CYS F 126 -26.74 -10.73 6.04
C CYS F 126 -27.69 -11.62 5.23
N TRP F 127 -28.69 -10.99 4.63
CA TRP F 127 -29.63 -11.67 3.75
C TRP F 127 -29.09 -11.61 2.33
N LEU F 128 -28.74 -12.76 1.78
CA LEU F 128 -27.93 -12.85 0.58
C LEU F 128 -28.76 -12.57 -0.68
N VAL F 129 -28.06 -12.13 -1.73
CA VAL F 129 -28.61 -11.87 -3.04
C VAL F 129 -27.93 -12.75 -4.08
N SER F 130 -28.59 -12.88 -5.22
CA SER F 130 -28.07 -13.58 -6.39
C SER F 130 -28.97 -13.26 -7.58
N ASN F 131 -28.36 -13.04 -8.73
CA ASN F 131 -29.08 -12.71 -9.97
C ASN F 131 -30.02 -11.52 -9.78
N GLY F 132 -29.66 -10.60 -8.90
CA GLY F 132 -30.41 -9.37 -8.74
C GLY F 132 -31.57 -9.41 -7.78
N SER F 133 -31.75 -10.48 -7.00
CA SER F 133 -32.80 -10.52 -5.99
C SER F 133 -32.30 -11.20 -4.73
N TYR F 134 -32.93 -10.86 -3.60
CA TYR F 134 -32.66 -11.57 -2.35
C TYR F 134 -33.11 -13.03 -2.47
N LEU F 135 -32.37 -13.92 -1.82
CA LEU F 135 -32.79 -15.32 -1.78
C LEU F 135 -34.15 -15.46 -1.13
N ASN F 136 -34.90 -16.46 -1.55
CA ASN F 136 -36.07 -16.86 -0.78
C ASN F 136 -35.63 -17.52 0.52
N GLU F 137 -36.47 -17.36 1.55
CA GLU F 137 -36.18 -17.93 2.86
C GLU F 137 -35.85 -19.42 2.77
N THR F 138 -36.62 -20.17 1.98
CA THR F 138 -36.45 -21.62 1.89
C THR F 138 -35.08 -22.02 1.36
N HIS F 139 -34.40 -21.14 0.63
CA HIS F 139 -33.07 -21.48 0.15
C HIS F 139 -32.02 -21.49 1.25
N PHE F 140 -32.24 -20.77 2.35
CA PHE F 140 -31.27 -20.77 3.44
C PHE F 140 -31.90 -21.13 4.79
N SER F 141 -33.07 -21.76 4.78
CA SER F 141 -33.72 -22.14 6.04
C SER F 141 -32.80 -23.00 6.91
N ASP F 142 -31.94 -23.80 6.28
CA ASP F 142 -30.96 -24.58 7.03
C ASP F 142 -30.11 -23.68 7.91
N ASP F 143 -29.51 -22.64 7.33
CA ASP F 143 -28.77 -21.68 8.14
C ASP F 143 -29.65 -21.16 9.27
N ILE F 144 -30.90 -20.81 8.94
CA ILE F 144 -31.81 -20.32 9.98
C ILE F 144 -31.93 -21.34 11.08
N GLU F 145 -32.20 -22.60 10.71
CA GLU F 145 -32.37 -23.62 11.74
C GLU F 145 -31.11 -23.75 12.58
N GLN F 146 -29.95 -23.72 11.93
CA GLN F 146 -28.71 -23.78 12.69
C GLN F 146 -28.62 -22.63 13.67
N GLN F 147 -28.95 -21.42 13.21
CA GLN F 147 -29.00 -20.27 14.11
C GLN F 147 -29.90 -20.56 15.29
N ALA F 148 -31.10 -21.08 15.03
CA ALA F 148 -32.01 -21.39 16.12
C ALA F 148 -31.32 -22.31 17.12
N ASP F 149 -30.75 -23.42 16.61
CA ASP F 149 -30.06 -24.35 17.48
C ASP F 149 -29.01 -23.63 18.31
N ASN F 150 -28.17 -22.84 17.63
CA ASN F 150 -27.08 -22.15 18.29
C ASN F 150 -27.59 -21.41 19.52
N MET F 151 -28.66 -20.62 19.32
CA MET F 151 -29.19 -19.82 20.41
C MET F 151 -29.36 -20.68 21.65
N ILE F 152 -30.17 -21.74 21.53
CA ILE F 152 -30.46 -22.56 22.69
C ILE F 152 -29.16 -23.06 23.32
N THR F 153 -28.31 -23.70 22.51
CA THR F 153 -27.10 -24.28 23.09
C THR F 153 -26.28 -23.21 23.78
N GLU F 154 -26.06 -22.08 23.10
CA GLU F 154 -25.23 -21.05 23.69
C GLU F 154 -25.85 -20.57 24.99
N MET F 155 -27.16 -20.35 24.99
CA MET F 155 -27.83 -19.90 26.20
C MET F 155 -27.56 -20.88 27.33
N LEU F 156 -27.79 -22.16 27.08
CA LEU F 156 -27.54 -23.16 28.11
C LEU F 156 -26.09 -23.09 28.56
N GLN F 157 -25.17 -23.06 27.59
CA GLN F 157 -23.75 -23.05 27.93
C GLN F 157 -23.43 -21.83 28.78
N LYS F 158 -24.02 -20.68 28.45
CA LYS F 158 -23.70 -19.47 29.19
C LYS F 158 -24.01 -19.65 30.68
N GLU F 159 -25.17 -20.24 30.98
CA GLU F 159 -25.51 -20.47 32.38
C GLU F 159 -24.40 -21.24 33.09
N TYR F 160 -23.95 -22.34 32.46
CA TYR F 160 -22.86 -23.11 33.06
C TYR F 160 -21.64 -22.24 33.28
N MET F 161 -21.26 -21.46 32.27
CA MET F 161 -20.06 -20.67 32.40
C MET F 161 -20.21 -19.70 33.57
N GLU F 162 -21.39 -19.09 33.71
CA GLU F 162 -21.61 -18.18 34.83
C GLU F 162 -21.46 -18.92 36.15
N ARG F 163 -22.06 -20.10 36.26
CA ARG F 163 -21.93 -20.88 37.48
C ARG F 163 -20.46 -21.16 37.78
N GLN F 164 -19.67 -21.46 36.74
CA GLN F 164 -18.28 -21.80 36.95
C GLN F 164 -17.50 -20.62 37.49
N GLY F 165 -17.95 -19.40 37.20
CA GLY F 165 -17.27 -18.24 37.72
C GLY F 165 -17.60 -17.90 39.15
N LYS F 166 -18.60 -18.56 39.73
CA LYS F 166 -19.08 -18.25 41.07
C LYS F 166 -18.85 -19.36 42.07
N THR F 167 -19.10 -20.62 41.68
CA THR F 167 -18.94 -21.75 42.58
C THR F 167 -17.60 -22.41 42.30
N PRO F 168 -16.70 -22.50 43.27
CA PRO F 168 -15.41 -23.15 43.00
C PRO F 168 -15.56 -24.64 42.82
N LEU F 169 -14.70 -25.20 41.97
CA LEU F 169 -14.66 -26.65 41.80
C LEU F 169 -14.29 -27.36 43.10
N GLY F 170 -13.51 -26.69 43.96
CA GLY F 170 -13.24 -27.26 45.27
C GLY F 170 -14.50 -27.54 46.06
N LEU F 171 -15.47 -26.62 45.99
CA LEU F 171 -16.72 -26.82 46.72
C LEU F 171 -17.54 -27.97 46.13
N VAL F 172 -17.56 -28.10 44.81
CA VAL F 172 -18.24 -29.24 44.20
C VAL F 172 -17.60 -30.54 44.65
N ASP F 173 -16.27 -30.57 44.66
CA ASP F 173 -15.56 -31.77 45.11
C ASP F 173 -15.85 -32.08 46.57
N LEU F 174 -15.90 -31.04 47.42
CA LEU F 174 -16.20 -31.25 48.83
C LEU F 174 -17.62 -31.79 49.03
N PHE F 175 -18.59 -31.24 48.29
CA PHE F 175 -19.96 -31.74 48.41
C PHE F 175 -20.06 -33.18 47.94
N VAL F 176 -19.40 -33.51 46.83
CA VAL F 176 -19.45 -34.88 46.32
C VAL F 176 -18.81 -35.85 47.31
N PHE F 177 -17.65 -35.48 47.86
CA PHE F 177 -16.99 -36.35 48.84
C PHE F 177 -17.84 -36.53 50.08
N SER F 178 -18.44 -35.45 50.59
CA SER F 178 -19.25 -35.55 51.80
C SER F 178 -20.46 -36.43 51.57
N THR F 179 -21.11 -36.29 50.40
CA THR F 179 -22.25 -37.16 50.09
C THR F 179 -21.83 -38.62 50.01
N SER F 180 -20.69 -38.90 49.37
CA SER F 180 -20.23 -40.29 49.27
C SER F 180 -19.91 -40.86 50.65
N PHE F 181 -19.28 -40.05 51.50
CA PHE F 181 -18.98 -40.48 52.87
C PHE F 181 -20.27 -40.79 53.63
N TYR F 182 -21.28 -39.92 53.50
CA TYR F 182 -22.55 -40.16 54.18
C TYR F 182 -23.22 -41.43 53.66
N LEU F 183 -23.14 -41.68 52.35
CA LEU F 183 -23.75 -42.89 51.79
C LEU F 183 -23.05 -44.14 52.32
N ILE F 184 -21.72 -44.14 52.36
CA ILE F 184 -21.00 -45.28 52.91
C ILE F 184 -21.37 -45.47 54.38
N SER F 185 -21.53 -44.38 55.11
CA SER F 185 -21.89 -44.48 56.52
C SER F 185 -23.27 -45.09 56.71
N ILE F 186 -24.25 -44.64 55.92
CA ILE F 186 -25.60 -45.21 56.05
C ILE F 186 -25.62 -46.66 55.59
N PHE F 187 -24.72 -47.04 54.68
CA PHE F 187 -24.58 -48.46 54.38
C PHE F 187 -24.04 -49.22 55.58
N LEU F 188 -23.07 -48.64 56.27
CA LEU F 188 -22.52 -49.28 57.46
C LEU F 188 -23.59 -49.46 58.53
N HIS F 189 -24.47 -48.46 58.68
CA HIS F 189 -25.57 -48.57 59.63
C HIS F 189 -26.50 -49.73 59.27
N LEU F 190 -26.79 -49.90 57.99
CA LEU F 190 -27.67 -50.97 57.52
C LEU F 190 -27.03 -52.34 57.73
N GLN G 1 27.56 -29.46 -35.72
CA GLN G 1 28.30 -28.77 -36.78
C GLN G 1 27.84 -27.32 -36.88
N VAL G 2 28.74 -26.40 -36.55
CA VAL G 2 28.48 -24.96 -36.62
C VAL G 2 29.46 -24.35 -37.60
N GLN G 3 28.94 -23.57 -38.55
CA GLN G 3 29.75 -22.91 -39.55
C GLN G 3 29.55 -21.40 -39.45
N LEU G 4 30.63 -20.66 -39.60
CA LEU G 4 30.61 -19.21 -39.65
C LEU G 4 31.12 -18.79 -41.02
N GLN G 5 30.22 -18.34 -41.89
CA GLN G 5 30.55 -17.98 -43.26
C GLN G 5 30.82 -16.48 -43.32
N GLU G 6 32.07 -16.11 -43.58
CA GLU G 6 32.48 -14.72 -43.67
C GLU G 6 32.30 -14.21 -45.10
N SER G 7 32.00 -12.93 -45.23
CA SER G 7 31.83 -12.32 -46.54
C SER G 7 32.12 -10.82 -46.48
N GLY G 8 32.47 -10.25 -47.62
CA GLY G 8 32.81 -8.85 -47.70
C GLY G 8 34.11 -8.60 -48.45
N ALA G 9 34.26 -7.41 -49.04
CA ALA G 9 35.40 -7.09 -49.85
C ALA G 9 36.60 -6.70 -48.99
N GLY G 10 37.77 -7.20 -49.37
CA GLY G 10 38.99 -6.94 -48.61
C GLY G 10 39.96 -5.98 -49.28
N LEU G 11 39.68 -5.60 -50.53
CA LEU G 11 40.51 -4.66 -51.28
C LEU G 11 39.90 -3.27 -51.13
N LEU G 12 40.57 -2.40 -50.38
CA LEU G 12 40.04 -1.08 -50.08
C LEU G 12 41.12 -0.02 -50.23
N LYS G 13 40.69 1.19 -50.55
CA LYS G 13 41.51 2.38 -50.56
C LYS G 13 41.57 3.00 -49.18
N PRO G 14 42.58 3.80 -48.88
CA PRO G 14 42.61 4.53 -47.61
C PRO G 14 41.39 5.42 -47.45
N SER G 15 40.95 5.57 -46.20
CA SER G 15 39.79 6.32 -45.76
C SER G 15 38.46 5.70 -46.19
N GLU G 16 38.47 4.55 -46.85
CA GLU G 16 37.23 3.88 -47.21
C GLU G 16 36.59 3.26 -45.96
N THR G 17 35.48 2.54 -46.16
CA THR G 17 34.77 1.89 -45.06
C THR G 17 34.81 0.38 -45.28
N LEU G 18 35.65 -0.31 -44.50
CA LEU G 18 35.58 -1.76 -44.40
C LEU G 18 34.20 -2.18 -43.92
N SER G 19 33.61 -3.15 -44.60
CA SER G 19 32.27 -3.66 -44.27
C SER G 19 32.29 -5.17 -44.43
N LEU G 20 32.32 -5.88 -43.31
CA LEU G 20 32.36 -7.33 -43.31
C LEU G 20 31.11 -7.89 -42.66
N SER G 21 30.75 -9.11 -43.06
CA SER G 21 29.59 -9.78 -42.52
C SER G 21 29.97 -11.23 -42.22
N CYS G 22 29.28 -11.82 -41.24
CA CYS G 22 29.47 -13.22 -40.91
C CYS G 22 28.10 -13.83 -40.64
N THR G 23 27.82 -14.95 -41.30
CA THR G 23 26.55 -15.66 -41.17
C THR G 23 26.76 -16.93 -40.37
N VAL G 24 25.80 -17.23 -39.50
CA VAL G 24 25.93 -18.33 -38.54
C VAL G 24 24.99 -19.45 -38.99
N ASP G 25 25.54 -20.64 -39.20
CA ASP G 25 24.79 -21.81 -39.63
CA ASP G 25 24.79 -21.81 -39.63
C ASP G 25 24.99 -22.91 -38.59
N GLY G 26 23.97 -23.14 -37.76
CA GLY G 26 24.05 -24.18 -36.77
C GLY G 26 23.89 -23.67 -35.35
N GLU G 27 23.17 -24.43 -34.52
CA GLU G 27 22.96 -24.12 -33.11
C GLU G 27 22.27 -22.76 -32.94
N SER G 28 22.19 -22.29 -31.69
CA SER G 28 21.42 -21.10 -31.39
C SER G 28 22.21 -19.83 -31.67
N PHE G 29 21.48 -18.76 -31.95
CA PHE G 29 22.08 -17.43 -32.07
C PHE G 29 22.11 -16.70 -30.73
N ASN G 30 21.17 -16.99 -29.84
CA ASN G 30 21.12 -16.31 -28.55
CA ASN G 30 21.12 -16.31 -28.55
C ASN G 30 22.06 -16.99 -27.55
N GLY G 31 22.58 -16.20 -26.62
CA GLY G 31 23.47 -16.69 -25.59
C GLY G 31 24.94 -16.69 -25.94
N PHE G 32 25.31 -16.27 -27.15
CA PHE G 32 26.70 -16.20 -27.57
C PHE G 32 27.10 -14.74 -27.77
N PHE G 33 28.40 -14.50 -27.66
CA PHE G 33 28.99 -13.22 -28.02
C PHE G 33 29.64 -13.38 -29.39
N TRP G 34 29.00 -12.84 -30.42
CA TRP G 34 29.54 -12.88 -31.77
C TRP G 34 30.63 -11.82 -31.89
N THR G 35 31.84 -12.26 -32.20
CA THR G 35 33.05 -11.51 -31.95
C THR G 35 33.82 -11.30 -33.24
N TRP G 36 34.41 -10.13 -33.39
CA TRP G 36 35.32 -9.83 -34.48
C TRP G 36 36.72 -9.66 -33.91
N ILE G 37 37.65 -10.46 -34.45
CA ILE G 37 39.07 -10.45 -34.12
C ILE G 37 39.84 -10.16 -35.39
N ARG G 38 41.01 -9.54 -35.25
CA ARG G 38 41.88 -9.36 -36.40
C ARG G 38 43.31 -9.60 -36.00
N GLN G 39 44.12 -9.97 -36.99
CA GLN G 39 45.56 -10.12 -36.81
C GLN G 39 46.30 -9.34 -37.89
N PRO G 40 47.00 -8.27 -37.53
CA PRO G 40 47.82 -7.58 -38.53
C PRO G 40 49.02 -8.43 -38.90
N PRO G 41 49.55 -8.27 -40.11
CA PRO G 41 50.73 -9.05 -40.50
C PRO G 41 51.90 -8.80 -39.57
N GLY G 42 52.58 -9.88 -39.20
CA GLY G 42 53.67 -9.77 -38.24
C GLY G 42 53.26 -9.29 -36.86
N LYS G 43 52.06 -9.66 -36.41
CA LYS G 43 51.56 -9.25 -35.10
C LYS G 43 50.67 -10.35 -34.54
N GLY G 44 50.20 -10.14 -33.32
CA GLY G 44 49.33 -11.10 -32.65
C GLY G 44 47.86 -10.83 -32.92
N LEU G 45 47.01 -11.58 -32.20
CA LEU G 45 45.57 -11.45 -32.35
C LEU G 45 45.05 -10.26 -31.57
N GLU G 46 44.13 -9.52 -32.18
CA GLU G 46 43.55 -8.35 -31.55
C GLU G 46 42.03 -8.44 -31.59
N TRP G 47 41.42 -8.32 -30.42
CA TRP G 47 39.97 -8.29 -30.31
C TRP G 47 39.45 -6.97 -30.84
N ILE G 48 38.67 -7.01 -31.91
CA ILE G 48 38.01 -5.80 -32.39
C ILE G 48 36.80 -5.48 -31.55
N GLY G 49 35.92 -6.45 -31.35
CA GLY G 49 34.75 -6.21 -30.52
C GLY G 49 33.80 -7.39 -30.56
N GLU G 50 32.65 -7.21 -29.92
CA GLU G 50 31.68 -8.29 -29.86
C GLU G 50 30.28 -7.73 -29.65
N ILE G 51 29.30 -8.56 -30.00
CA ILE G 51 27.90 -8.17 -29.96
C ILE G 51 27.05 -9.38 -29.54
N ASN G 52 25.96 -9.08 -28.85
CA ASN G 52 25.02 -10.05 -28.32
C ASN G 52 23.78 -10.10 -29.22
N HIS G 53 22.89 -11.06 -28.96
CA HIS G 53 21.63 -11.11 -29.71
C HIS G 53 20.70 -9.95 -29.35
N LEU G 54 20.89 -9.36 -28.17
CA LEU G 54 20.20 -8.13 -27.80
C LEU G 54 20.82 -6.89 -28.40
N ALA G 55 21.80 -7.06 -29.28
CA ALA G 55 22.54 -5.96 -29.89
C ALA G 55 23.28 -5.11 -28.85
N SER G 56 23.49 -5.62 -27.64
CA SER G 56 24.47 -5.01 -26.75
C SER G 56 25.87 -5.33 -27.27
N THR G 57 26.80 -4.37 -27.10
CA THR G 57 28.11 -4.45 -27.73
C THR G 57 29.24 -4.08 -26.77
N GLY G 58 30.42 -4.59 -27.09
CA GLY G 58 31.65 -4.10 -26.50
C GLY G 58 32.69 -3.92 -27.57
N TYR G 59 33.48 -2.85 -27.44
CA TYR G 59 34.45 -2.47 -28.45
C TYR G 59 35.84 -2.32 -27.84
N ASN G 60 36.85 -2.65 -28.63
CA ASN G 60 38.22 -2.31 -28.27
C ASN G 60 38.33 -0.79 -28.20
N PRO G 61 38.79 -0.23 -27.07
CA PRO G 61 38.85 1.24 -26.96
C PRO G 61 39.74 1.92 -27.97
N SER G 62 40.82 1.26 -28.41
CA SER G 62 41.64 1.84 -29.46
C SER G 62 40.91 1.91 -30.79
N LEU G 63 39.76 1.25 -30.93
CA LEU G 63 38.92 1.35 -32.11
C LEU G 63 37.56 1.96 -31.83
N LYS G 64 37.22 2.20 -30.56
CA LYS G 64 35.84 2.48 -30.18
C LYS G 64 35.24 3.64 -30.98
N SER G 65 36.04 4.67 -31.27
CA SER G 65 35.52 5.85 -31.94
C SER G 65 35.14 5.61 -33.39
N ARG G 66 35.70 4.57 -34.02
CA ARG G 66 35.63 4.38 -35.47
C ARG G 66 35.02 3.06 -35.89
N VAL G 67 34.47 2.29 -34.96
CA VAL G 67 34.02 0.93 -35.23
C VAL G 67 32.55 0.81 -34.89
N THR G 68 31.85 -0.05 -35.62
CA THR G 68 30.47 -0.39 -35.31
C THR G 68 30.27 -1.87 -35.58
N ILE G 69 29.49 -2.54 -34.74
CA ILE G 69 29.13 -3.93 -34.94
C ILE G 69 27.62 -4.05 -34.78
N SER G 70 27.00 -4.80 -35.69
CA SER G 70 25.55 -4.89 -35.72
C SER G 70 25.15 -6.35 -35.90
N VAL G 71 23.88 -6.63 -35.62
CA VAL G 71 23.31 -7.95 -35.82
C VAL G 71 22.01 -7.86 -36.59
N ASP G 72 21.75 -8.89 -37.38
CA ASP G 72 20.45 -9.16 -37.98
C ASP G 72 20.07 -10.56 -37.51
N THR G 73 19.21 -10.61 -36.49
CA THR G 73 18.80 -11.88 -35.89
C THR G 73 17.86 -12.67 -36.80
N SER G 74 17.15 -12.01 -37.71
CA SER G 74 16.23 -12.71 -38.58
C SER G 74 16.95 -13.67 -39.52
N LYS G 75 18.19 -13.34 -39.91
CA LYS G 75 18.98 -14.22 -40.76
C LYS G 75 20.25 -14.70 -40.08
N ASN G 76 20.34 -14.55 -38.75
CA ASN G 76 21.45 -15.07 -37.96
C ASN G 76 22.79 -14.58 -38.50
N GLN G 77 22.92 -13.26 -38.66
CA GLN G 77 24.18 -12.71 -39.15
C GLN G 77 24.60 -11.53 -38.30
N PHE G 78 25.89 -11.21 -38.37
CA PHE G 78 26.39 -10.04 -37.66
C PHE G 78 27.53 -9.43 -38.47
N SER G 79 27.63 -8.12 -38.40
CA SER G 79 28.47 -7.36 -39.32
C SER G 79 29.37 -6.41 -38.56
N LEU G 80 30.50 -6.12 -39.18
CA LEU G 80 31.48 -5.17 -38.69
C LEU G 80 31.65 -4.06 -39.71
N LYS G 81 31.68 -2.81 -39.23
CA LYS G 81 31.89 -1.64 -40.06
C LYS G 81 33.00 -0.80 -39.46
N LEU G 82 34.10 -0.67 -40.20
CA LEU G 82 35.25 0.12 -39.79
C LEU G 82 35.40 1.27 -40.78
N THR G 83 35.26 2.50 -40.31
CA THR G 83 35.26 3.66 -41.19
C THR G 83 36.66 4.26 -41.32
N SER G 84 36.88 4.93 -42.46
CA SER G 84 38.10 5.68 -42.74
C SER G 84 39.36 4.84 -42.50
N VAL G 85 39.46 3.76 -43.27
CA VAL G 85 40.54 2.80 -43.05
C VAL G 85 41.87 3.41 -43.46
N THR G 86 42.92 3.06 -42.73
CA THR G 86 44.29 3.48 -43.01
C THR G 86 45.18 2.25 -43.08
N ALA G 87 46.46 2.46 -43.41
CA ALA G 87 47.38 1.35 -43.62
C ALA G 87 47.48 0.46 -42.39
N ALA G 88 47.23 1.00 -41.20
CA ALA G 88 47.30 0.22 -39.98
C ALA G 88 46.16 -0.78 -39.84
N ASP G 89 45.15 -0.73 -40.72
CA ASP G 89 44.01 -1.62 -40.66
C ASP G 89 44.14 -2.84 -41.57
N THR G 90 45.30 -3.02 -42.20
CA THR G 90 45.55 -4.22 -42.99
C THR G 90 45.77 -5.41 -42.06
N ALA G 91 45.05 -6.50 -42.30
CA ALA G 91 45.04 -7.63 -41.36
C ALA G 91 44.21 -8.74 -41.94
N VAL G 92 44.27 -9.90 -41.30
CA VAL G 92 43.28 -10.94 -41.51
C VAL G 92 42.18 -10.75 -40.47
N TYR G 93 40.93 -10.80 -40.91
CA TYR G 93 39.78 -10.57 -40.05
C TYR G 93 39.01 -11.89 -39.87
N TYR G 94 38.72 -12.24 -38.63
CA TYR G 94 37.97 -13.43 -38.29
C TYR G 94 36.72 -13.04 -37.53
N CYS G 95 35.62 -13.71 -37.86
CA CYS G 95 34.44 -13.75 -37.01
C CYS G 95 34.48 -15.04 -36.20
N ALA G 96 34.09 -14.94 -34.92
CA ALA G 96 34.12 -16.10 -34.04
C ALA G 96 32.94 -16.09 -33.09
N ARG G 97 32.55 -17.28 -32.66
CA ARG G 97 31.52 -17.44 -31.64
C ARG G 97 32.21 -17.51 -30.29
N GLY G 98 31.79 -16.67 -29.35
CA GLY G 98 32.33 -16.65 -28.02
C GLY G 98 31.26 -17.07 -27.02
N TYR G 99 31.67 -17.82 -26.01
CA TYR G 99 30.78 -18.26 -24.96
C TYR G 99 31.39 -17.90 -23.63
N SER G 100 30.59 -17.29 -22.75
CA SER G 100 31.03 -16.93 -21.41
C SER G 100 30.22 -17.71 -20.39
N TYR G 101 30.91 -18.30 -19.43
CA TYR G 101 30.28 -18.97 -18.30
C TYR G 101 30.53 -18.13 -17.06
N GLY G 102 29.47 -17.56 -16.51
CA GLY G 102 29.61 -16.72 -15.32
C GLY G 102 28.74 -17.16 -14.16
N PHE G 103 28.29 -18.42 -14.19
CA PHE G 103 27.36 -18.95 -13.20
C PHE G 103 28.04 -19.57 -11.97
N ALA G 104 29.34 -19.83 -12.01
CA ALA G 104 30.01 -20.46 -10.87
C ALA G 104 31.52 -20.34 -11.05
N TRP G 105 32.22 -20.17 -9.94
CA TRP G 105 33.68 -20.07 -9.99
C TRP G 105 34.30 -21.45 -10.26
N PRO G 106 35.29 -21.53 -11.16
CA PRO G 106 35.90 -20.42 -11.89
C PRO G 106 35.10 -20.05 -13.14
N ASN G 107 34.85 -18.77 -13.34
CA ASN G 107 34.24 -18.33 -14.59
C ASN G 107 35.20 -18.55 -15.74
N TYR G 108 34.66 -18.80 -16.92
CA TYR G 108 35.48 -18.94 -18.12
C TYR G 108 34.77 -18.33 -19.31
N HIS G 109 35.56 -18.13 -20.36
CA HIS G 109 35.10 -17.62 -21.64
C HIS G 109 36.03 -18.19 -22.70
N TYR G 110 35.50 -18.44 -23.89
CA TYR G 110 36.32 -18.98 -24.97
C TYR G 110 35.68 -18.65 -26.31
N LEU G 111 36.48 -18.82 -27.36
CA LEU G 111 36.01 -18.71 -28.75
C LEU G 111 36.19 -20.08 -29.40
N ASP G 112 35.09 -20.82 -29.56
CA ASP G 112 35.20 -22.21 -29.98
C ASP G 112 35.01 -22.41 -31.48
N VAL G 113 34.17 -21.63 -32.15
CA VAL G 113 33.91 -21.78 -33.57
C VAL G 113 34.38 -20.52 -34.28
N TRP G 114 35.28 -20.68 -35.24
CA TRP G 114 35.91 -19.56 -35.93
C TRP G 114 35.56 -19.58 -37.40
N GLY G 115 35.48 -18.38 -37.98
CA GLY G 115 35.38 -18.25 -39.42
C GLY G 115 36.72 -18.44 -40.10
N LYS G 116 36.65 -18.61 -41.43
CA LYS G 116 37.86 -18.93 -42.18
C LYS G 116 38.90 -17.82 -42.07
N GLY G 117 38.47 -16.57 -42.22
CA GLY G 117 39.39 -15.44 -42.18
C GLY G 117 39.56 -14.77 -43.52
N THR G 118 39.41 -13.45 -43.55
CA THR G 118 39.49 -12.67 -44.79
C THR G 118 40.69 -11.74 -44.74
N THR G 119 41.56 -11.85 -45.74
CA THR G 119 42.67 -10.91 -45.85
C THR G 119 42.14 -9.56 -46.30
N VAL G 120 42.52 -8.50 -45.59
CA VAL G 120 42.08 -7.14 -45.85
C VAL G 120 43.31 -6.27 -45.98
N THR G 121 43.47 -5.61 -47.11
CA THR G 121 44.59 -4.73 -47.34
C THR G 121 44.09 -3.38 -47.84
N VAL G 122 44.82 -2.33 -47.46
CA VAL G 122 44.51 -0.97 -47.88
C VAL G 122 45.81 -0.29 -48.28
N SER G 123 45.78 0.45 -49.38
CA SER G 123 46.97 1.11 -49.90
C SER G 123 46.59 2.17 -50.93
N GLU H 1 42.36 -2.02 -16.96
CA GLU H 1 42.22 -3.11 -17.91
C GLU H 1 43.15 -4.26 -17.55
N ILE H 2 42.66 -5.49 -17.71
CA ILE H 2 43.44 -6.69 -17.43
C ILE H 2 44.22 -7.04 -18.69
N VAL H 3 45.54 -7.17 -18.56
CA VAL H 3 46.41 -7.47 -19.68
C VAL H 3 47.14 -8.78 -19.39
N LEU H 4 47.64 -9.40 -20.45
CA LEU H 4 48.26 -10.71 -20.36
C LEU H 4 49.62 -10.69 -21.05
N THR H 5 50.65 -11.12 -20.33
CA THR H 5 51.99 -11.27 -20.88
C THR H 5 52.43 -12.72 -20.83
N GLN H 6 52.87 -13.24 -21.97
CA GLN H 6 53.22 -14.65 -22.09
C GLN H 6 54.74 -14.84 -22.00
N SER H 7 55.13 -16.07 -21.67
CA SER H 7 56.54 -16.42 -21.48
C SER H 7 56.84 -17.87 -21.84
N PRO H 8 57.97 -18.15 -22.50
CA PRO H 8 58.94 -17.20 -23.06
C PRO H 8 58.40 -16.59 -24.35
N ALA H 9 59.06 -15.59 -24.94
CA ALA H 9 58.58 -15.02 -26.19
C ALA H 9 58.67 -16.04 -27.32
N THR H 10 59.78 -16.77 -27.40
CA THR H 10 59.93 -17.86 -28.34
C THR H 10 60.47 -19.07 -27.59
N LEU H 11 60.02 -20.26 -28.01
CA LEU H 11 60.39 -21.51 -27.36
C LEU H 11 60.92 -22.48 -28.40
N SER H 12 62.12 -22.99 -28.17
CA SER H 12 62.77 -23.94 -29.06
C SER H 12 62.84 -25.30 -28.38
N LEU H 13 62.17 -26.28 -28.96
CA LEU H 13 62.09 -27.62 -28.37
C LEU H 13 62.07 -28.67 -29.47
N SER H 14 62.52 -29.85 -29.13
CA SER H 14 62.58 -31.05 -29.96
C SER H 14 61.29 -31.86 -29.82
N PRO H 15 60.90 -32.59 -30.86
CA PRO H 15 59.70 -33.42 -30.76
C PRO H 15 59.81 -34.43 -29.64
N GLY H 16 58.69 -34.65 -28.95
CA GLY H 16 58.65 -35.55 -27.81
C GLY H 16 59.05 -34.95 -26.48
N GLU H 17 59.19 -33.63 -26.41
CA GLU H 17 59.66 -32.97 -25.20
C GLU H 17 58.48 -32.35 -24.43
N ARG H 18 58.78 -31.89 -23.22
CA ARG H 18 57.81 -31.25 -22.36
C ARG H 18 57.82 -29.75 -22.63
N ALA H 19 56.68 -29.21 -23.04
CA ALA H 19 56.57 -27.79 -23.38
C ALA H 19 55.70 -27.09 -22.35
N THR H 20 56.23 -26.02 -21.76
CA THR H 20 55.53 -25.25 -20.74
C THR H 20 55.50 -23.80 -21.16
N LEU H 21 54.30 -23.23 -21.23
CA LEU H 21 54.09 -21.84 -21.62
C LEU H 21 53.33 -21.13 -20.51
N SER H 22 53.74 -19.92 -20.15
CA SER H 22 53.14 -19.22 -19.03
C SER H 22 52.46 -17.93 -19.49
N CYS H 23 51.47 -17.51 -18.72
CA CYS H 23 50.73 -16.28 -18.96
C CYS H 23 50.49 -15.59 -17.62
N ARG H 24 50.98 -14.36 -17.50
CA ARG H 24 50.84 -13.55 -16.31
C ARG H 24 49.81 -12.47 -16.57
N ALA H 25 48.83 -12.35 -15.68
CA ALA H 25 47.80 -11.32 -15.77
C ALA H 25 48.14 -10.18 -14.83
N SER H 26 47.82 -8.95 -15.26
CA SER H 26 48.21 -7.77 -14.49
C SER H 26 47.59 -7.79 -13.10
N GLN H 27 46.34 -8.19 -12.98
CA GLN H 27 45.68 -8.35 -11.69
C GLN H 27 44.98 -9.71 -11.65
N SER H 28 44.29 -9.96 -10.54
CA SER H 28 43.56 -11.21 -10.40
C SER H 28 42.48 -11.31 -11.47
N VAL H 29 42.40 -12.48 -12.11
CA VAL H 29 41.58 -12.64 -13.31
C VAL H 29 40.10 -12.53 -12.98
N SER H 30 39.34 -11.92 -13.88
CA SER H 30 37.88 -11.99 -13.82
C SER H 30 37.35 -13.37 -14.20
N SER H 31 38.08 -14.07 -15.07
CA SER H 31 37.71 -15.43 -15.46
C SER H 31 38.98 -16.17 -15.88
N TYR H 32 38.96 -17.48 -15.72
CA TYR H 32 40.13 -18.29 -16.03
C TYR H 32 40.42 -18.25 -17.52
N LEU H 33 41.70 -18.36 -17.86
CA LEU H 33 42.15 -18.05 -19.21
C LEU H 33 41.79 -19.16 -20.18
N ALA H 34 41.84 -18.81 -21.46
CA ALA H 34 41.73 -19.74 -22.57
C ALA H 34 43.04 -19.73 -23.35
N TRP H 35 43.35 -20.86 -23.97
CA TRP H 35 44.57 -21.01 -24.76
C TRP H 35 44.19 -21.49 -26.16
N TYR H 36 44.72 -20.81 -27.16
CA TYR H 36 44.48 -21.09 -28.57
C TYR H 36 45.79 -21.38 -29.29
N GLN H 37 45.70 -22.24 -30.29
CA GLN H 37 46.81 -22.60 -31.16
C GLN H 37 46.56 -22.02 -32.55
N HIS H 38 47.52 -21.25 -33.06
CA HIS H 38 47.37 -20.54 -34.32
C HIS H 38 48.49 -20.97 -35.26
N LYS H 39 48.10 -21.49 -36.42
CA LYS H 39 48.99 -21.87 -37.50
C LYS H 39 48.74 -20.98 -38.71
N PRO H 40 49.79 -20.62 -39.45
CA PRO H 40 49.58 -19.75 -40.62
C PRO H 40 48.65 -20.39 -41.64
N GLY H 41 47.75 -19.57 -42.19
CA GLY H 41 46.83 -20.00 -43.22
C GLY H 41 45.44 -20.36 -42.74
N GLN H 42 45.24 -20.58 -41.45
CA GLN H 42 43.96 -21.03 -40.93
C GLN H 42 43.64 -20.33 -39.61
N ALA H 43 42.39 -20.46 -39.19
CA ALA H 43 41.89 -19.76 -38.03
C ALA H 43 42.47 -20.33 -36.74
N PRO H 44 42.56 -19.52 -35.68
CA PRO H 44 43.02 -20.06 -34.39
C PRO H 44 42.11 -21.15 -33.89
N ARG H 45 42.70 -22.11 -33.18
CA ARG H 45 41.98 -23.25 -32.65
C ARG H 45 41.99 -23.20 -31.13
N LEU H 46 40.81 -23.31 -30.53
CA LEU H 46 40.72 -23.32 -29.08
C LEU H 46 41.33 -24.62 -28.54
N LEU H 47 42.31 -24.49 -27.65
CA LEU H 47 42.90 -25.63 -26.96
C LEU H 47 42.30 -25.85 -25.58
N ILE H 48 42.47 -24.87 -24.70
CA ILE H 48 42.11 -25.01 -23.29
C ILE H 48 41.20 -23.85 -22.90
N TYR H 49 40.26 -24.12 -22.01
CA TYR H 49 39.44 -23.06 -21.41
C TYR H 49 39.23 -23.40 -19.94
N GLY H 50 38.85 -22.38 -19.16
CA GLY H 50 38.77 -22.56 -17.73
C GLY H 50 40.10 -22.90 -17.10
N ALA H 51 41.18 -22.62 -17.82
CA ALA H 51 42.58 -22.88 -17.46
C ALA H 51 42.91 -24.36 -17.44
N SER H 52 41.91 -25.25 -17.43
CA SER H 52 42.22 -26.66 -17.28
C SER H 52 41.33 -27.60 -18.07
N LYS H 53 40.36 -27.12 -18.85
CA LYS H 53 39.46 -27.97 -19.59
C LYS H 53 39.89 -28.03 -21.04
N ARG H 54 39.70 -29.19 -21.65
CA ARG H 54 40.11 -29.42 -23.03
C ARG H 54 38.93 -29.16 -23.96
N ALA H 55 39.18 -28.40 -25.03
CA ALA H 55 38.17 -28.23 -26.05
C ALA H 55 37.91 -29.56 -26.75
N THR H 56 36.77 -29.64 -27.43
CA THR H 56 36.41 -30.87 -28.12
C THR H 56 37.46 -31.28 -29.13
N GLY H 57 37.87 -32.55 -29.08
CA GLY H 57 38.85 -33.06 -30.00
C GLY H 57 40.28 -32.74 -29.67
N ILE H 58 40.55 -32.10 -28.54
CA ILE H 58 41.92 -31.73 -28.18
C ILE H 58 42.60 -32.92 -27.51
N PRO H 59 43.74 -33.37 -28.01
CA PRO H 59 44.38 -34.57 -27.46
C PRO H 59 44.84 -34.39 -26.02
N SER H 60 44.98 -35.53 -25.33
CA SER H 60 45.22 -35.53 -23.90
C SER H 60 46.56 -34.92 -23.51
N ARG H 61 47.51 -34.79 -24.44
CA ARG H 61 48.79 -34.18 -24.10
C ARG H 61 48.67 -32.71 -23.73
N PHE H 62 47.61 -32.03 -24.18
CA PHE H 62 47.38 -30.64 -23.83
C PHE H 62 46.72 -30.55 -22.47
N SER H 63 47.34 -29.83 -21.54
CA SER H 63 46.79 -29.62 -20.22
C SER H 63 47.06 -28.19 -19.79
N GLY H 64 46.40 -27.75 -18.72
CA GLY H 64 46.57 -26.40 -18.22
C GLY H 64 46.49 -26.36 -16.71
N SER H 65 46.88 -25.21 -16.16
CA SER H 65 46.78 -24.98 -14.72
C SER H 65 46.90 -23.49 -14.47
N GLY H 66 46.59 -23.10 -13.24
CA GLY H 66 46.85 -21.75 -12.79
C GLY H 66 45.65 -21.08 -12.16
N SER H 67 45.91 -19.92 -11.57
CA SER H 67 44.91 -19.15 -10.86
C SER H 67 45.48 -17.75 -10.62
N GLY H 68 44.64 -16.87 -10.09
CA GLY H 68 45.06 -15.53 -9.74
C GLY H 68 45.62 -14.76 -10.91
N THR H 69 46.94 -14.61 -10.93
CA THR H 69 47.62 -13.92 -12.01
C THR H 69 48.48 -14.84 -12.87
N ASP H 70 48.71 -16.08 -12.46
CA ASP H 70 49.66 -16.96 -13.12
C ASP H 70 48.92 -18.17 -13.69
N PHE H 71 49.07 -18.39 -14.99
CA PHE H 71 48.47 -19.54 -15.64
C PHE H 71 49.52 -20.17 -16.54
N SER H 72 49.33 -21.45 -16.84
CA SER H 72 50.32 -22.19 -17.63
C SER H 72 49.61 -23.24 -18.47
N LEU H 73 50.13 -23.43 -19.68
CA LEU H 73 49.72 -24.48 -20.59
C LEU H 73 50.88 -25.44 -20.79
N THR H 74 50.58 -26.73 -20.84
CA THR H 74 51.59 -27.77 -20.90
C THR H 74 51.25 -28.73 -22.03
N ILE H 75 52.26 -29.09 -22.81
CA ILE H 75 52.20 -30.20 -23.76
C ILE H 75 53.16 -31.26 -23.25
N SER H 76 52.64 -32.44 -22.94
CA SER H 76 53.44 -33.48 -22.28
C SER H 76 54.47 -34.06 -23.23
N SER H 77 54.01 -34.70 -24.31
CA SER H 77 54.88 -35.28 -25.33
C SER H 77 54.42 -34.72 -26.67
N LEU H 78 55.02 -33.60 -27.07
CA LEU H 78 54.52 -32.87 -28.22
C LEU H 78 54.85 -33.56 -29.53
N GLU H 79 53.93 -33.48 -30.47
CA GLU H 79 54.04 -34.00 -31.83
C GLU H 79 54.50 -32.90 -32.77
N PRO H 80 54.96 -33.26 -33.97
CA PRO H 80 55.33 -32.21 -34.95
C PRO H 80 54.18 -31.31 -35.35
N GLU H 81 52.93 -31.70 -35.12
CA GLU H 81 51.80 -30.84 -35.42
C GLU H 81 51.49 -29.87 -34.28
N ASP H 82 52.29 -29.87 -33.21
CA ASP H 82 52.11 -28.97 -32.09
C ASP H 82 52.94 -27.70 -32.20
N PHE H 83 53.73 -27.54 -33.26
CA PHE H 83 54.62 -26.38 -33.40
C PHE H 83 53.85 -25.26 -34.09
N ALA H 84 53.45 -24.26 -33.32
CA ALA H 84 52.65 -23.16 -33.83
C ALA H 84 52.82 -21.96 -32.90
N VAL H 85 51.97 -20.96 -33.07
CA VAL H 85 51.90 -19.83 -32.14
C VAL H 85 50.79 -20.14 -31.15
N TYR H 86 50.96 -19.69 -29.91
CA TYR H 86 49.97 -19.94 -28.88
C TYR H 86 49.58 -18.64 -28.19
N TYR H 87 48.29 -18.49 -27.91
CA TYR H 87 47.78 -17.27 -27.28
C TYR H 87 46.96 -17.63 -26.05
N CYS H 88 47.27 -16.99 -24.93
CA CYS H 88 46.32 -16.96 -23.81
C CYS H 88 45.31 -15.82 -24.05
N GLN H 89 44.16 -15.94 -23.41
CA GLN H 89 43.06 -15.03 -23.67
C GLN H 89 42.19 -14.90 -22.43
N HIS H 90 41.80 -13.67 -22.13
CA HIS H 90 41.05 -13.33 -20.93
C HIS H 90 39.85 -12.49 -21.34
N ARG H 91 38.79 -12.57 -20.55
CA ARG H 91 37.64 -11.70 -20.77
C ARG H 91 37.13 -11.21 -19.43
N SER H 92 37.08 -9.89 -19.28
CA SER H 92 36.28 -9.28 -18.25
C SER H 92 34.97 -8.84 -18.90
N ASP H 93 34.09 -8.23 -18.11
CA ASP H 93 32.76 -7.91 -18.61
C ASP H 93 32.84 -7.01 -19.86
N TRP H 94 32.47 -7.57 -21.01
CA TRP H 94 32.44 -6.90 -22.31
C TRP H 94 33.82 -6.42 -22.78
N ARG H 95 34.90 -7.03 -22.29
CA ARG H 95 36.25 -6.65 -22.72
C ARG H 95 37.09 -7.92 -22.85
N THR H 96 37.52 -8.22 -24.07
CA THR H 96 38.32 -9.40 -24.36
C THR H 96 39.74 -8.97 -24.69
N THR H 97 40.72 -9.65 -24.09
CA THR H 97 42.13 -9.35 -24.31
C THR H 97 42.91 -10.62 -24.62
N PHE H 98 43.94 -10.47 -25.45
CA PHE H 98 44.81 -11.56 -25.86
C PHE H 98 46.22 -11.29 -25.36
N GLY H 99 46.95 -12.36 -25.06
CA GLY H 99 48.37 -12.25 -24.87
C GLY H 99 49.08 -11.99 -26.18
N GLN H 100 50.32 -11.51 -26.09
CA GLN H 100 51.08 -11.21 -27.30
C GLN H 100 51.39 -12.46 -28.11
N GLY H 101 51.35 -13.63 -27.48
CA GLY H 101 51.60 -14.87 -28.19
C GLY H 101 53.02 -15.36 -28.03
N THR H 102 53.18 -16.67 -27.86
CA THR H 102 54.47 -17.32 -27.73
C THR H 102 54.70 -18.19 -28.95
N ARG H 103 55.82 -17.96 -29.64
CA ARG H 103 56.16 -18.76 -30.80
C ARG H 103 56.84 -20.05 -30.36
N LEU H 104 56.40 -21.17 -30.93
CA LEU H 104 56.89 -22.50 -30.55
C LEU H 104 57.44 -23.18 -31.79
N GLU H 105 58.75 -23.38 -31.83
CA GLU H 105 59.43 -23.86 -33.03
C GLU H 105 60.42 -24.96 -32.68
N ILE H 106 60.75 -25.77 -33.68
CA ILE H 106 61.70 -26.87 -33.53
C ILE H 106 63.10 -26.34 -33.23
N GLU I 1 5.05 44.71 2.02
CA GLU I 1 6.27 45.10 2.71
C GLU I 1 5.96 45.98 3.91
N ILE I 2 6.57 45.67 5.04
CA ILE I 2 6.36 46.39 6.29
C ILE I 2 7.47 47.42 6.44
N VAL I 3 7.09 48.69 6.57
CA VAL I 3 8.04 49.79 6.66
C VAL I 3 7.89 50.49 8.01
N LEU I 4 8.90 51.27 8.36
CA LEU I 4 9.00 51.87 9.68
C LEU I 4 9.20 53.38 9.58
N THR I 5 8.48 54.13 10.41
CA THR I 5 8.63 55.57 10.50
C THR I 5 8.92 55.96 11.94
N GLN I 6 10.01 56.71 12.14
CA GLN I 6 10.47 57.05 13.48
C GLN I 6 10.12 58.49 13.82
N SER I 7 9.64 58.68 15.05
CA SER I 7 9.27 59.99 15.56
C SER I 7 9.95 60.25 16.88
N PRO I 8 10.39 61.48 17.13
CA PRO I 8 10.42 62.61 16.20
C PRO I 8 11.62 62.48 15.26
N ALA I 9 11.70 63.28 14.20
CA ALA I 9 12.88 63.24 13.34
C ALA I 9 14.12 63.65 14.11
N THR I 10 14.01 64.70 14.91
CA THR I 10 15.08 65.13 15.80
C THR I 10 14.50 65.40 17.18
N LEU I 11 15.29 65.13 18.21
CA LEU I 11 14.83 65.24 19.59
C LEU I 11 15.90 65.95 20.40
N SER I 12 15.56 67.11 20.94
CA SER I 12 16.50 67.93 21.71
C SER I 12 16.14 67.81 23.19
N LEU I 13 17.07 67.30 23.98
CA LEU I 13 16.83 67.07 25.39
C LEU I 13 18.10 67.29 26.18
N SER I 14 17.95 67.69 27.44
CA SER I 14 19.07 67.93 28.32
C SER I 14 19.58 66.63 28.92
N PRO I 15 20.87 66.57 29.27
CA PRO I 15 21.39 65.36 29.94
C PRO I 15 20.70 65.13 31.26
N GLY I 16 20.46 63.85 31.57
CA GLY I 16 19.73 63.47 32.75
C GLY I 16 18.22 63.50 32.61
N GLU I 17 17.71 63.84 31.43
CA GLU I 17 16.29 63.87 31.15
C GLU I 17 15.83 62.58 30.48
N ARG I 18 14.54 62.29 30.59
CA ARG I 18 13.96 61.11 30.00
C ARG I 18 13.68 61.32 28.51
N ALA I 19 13.98 60.29 27.71
CA ALA I 19 13.83 60.36 26.26
C ALA I 19 12.95 59.21 25.79
N THR I 20 11.94 59.53 24.99
CA THR I 20 11.06 58.53 24.39
C THR I 20 11.09 58.65 22.88
N LEU I 21 11.34 57.54 22.20
CA LEU I 21 11.47 57.50 20.75
C LEU I 21 10.47 56.48 20.22
N SER I 22 9.67 56.88 19.22
CA SER I 22 8.60 56.04 18.72
C SER I 22 8.92 55.52 17.33
N CYS I 23 8.50 54.29 17.07
CA CYS I 23 8.57 53.70 15.74
C CYS I 23 7.18 53.19 15.41
N ARG I 24 6.65 53.64 14.27
CA ARG I 24 5.34 53.24 13.80
C ARG I 24 5.54 52.34 12.58
N ALA I 25 5.01 51.12 12.65
CA ALA I 25 5.02 50.26 11.48
C ALA I 25 3.88 50.66 10.55
N SER I 26 3.89 50.09 9.34
CA SER I 26 2.79 50.28 8.42
C SER I 26 1.77 49.15 8.49
N GLN I 27 2.10 48.06 9.18
CA GLN I 27 1.22 46.92 9.39
C GLN I 27 1.52 46.34 10.77
N SER I 28 0.69 45.41 11.19
CA SER I 28 1.03 44.65 12.39
C SER I 28 2.31 43.86 12.12
N VAL I 29 3.29 43.97 13.03
CA VAL I 29 4.64 43.53 12.70
C VAL I 29 4.74 42.00 12.63
N SER I 30 5.59 41.52 11.73
CA SER I 30 5.90 40.10 11.68
C SER I 30 6.81 39.67 12.83
N SER I 31 7.63 40.59 13.34
CA SER I 31 8.47 40.30 14.50
C SER I 31 8.64 41.58 15.28
N TYR I 32 8.85 41.45 16.59
CA TYR I 32 9.04 42.61 17.44
C TYR I 32 10.33 43.33 17.04
N LEU I 33 10.32 44.64 17.19
CA LEU I 33 11.36 45.46 16.58
C LEU I 33 12.65 45.43 17.39
N ALA I 34 13.73 45.85 16.75
CA ALA I 34 15.03 46.01 17.38
C ALA I 34 15.46 47.48 17.28
N TRP I 35 16.24 47.92 18.25
CA TRP I 35 16.70 49.30 18.35
C TRP I 35 18.21 49.29 18.40
N TYR I 36 18.83 50.07 17.52
CA TYR I 36 20.26 50.23 17.40
C TYR I 36 20.67 51.67 17.67
N GLN I 37 21.79 51.84 18.34
CA GLN I 37 22.45 53.12 18.49
C GLN I 37 23.61 53.20 17.50
N HIS I 38 23.70 54.33 16.80
CA HIS I 38 24.75 54.55 15.82
C HIS I 38 25.38 55.91 16.09
N LYS I 39 26.68 55.90 16.32
CA LYS I 39 27.53 57.06 16.52
C LYS I 39 28.44 57.22 15.32
N PRO I 40 28.68 58.45 14.87
CA PRO I 40 29.53 58.66 13.69
C PRO I 40 30.91 58.06 13.90
N GLY I 41 31.41 57.40 12.85
CA GLY I 41 32.73 56.82 12.87
C GLY I 41 32.80 55.37 13.31
N GLN I 42 31.70 54.77 13.74
CA GLN I 42 31.72 53.40 14.24
C GLN I 42 30.45 52.67 13.82
N ALA I 43 30.50 51.35 13.96
CA ALA I 43 29.38 50.50 13.56
C ALA I 43 28.17 50.70 14.47
N PRO I 44 26.97 50.47 13.95
CA PRO I 44 25.79 50.50 14.82
C PRO I 44 25.88 49.46 15.92
N ARG I 45 25.27 49.77 17.05
CA ARG I 45 25.35 48.95 18.25
C ARG I 45 23.95 48.52 18.67
N LEU I 46 23.74 47.21 18.81
CA LEU I 46 22.43 46.68 19.17
C LEU I 46 22.08 47.07 20.60
N LEU I 47 20.98 47.79 20.78
CA LEU I 47 20.49 48.15 22.11
C LEU I 47 19.41 47.20 22.60
N ILE I 48 18.30 47.12 21.86
CA ILE I 48 17.11 46.40 22.33
C ILE I 48 16.64 45.46 21.24
N TYR I 49 16.17 44.27 21.61
CA TYR I 49 15.57 43.33 20.67
C TYR I 49 14.33 42.71 21.30
N GLY I 50 13.42 42.25 20.44
CA GLY I 50 12.14 41.77 20.90
C GLY I 50 11.31 42.84 21.57
N ALA I 51 11.62 44.11 21.29
CA ALA I 51 10.97 45.31 21.78
C ALA I 51 11.20 45.57 23.27
N SER I 52 11.72 44.59 24.01
CA SER I 52 11.84 44.78 25.45
C SER I 52 13.10 44.21 26.08
N LYS I 53 13.95 43.51 25.35
CA LYS I 53 15.08 42.80 25.91
C LYS I 53 16.36 43.58 25.62
N ARG I 54 17.19 43.75 26.63
CA ARG I 54 18.45 44.44 26.50
C ARG I 54 19.52 43.49 25.98
N ALA I 55 20.34 43.99 25.05
CA ALA I 55 21.44 43.21 24.52
C ALA I 55 22.57 43.12 25.55
N THR I 56 23.67 42.50 25.16
CA THR I 56 24.79 42.29 26.08
C THR I 56 25.47 43.61 26.39
N GLY I 57 25.65 43.89 27.67
CA GLY I 57 26.35 45.08 28.11
C GLY I 57 25.53 46.35 28.06
N ILE I 58 24.28 46.29 27.65
CA ILE I 58 23.44 47.49 27.58
C ILE I 58 22.96 47.83 28.99
N PRO I 59 23.20 49.05 29.46
CA PRO I 59 22.80 49.40 30.83
C PRO I 59 21.29 49.41 30.98
N SER I 60 20.85 49.17 32.22
CA SER I 60 19.43 49.09 32.54
C SER I 60 18.71 50.41 32.32
N ARG I 61 19.43 51.48 31.98
CA ARG I 61 18.78 52.74 31.64
C ARG I 61 17.92 52.60 30.39
N PHE I 62 18.42 51.88 29.39
CA PHE I 62 17.67 51.67 28.16
C PHE I 62 16.55 50.65 28.38
N SER I 63 15.34 50.98 27.92
CA SER I 63 14.23 50.06 27.97
C SER I 63 13.42 50.19 26.68
N GLY I 64 12.56 49.21 26.43
CA GLY I 64 11.70 49.24 25.28
C GLY I 64 10.30 48.80 25.64
N SER I 65 9.38 49.02 24.70
CA SER I 65 8.00 48.57 24.87
C SER I 65 7.31 48.57 23.51
N GLY I 66 6.18 47.89 23.45
CA GLY I 66 5.36 48.00 22.26
C GLY I 66 4.77 46.70 21.75
N SER I 67 3.91 46.82 20.74
CA SER I 67 3.22 45.66 20.17
C SER I 67 2.50 46.14 18.91
N GLY I 68 2.02 45.17 18.14
CA GLY I 68 1.23 45.47 16.97
C GLY I 68 1.96 46.36 15.98
N THR I 69 1.57 47.63 15.96
CA THR I 69 2.18 48.62 15.08
C THR I 69 3.01 49.66 15.82
N ASP I 70 2.80 49.84 17.12
CA ASP I 70 3.44 50.92 17.87
C ASP I 70 4.55 50.37 18.75
N PHE I 71 5.74 50.98 18.65
CA PHE I 71 6.85 50.57 19.50
C PHE I 71 7.59 51.80 20.01
N SER I 72 8.19 51.66 21.18
CA SER I 72 8.84 52.77 21.83
C SER I 72 10.14 52.32 22.48
N LEU I 73 11.14 53.19 22.43
CA LEU I 73 12.39 53.05 23.15
C LEU I 73 12.49 54.17 24.17
N THR I 74 12.83 53.84 25.40
CA THR I 74 12.90 54.79 26.49
C THR I 74 14.30 54.80 27.08
N ILE I 75 14.79 56.01 27.36
CA ILE I 75 16.03 56.23 28.12
C ILE I 75 15.63 57.00 29.37
N SER I 76 15.83 56.39 30.53
CA SER I 76 15.26 56.94 31.76
C SER I 76 15.93 58.25 32.15
N SER I 77 17.25 58.22 32.40
CA SER I 77 18.02 59.40 32.77
C SER I 77 19.27 59.38 31.92
N LEU I 78 19.22 60.03 30.76
CA LEU I 78 20.25 59.85 29.75
C LEU I 78 21.56 60.52 30.17
N GLU I 79 22.64 59.85 29.85
CA GLU I 79 24.02 60.27 30.07
C GLU I 79 24.57 60.95 28.82
N PRO I 80 25.66 61.72 28.93
CA PRO I 80 26.20 62.39 27.74
C PRO I 80 26.69 61.44 26.66
N GLU I 81 26.96 60.18 26.98
CA GLU I 81 27.38 59.22 25.97
C GLU I 81 26.20 58.52 25.29
N ASP I 82 24.98 59.04 25.46
CA ASP I 82 23.80 58.50 24.81
C ASP I 82 23.38 59.30 23.58
N PHE I 83 23.91 60.50 23.38
CA PHE I 83 23.50 61.35 22.27
C PHE I 83 24.04 60.78 20.96
N ALA I 84 23.15 60.20 20.16
CA ALA I 84 23.53 59.53 18.92
C ALA I 84 22.29 59.40 18.04
N VAL I 85 22.39 58.57 16.99
CA VAL I 85 21.25 58.29 16.13
C VAL I 85 20.68 56.93 16.50
N TYR I 86 19.36 56.80 16.47
CA TYR I 86 18.69 55.58 16.90
C TYR I 86 17.80 55.05 15.79
N TYR I 87 17.96 53.77 15.46
CA TYR I 87 17.18 53.13 14.41
C TYR I 87 16.34 52.00 14.98
N CYS I 88 15.07 51.95 14.59
CA CYS I 88 14.27 50.74 14.74
C CYS I 88 14.46 49.87 13.50
N GLN I 89 14.19 48.58 13.68
CA GLN I 89 14.48 47.61 12.63
C GLN I 89 13.54 46.41 12.75
N HIS I 90 12.96 46.04 11.63
CA HIS I 90 11.99 44.95 11.53
C HIS I 90 12.47 43.95 10.50
N ARG I 91 12.07 42.68 10.67
CA ARG I 91 12.34 41.66 9.68
C ARG I 91 11.08 40.83 9.46
N SER I 92 10.64 40.75 8.21
CA SER I 92 9.77 39.66 7.80
C SER I 92 10.65 38.64 7.08
N ASP I 93 10.04 37.53 6.69
CA ASP I 93 10.79 36.43 6.12
C ASP I 93 11.66 36.92 4.96
N TRP I 94 12.97 36.89 5.13
CA TRP I 94 13.96 37.27 4.11
C TRP I 94 13.81 38.73 3.65
N ARG I 95 13.27 39.60 4.49
CA ARG I 95 13.17 41.03 4.18
C ARG I 95 13.48 41.79 5.46
N THR I 96 14.53 42.59 5.46
CA THR I 96 14.91 43.41 6.59
C THR I 96 14.72 44.88 6.25
N THR I 97 14.12 45.63 7.17
CA THR I 97 13.86 47.04 6.97
C THR I 97 14.29 47.82 8.20
N PHE I 98 14.71 49.06 7.97
CA PHE I 98 15.09 50.00 9.01
C PHE I 98 14.13 51.19 9.02
N GLY I 99 14.18 51.95 10.09
CA GLY I 99 13.57 53.24 10.11
C GLY I 99 14.53 54.32 9.67
N GLN I 100 13.99 55.50 9.37
CA GLN I 100 14.85 56.60 8.94
C GLN I 100 15.81 57.01 10.06
N GLY I 101 15.45 56.78 11.30
CA GLY I 101 16.34 57.09 12.40
C GLY I 101 15.99 58.41 13.06
N THR I 102 16.27 58.49 14.36
CA THR I 102 16.03 59.68 15.16
C THR I 102 17.36 60.15 15.74
N ARG I 103 17.66 61.43 15.54
CA ARG I 103 18.88 62.03 16.08
C ARG I 103 18.55 62.64 17.44
N LEU I 104 19.26 62.18 18.47
CA LEU I 104 19.10 62.68 19.82
C LEU I 104 20.22 63.66 20.13
N GLU I 105 19.87 64.92 20.37
CA GLU I 105 20.84 65.99 20.53
C GLU I 105 20.56 66.75 21.83
N ILE I 106 21.62 67.38 22.35
CA ILE I 106 21.54 68.15 23.59
C ILE I 106 20.58 69.34 23.43
N GLU J 1 -15.23 4.99 -41.37
CA GLU J 1 -15.94 6.11 -41.98
C GLU J 1 -17.17 5.59 -42.73
N ILE J 2 -18.36 5.88 -42.21
CA ILE J 2 -19.60 5.33 -42.71
C ILE J 2 -20.26 6.34 -43.63
N VAL J 3 -20.58 5.92 -44.85
CA VAL J 3 -21.21 6.78 -45.84
C VAL J 3 -22.63 6.28 -46.09
N LEU J 4 -23.47 7.18 -46.61
CA LEU J 4 -24.88 6.89 -46.83
C LEU J 4 -25.24 7.14 -48.29
N THR J 5 -25.83 6.14 -48.92
CA THR J 5 -26.34 6.26 -50.28
C THR J 5 -27.87 6.24 -50.22
N GLN J 6 -28.49 7.31 -50.69
CA GLN J 6 -29.93 7.43 -50.71
C GLN J 6 -30.47 7.04 -52.08
N SER J 7 -31.53 6.26 -52.07
CA SER J 7 -32.19 5.83 -53.30
C SER J 7 -33.70 6.00 -53.18
N PRO J 8 -34.37 6.28 -54.29
CA PRO J 8 -33.79 6.66 -55.60
C PRO J 8 -33.42 8.14 -55.56
N ALA J 9 -32.66 8.63 -56.55
CA ALA J 9 -32.28 10.04 -56.55
C ALA J 9 -33.48 10.97 -56.72
N THR J 10 -34.59 10.46 -57.26
CA THR J 10 -35.79 11.27 -57.47
C THR J 10 -37.00 10.36 -57.45
N LEU J 11 -38.10 10.87 -56.89
CA LEU J 11 -39.38 10.18 -56.87
C LEU J 11 -40.45 11.05 -57.48
N SER J 12 -41.32 10.43 -58.28
CA SER J 12 -42.47 11.11 -58.90
C SER J 12 -43.72 10.42 -58.39
N LEU J 13 -44.44 11.07 -57.49
CA LEU J 13 -45.65 10.51 -56.90
C LEU J 13 -46.73 11.58 -56.80
N SER J 14 -47.96 11.18 -57.10
CA SER J 14 -49.11 12.06 -56.98
C SER J 14 -49.48 12.27 -55.51
N PRO J 15 -50.09 13.41 -55.18
CA PRO J 15 -50.53 13.63 -53.80
C PRO J 15 -51.51 12.55 -53.35
N GLY J 16 -51.40 12.17 -52.07
CA GLY J 16 -52.22 11.12 -51.50
C GLY J 16 -51.67 9.72 -51.67
N GLU J 17 -50.49 9.56 -52.27
CA GLU J 17 -49.87 8.27 -52.47
C GLU J 17 -48.91 7.95 -51.33
N ARG J 18 -48.26 6.79 -51.42
CA ARG J 18 -47.33 6.32 -50.40
C ARG J 18 -45.90 6.46 -50.91
N ALA J 19 -45.03 7.06 -50.11
CA ALA J 19 -43.66 7.34 -50.50
C ALA J 19 -42.70 6.53 -49.65
N THR J 20 -41.75 5.87 -50.29
CA THR J 20 -40.70 5.13 -49.62
C THR J 20 -39.34 5.63 -50.10
N LEU J 21 -38.44 5.85 -49.15
CA LEU J 21 -37.09 6.35 -49.41
C LEU J 21 -36.11 5.44 -48.70
N SER J 22 -34.99 5.11 -49.35
CA SER J 22 -34.04 4.16 -48.81
C SER J 22 -32.69 4.83 -48.55
N CYS J 23 -32.05 4.45 -47.46
CA CYS J 23 -30.69 4.87 -47.13
C CYS J 23 -29.87 3.63 -46.79
N ARG J 24 -28.82 3.39 -47.55
CA ARG J 24 -27.93 2.26 -47.33
C ARG J 24 -26.59 2.78 -46.82
N ALA J 25 -26.17 2.27 -45.68
CA ALA J 25 -24.87 2.61 -45.13
C ALA J 25 -23.82 1.66 -45.69
N SER J 26 -22.58 2.14 -45.78
CA SER J 26 -21.48 1.31 -46.26
C SER J 26 -21.12 0.21 -45.27
N GLN J 27 -21.54 0.32 -44.03
CA GLN J 27 -21.29 -0.69 -43.02
C GLN J 27 -22.37 -0.56 -41.94
N SER J 28 -22.38 -1.53 -41.02
CA SER J 28 -23.37 -1.52 -39.94
C SER J 28 -23.23 -0.23 -39.15
N VAL J 29 -24.36 0.46 -38.93
CA VAL J 29 -24.31 1.84 -38.46
C VAL J 29 -23.90 1.90 -36.99
N SER J 30 -23.14 2.94 -36.65
CA SER J 30 -22.83 3.24 -35.26
C SER J 30 -24.03 3.79 -34.51
N SER J 31 -25.05 4.23 -35.24
CA SER J 31 -26.15 5.00 -34.68
C SER J 31 -27.29 4.99 -35.70
N TYR J 32 -28.50 4.75 -35.22
CA TYR J 32 -29.66 4.74 -36.12
C TYR J 32 -29.84 6.13 -36.75
N LEU J 33 -30.30 6.13 -37.99
CA LEU J 33 -30.24 7.31 -38.83
C LEU J 33 -31.33 8.31 -38.49
N ALA J 34 -31.12 9.55 -38.93
CA ALA J 34 -32.12 10.61 -38.85
C ALA J 34 -32.50 11.06 -40.25
N TRP J 35 -33.74 11.50 -40.39
CA TRP J 35 -34.27 11.98 -41.65
C TRP J 35 -34.74 13.41 -41.47
N TYR J 36 -34.25 14.28 -42.36
CA TYR J 36 -34.57 15.69 -42.40
C TYR J 36 -35.31 16.03 -43.69
N GLN J 37 -36.25 16.96 -43.58
CA GLN J 37 -36.93 17.55 -44.71
C GLN J 37 -36.35 18.94 -44.96
N HIS J 38 -36.07 19.25 -46.23
CA HIS J 38 -35.44 20.52 -46.61
C HIS J 38 -36.17 21.08 -47.81
N LYS J 39 -36.92 22.15 -47.60
CA LYS J 39 -37.60 22.98 -48.56
C LYS J 39 -36.78 24.23 -48.83
N PRO J 40 -36.75 24.69 -50.08
CA PRO J 40 -35.98 25.90 -50.39
C PRO J 40 -36.45 27.09 -49.56
N GLY J 41 -35.47 27.86 -49.08
CA GLY J 41 -35.72 29.09 -48.37
C GLY J 41 -35.60 29.01 -46.86
N GLN J 42 -35.67 27.81 -46.29
CA GLN J 42 -35.65 27.65 -44.85
C GLN J 42 -34.69 26.54 -44.44
N ALA J 43 -34.55 26.39 -43.14
CA ALA J 43 -33.64 25.41 -42.57
C ALA J 43 -34.18 24.00 -42.78
N PRO J 44 -33.30 23.01 -42.85
CA PRO J 44 -33.76 21.61 -42.80
C PRO J 44 -34.47 21.35 -41.49
N ARG J 45 -35.53 20.55 -41.56
CA ARG J 45 -36.38 20.24 -40.41
C ARG J 45 -36.21 18.78 -40.03
N LEU J 46 -35.82 18.53 -38.79
CA LEU J 46 -35.76 17.16 -38.29
C LEU J 46 -37.12 16.49 -38.39
N LEU J 47 -37.16 15.30 -39.00
CA LEU J 47 -38.38 14.52 -39.10
C LEU J 47 -38.33 13.27 -38.24
N ILE J 48 -37.33 12.42 -38.44
CA ILE J 48 -37.27 11.12 -37.78
C ILE J 48 -35.87 10.94 -37.20
N TYR J 49 -35.78 10.39 -36.00
CA TYR J 49 -34.50 10.05 -35.38
C TYR J 49 -34.60 8.67 -34.77
N GLY J 50 -33.44 8.06 -34.51
CA GLY J 50 -33.44 6.67 -34.08
C GLY J 50 -34.04 5.74 -35.10
N ALA J 51 -34.17 6.20 -36.34
CA ALA J 51 -34.71 5.48 -37.49
C ALA J 51 -36.21 5.24 -37.39
N SER J 52 -36.80 5.43 -36.22
CA SER J 52 -38.23 5.15 -36.06
C SER J 52 -39.00 6.17 -35.25
N LYS J 53 -38.36 7.02 -34.46
CA LYS J 53 -39.07 7.92 -33.58
C LYS J 53 -39.43 9.21 -34.31
N ARG J 54 -40.54 9.82 -33.88
CA ARG J 54 -41.14 10.95 -34.57
C ARG J 54 -40.82 12.22 -33.79
N ALA J 55 -40.20 13.19 -34.44
CA ALA J 55 -39.83 14.42 -33.76
C ALA J 55 -41.07 15.27 -33.49
N THR J 56 -40.91 16.26 -32.59
CA THR J 56 -42.04 17.09 -32.21
C THR J 56 -42.57 17.86 -33.40
N GLY J 57 -43.89 17.91 -33.53
CA GLY J 57 -44.53 18.60 -34.61
C GLY J 57 -44.54 17.85 -35.92
N ILE J 58 -44.07 16.61 -35.95
CA ILE J 58 -44.07 15.80 -37.16
C ILE J 58 -45.39 15.03 -37.21
N PRO J 59 -46.19 15.17 -38.26
CA PRO J 59 -47.46 14.43 -38.33
C PRO J 59 -47.23 12.93 -38.35
N SER J 60 -48.23 12.19 -37.86
CA SER J 60 -48.10 10.75 -37.69
C SER J 60 -47.94 10.02 -39.01
N ARG J 61 -48.21 10.66 -40.14
CA ARG J 61 -48.04 10.01 -41.43
C ARG J 61 -46.58 9.73 -41.75
N PHE J 62 -45.65 10.45 -41.15
CA PHE J 62 -44.24 10.14 -41.28
C PHE J 62 -43.87 8.95 -40.41
N SER J 63 -43.10 8.03 -40.97
CA SER J 63 -42.63 6.87 -40.22
C SER J 63 -41.29 6.45 -40.79
N GLY J 64 -40.58 5.65 -40.02
CA GLY J 64 -39.30 5.12 -40.48
C GLY J 64 -39.07 3.74 -39.91
N SER J 65 -38.11 3.05 -40.51
CA SER J 65 -37.70 1.73 -39.99
C SER J 65 -36.30 1.45 -40.53
N GLY J 66 -35.76 0.31 -40.12
CA GLY J 66 -34.47 -0.13 -40.62
C GLY J 66 -33.49 -0.44 -39.50
N SER J 67 -32.38 -1.03 -39.90
CA SER J 67 -31.34 -1.52 -39.01
C SER J 67 -30.13 -1.91 -39.85
N GLY J 68 -29.02 -2.19 -39.17
CA GLY J 68 -27.81 -2.66 -39.83
C GLY J 68 -27.29 -1.67 -40.85
N THR J 69 -27.55 -1.94 -42.12
CA THR J 69 -27.17 -1.04 -43.20
C THR J 69 -28.36 -0.49 -43.98
N ASP J 70 -29.56 -1.03 -43.79
CA ASP J 70 -30.71 -0.65 -44.58
C ASP J 70 -31.69 0.11 -43.71
N PHE J 71 -32.00 1.34 -44.09
CA PHE J 71 -32.97 2.15 -43.36
C PHE J 71 -33.92 2.76 -44.38
N SER J 72 -35.14 3.02 -43.94
CA SER J 72 -36.20 3.46 -44.85
C SER J 72 -37.08 4.49 -44.17
N LEU J 73 -37.47 5.50 -44.94
CA LEU J 73 -38.45 6.50 -44.55
C LEU J 73 -39.72 6.29 -45.36
N THR J 74 -40.86 6.46 -44.71
CA THR J 74 -42.15 6.24 -45.34
C THR J 74 -43.08 7.40 -45.01
N ILE J 75 -43.78 7.87 -46.03
CA ILE J 75 -44.91 8.80 -45.88
C ILE J 75 -46.15 8.06 -46.35
N SER J 76 -47.14 7.92 -45.47
CA SER J 76 -48.28 7.06 -45.75
C SER J 76 -49.18 7.66 -46.82
N SER J 77 -49.73 8.85 -46.56
CA SER J 77 -50.55 9.57 -47.52
C SER J 77 -49.96 10.98 -47.64
N LEU J 78 -49.30 11.27 -48.76
CA LEU J 78 -48.50 12.48 -48.88
C LEU J 78 -49.32 13.64 -49.41
N GLU J 79 -49.21 14.77 -48.74
CA GLU J 79 -49.84 16.04 -49.03
C GLU J 79 -48.92 16.93 -49.86
N PRO J 80 -49.46 17.95 -50.53
CA PRO J 80 -48.61 18.83 -51.34
C PRO J 80 -47.51 19.52 -50.54
N GLU J 81 -47.66 19.66 -49.22
CA GLU J 81 -46.65 20.31 -48.40
C GLU J 81 -45.57 19.34 -47.91
N ASP J 82 -45.55 18.11 -48.42
CA ASP J 82 -44.50 17.16 -48.12
C ASP J 82 -43.50 17.00 -49.26
N PHE J 83 -43.59 17.83 -50.29
CA PHE J 83 -42.69 17.74 -51.44
C PHE J 83 -41.46 18.60 -51.17
N ALA J 84 -40.34 17.96 -50.91
CA ALA J 84 -39.10 18.64 -50.56
C ALA J 84 -37.94 17.69 -50.86
N VAL J 85 -36.77 18.00 -50.33
CA VAL J 85 -35.62 17.11 -50.43
C VAL J 85 -35.36 16.48 -49.07
N TYR J 86 -35.22 15.17 -49.04
CA TYR J 86 -35.09 14.43 -47.79
C TYR J 86 -33.68 13.88 -47.66
N TYR J 87 -33.10 14.05 -46.48
CA TYR J 87 -31.73 13.62 -46.21
C TYR J 87 -31.71 12.63 -45.05
N CYS J 88 -31.00 11.52 -45.23
CA CYS J 88 -30.64 10.65 -44.12
C CYS J 88 -29.28 11.07 -43.59
N GLN J 89 -29.11 10.95 -42.28
CA GLN J 89 -27.94 11.48 -41.58
C GLN J 89 -27.48 10.50 -40.53
N HIS J 90 -26.18 10.24 -40.51
CA HIS J 90 -25.53 9.32 -39.60
C HIS J 90 -24.45 10.06 -38.82
N ARG J 91 -24.12 9.54 -37.64
CA ARG J 91 -23.01 10.06 -36.87
C ARG J 91 -22.28 8.92 -36.19
N SER J 92 -20.99 8.80 -36.46
CA SER J 92 -20.10 8.05 -35.61
C SER J 92 -19.40 9.04 -34.69
N ASP J 93 -18.56 8.54 -33.79
CA ASP J 93 -17.99 9.38 -32.75
C ASP J 93 -17.26 10.56 -33.40
N TRP J 94 -17.80 11.77 -33.20
CA TRP J 94 -17.24 13.03 -33.69
C TRP J 94 -17.18 13.13 -35.23
N ARG J 95 -17.96 12.33 -35.95
CA ARG J 95 -18.02 12.45 -37.40
C ARG J 95 -19.47 12.33 -37.86
N THR J 96 -19.98 13.40 -38.47
CA THR J 96 -21.36 13.43 -38.96
C THR J 96 -21.37 13.40 -40.48
N THR J 97 -22.13 12.48 -41.05
CA THR J 97 -22.24 12.34 -42.50
C THR J 97 -23.69 12.43 -42.92
N PHE J 98 -23.92 12.99 -44.10
CA PHE J 98 -25.23 13.11 -44.70
C PHE J 98 -25.31 12.22 -45.93
N GLY J 99 -26.52 11.77 -46.24
CA GLY J 99 -26.78 11.20 -47.54
C GLY J 99 -26.81 12.28 -48.60
N GLN J 100 -26.83 11.83 -49.85
CA GLN J 100 -26.79 12.78 -50.97
C GLN J 100 -28.12 13.48 -51.21
N GLY J 101 -29.22 12.94 -50.69
CA GLY J 101 -30.51 13.59 -50.83
C GLY J 101 -31.43 12.95 -51.86
N THR J 102 -32.68 12.70 -51.46
CA THR J 102 -33.72 12.24 -52.36
C THR J 102 -34.77 13.34 -52.44
N ARG J 103 -35.17 13.68 -53.66
CA ARG J 103 -36.10 14.79 -53.91
C ARG J 103 -37.48 14.25 -54.26
N LEU J 104 -38.49 14.69 -53.53
CA LEU J 104 -39.88 14.32 -53.78
C LEU J 104 -40.56 15.42 -54.59
N GLU J 105 -41.02 15.07 -55.78
CA GLU J 105 -41.71 16.01 -56.66
C GLU J 105 -43.01 15.39 -57.16
N ILE J 106 -44.00 16.25 -57.39
CA ILE J 106 -45.32 15.81 -57.82
C ILE J 106 -45.25 15.12 -59.18
N GLN K 1 33.42 35.34 22.18
CA GLN K 1 34.08 36.45 21.49
C GLN K 1 34.03 36.24 19.98
N VAL K 2 33.32 37.13 19.28
CA VAL K 2 33.09 37.01 17.85
C VAL K 2 33.54 38.28 17.16
N GLN K 3 34.30 38.12 16.07
CA GLN K 3 34.75 39.24 15.26
C GLN K 3 34.38 38.99 13.80
N LEU K 4 34.10 40.08 13.09
CA LEU K 4 33.77 40.02 11.66
C LEU K 4 34.82 40.85 10.93
N GLN K 5 35.84 40.18 10.40
CA GLN K 5 36.95 40.87 9.74
C GLN K 5 36.60 41.11 8.28
N GLU K 6 36.55 42.37 7.88
CA GLU K 6 36.07 42.77 6.56
C GLU K 6 37.24 43.14 5.67
N SER K 7 37.07 42.91 4.36
CA SER K 7 38.15 43.11 3.40
C SER K 7 37.55 43.46 2.04
N GLY K 8 38.36 44.11 1.21
CA GLY K 8 37.94 44.50 -0.12
C GLY K 8 38.21 45.96 -0.41
N ALA K 9 38.47 46.26 -1.68
CA ALA K 9 38.85 47.61 -2.09
C ALA K 9 37.62 48.51 -2.15
N GLY K 10 37.73 49.69 -1.55
CA GLY K 10 36.65 50.65 -1.54
C GLY K 10 36.76 51.73 -2.60
N LEU K 11 37.92 51.83 -3.24
CA LEU K 11 38.16 52.83 -4.28
C LEU K 11 37.79 52.24 -5.64
N LEU K 12 36.81 52.85 -6.30
CA LEU K 12 36.34 52.32 -7.58
C LEU K 12 35.92 53.45 -8.49
N LYS K 13 35.98 53.19 -9.78
CA LYS K 13 35.45 54.04 -10.83
C LYS K 13 34.03 53.60 -11.17
N PRO K 14 33.22 54.50 -11.73
CA PRO K 14 31.84 54.13 -12.05
C PRO K 14 31.78 52.96 -13.03
N SER K 15 30.70 52.18 -12.90
CA SER K 15 30.39 50.99 -13.70
C SER K 15 31.28 49.79 -13.36
N GLU K 16 32.19 49.92 -12.41
CA GLU K 16 33.01 48.79 -11.98
C GLU K 16 32.23 47.94 -10.97
N THR K 17 32.84 46.83 -10.54
CA THR K 17 32.22 45.87 -9.63
C THR K 17 32.84 46.01 -8.24
N LEU K 18 32.05 46.49 -7.30
CA LEU K 18 32.41 46.40 -5.89
C LEU K 18 32.41 44.95 -5.43
N SER K 19 33.45 44.55 -4.71
CA SER K 19 33.63 43.17 -4.29
C SER K 19 34.16 43.17 -2.86
N LEU K 20 33.26 43.00 -1.88
CA LEU K 20 33.63 43.00 -0.48
C LEU K 20 33.48 41.60 0.10
N SER K 21 34.26 41.32 1.13
CA SER K 21 34.24 40.02 1.79
C SER K 21 34.28 40.24 3.29
N CYS K 22 33.76 39.26 4.03
CA CYS K 22 33.72 39.33 5.48
C CYS K 22 33.96 37.93 6.03
N THR K 23 34.95 37.79 6.88
CA THR K 23 35.31 36.52 7.52
C THR K 23 34.83 36.51 8.96
N VAL K 24 34.20 35.42 9.37
CA VAL K 24 33.66 35.28 10.72
C VAL K 24 34.67 34.53 11.59
N ASP K 25 35.00 35.10 12.74
CA ASP K 25 35.92 34.50 13.70
CA ASP K 25 35.93 34.50 13.70
C ASP K 25 35.20 34.38 15.03
N GLY K 26 34.70 33.18 15.33
CA GLY K 26 34.01 32.94 16.57
C GLY K 26 32.60 32.40 16.40
N GLU K 27 32.25 31.41 17.22
CA GLU K 27 30.93 30.77 17.23
C GLU K 27 30.61 30.15 15.88
N SER K 28 29.39 29.69 15.71
CA SER K 28 29.04 28.89 14.55
C SER K 28 28.74 29.76 13.33
N PHE K 29 28.88 29.17 12.16
CA PHE K 29 28.43 29.78 10.92
C PHE K 29 26.99 29.44 10.60
N ASN K 30 26.49 28.31 11.09
CA ASN K 30 25.10 27.93 10.86
CA ASN K 30 25.10 27.93 10.86
C ASN K 30 24.18 28.64 11.86
N GLY K 31 22.94 28.83 11.44
CA GLY K 31 21.92 29.44 12.29
C GLY K 31 21.92 30.95 12.33
N PHE K 32 22.67 31.62 11.45
CA PHE K 32 22.70 33.07 11.40
C PHE K 32 22.39 33.52 9.97
N PHE K 33 21.99 34.77 9.86
CA PHE K 33 21.82 35.41 8.56
C PHE K 33 22.96 36.41 8.40
N TRP K 34 23.92 36.06 7.55
CA TRP K 34 25.06 36.93 7.30
C TRP K 34 24.61 38.05 6.37
N THR K 35 24.70 39.28 6.86
CA THR K 35 23.94 40.40 6.33
C THR K 35 24.88 41.51 5.89
N TRP K 36 24.55 42.14 4.76
CA TRP K 36 25.22 43.33 4.29
C TRP K 36 24.27 44.51 4.42
N ILE K 37 24.73 45.55 5.12
CA ILE K 37 24.04 46.82 5.32
C ILE K 37 24.94 47.91 4.77
N ARG K 38 24.34 49.02 4.36
CA ARG K 38 25.14 50.16 3.93
C ARG K 38 24.49 51.44 4.42
N GLN K 39 25.32 52.46 4.59
CA GLN K 39 24.86 53.80 4.97
C GLN K 39 25.48 54.80 4.02
N PRO K 40 24.72 55.34 3.07
CA PRO K 40 25.23 56.40 2.22
C PRO K 40 25.19 57.73 2.95
N PRO K 41 26.17 58.61 2.73
CA PRO K 41 26.22 59.86 3.49
C PRO K 41 24.95 60.70 3.30
N GLY K 42 24.47 61.25 4.42
CA GLY K 42 23.22 61.98 4.43
C GLY K 42 21.97 61.14 4.56
N LYS K 43 22.12 59.81 4.70
CA LYS K 43 20.98 58.90 4.81
C LYS K 43 21.16 58.01 6.02
N GLY K 44 20.20 57.11 6.23
CA GLY K 44 20.25 56.14 7.30
C GLY K 44 20.72 54.77 6.83
N LEU K 45 20.59 53.80 7.73
CA LEU K 45 20.98 52.44 7.42
C LEU K 45 20.06 51.84 6.35
N GLU K 46 20.67 51.14 5.41
CA GLU K 46 19.94 50.51 4.32
C GLU K 46 20.38 49.07 4.21
N TRP K 47 19.41 48.15 4.22
CA TRP K 47 19.68 46.73 4.15
C TRP K 47 20.00 46.35 2.70
N ILE K 48 21.20 45.84 2.46
CA ILE K 48 21.53 45.32 1.15
C ILE K 48 20.98 43.91 0.98
N GLY K 49 21.34 43.01 1.89
CA GLY K 49 20.83 41.65 1.76
C GLY K 49 21.39 40.72 2.81
N GLU K 50 21.06 39.44 2.67
CA GLU K 50 21.54 38.46 3.64
C GLU K 50 21.52 37.07 3.01
N ILE K 51 22.29 36.16 3.63
CA ILE K 51 22.48 34.80 3.15
C ILE K 51 22.66 33.86 4.35
N ASN K 52 22.26 32.60 4.19
CA ASN K 52 22.52 31.54 5.15
C ASN K 52 23.75 30.72 4.79
N HIS K 53 24.02 29.71 5.63
CA HIS K 53 24.98 28.66 5.31
C HIS K 53 24.46 27.72 4.22
N LEU K 54 23.15 27.73 3.94
CA LEU K 54 22.60 26.99 2.82
C LEU K 54 22.60 27.82 1.53
N ALA K 55 23.19 29.02 1.56
CA ALA K 55 23.25 29.91 0.41
C ALA K 55 21.88 30.36 -0.06
N SER K 56 20.85 30.22 0.78
CA SER K 56 19.59 30.91 0.52
C SER K 56 19.79 32.40 0.80
N THR K 57 19.21 33.25 -0.04
CA THR K 57 19.46 34.67 0.03
C THR K 57 18.17 35.47 0.05
N GLY K 58 18.29 36.70 0.54
CA GLY K 58 17.27 37.72 0.37
C GLY K 58 17.94 39.05 0.03
N TYR K 59 17.34 39.81 -0.89
CA TYR K 59 17.92 41.05 -1.37
C TYR K 59 16.92 42.19 -1.28
N ASN K 60 17.43 43.39 -1.07
CA ASN K 60 16.62 44.59 -1.22
C ASN K 60 16.19 44.71 -2.69
N PRO K 61 14.89 44.84 -2.97
CA PRO K 61 14.44 44.87 -4.38
C PRO K 61 14.99 46.06 -5.17
N SER K 62 15.36 47.16 -4.51
CA SER K 62 15.94 48.29 -5.23
C SER K 62 17.34 48.01 -5.74
N LEU K 63 17.96 46.90 -5.34
CA LEU K 63 19.28 46.52 -5.82
C LEU K 63 19.34 45.10 -6.36
N LYS K 64 18.22 44.36 -6.33
CA LYS K 64 18.24 42.93 -6.62
C LYS K 64 18.90 42.62 -7.96
N SER K 65 18.69 43.47 -8.96
CA SER K 65 19.24 43.22 -10.29
C SER K 65 20.76 43.28 -10.33
N ARG K 66 21.40 43.95 -9.36
CA ARG K 66 22.83 44.16 -9.39
C ARG K 66 23.60 43.51 -8.25
N VAL K 67 22.92 42.96 -7.24
CA VAL K 67 23.58 42.45 -6.05
C VAL K 67 23.65 40.93 -6.11
N THR K 68 24.81 40.38 -5.79
CA THR K 68 24.97 38.95 -5.56
C THR K 68 25.67 38.78 -4.22
N ILE K 69 25.20 37.83 -3.43
CA ILE K 69 25.82 37.50 -2.14
C ILE K 69 26.13 36.02 -2.13
N SER K 70 27.29 35.65 -1.59
CA SER K 70 27.73 34.26 -1.63
C SER K 70 28.36 33.89 -0.30
N VAL K 71 28.52 32.59 -0.09
CA VAL K 71 29.15 32.08 1.12
C VAL K 71 30.24 31.07 0.76
N ASP K 72 31.23 30.98 1.64
CA ASP K 72 32.26 29.95 1.60
C ASP K 72 32.33 29.42 3.03
N THR K 73 31.65 28.30 3.25
CA THR K 73 31.59 27.71 4.59
C THR K 73 32.92 27.08 4.99
N SER K 74 33.79 26.78 4.02
CA SER K 74 35.08 26.19 4.35
C SER K 74 35.93 27.15 5.16
N LYS K 75 35.95 28.43 4.78
CA LYS K 75 36.72 29.44 5.50
C LYS K 75 35.83 30.42 6.26
N ASN K 76 34.55 30.06 6.43
CA ASN K 76 33.62 30.82 7.26
C ASN K 76 33.55 32.28 6.82
N GLN K 77 33.33 32.48 5.52
CA GLN K 77 33.29 33.84 4.99
C GLN K 77 32.06 34.01 4.11
N PHE K 78 31.67 35.26 3.92
CA PHE K 78 30.57 35.57 3.02
C PHE K 78 30.90 36.87 2.29
N SER K 79 30.39 36.99 1.08
CA SER K 79 30.86 37.98 0.12
C SER K 79 29.71 38.73 -0.52
N LEU K 80 29.95 40.01 -0.80
CA LEU K 80 29.03 40.88 -1.51
C LEU K 80 29.66 41.31 -2.82
N LYS K 81 28.89 41.21 -3.91
CA LYS K 81 29.32 41.62 -5.24
C LYS K 81 28.25 42.54 -5.81
N LEU K 82 28.59 43.81 -6.00
CA LEU K 82 27.67 44.78 -6.57
C LEU K 82 28.23 45.27 -7.88
N THR K 83 27.38 45.33 -8.91
CA THR K 83 27.82 45.64 -10.26
C THR K 83 27.22 46.96 -10.74
N SER K 84 27.94 47.61 -11.67
CA SER K 84 27.53 48.87 -12.28
C SER K 84 27.39 49.97 -11.23
N VAL K 85 28.47 50.19 -10.49
CA VAL K 85 28.46 51.18 -9.42
C VAL K 85 28.33 52.58 -10.01
N THR K 86 27.40 53.34 -9.47
CA THR K 86 27.29 54.77 -9.73
C THR K 86 27.50 55.53 -8.43
N ALA K 87 27.39 56.85 -8.50
CA ALA K 87 27.65 57.69 -7.32
C ALA K 87 26.69 57.37 -6.17
N ALA K 88 25.55 56.73 -6.46
CA ALA K 88 24.62 56.34 -5.42
C ALA K 88 25.16 55.25 -4.52
N ASP K 89 26.24 54.57 -4.90
CA ASP K 89 26.80 53.49 -4.10
C ASP K 89 27.93 53.94 -3.18
N THR K 90 28.22 55.24 -3.13
CA THR K 90 29.14 55.77 -2.13
C THR K 90 28.51 55.61 -0.74
N ALA K 91 29.18 54.86 0.14
CA ALA K 91 28.60 54.56 1.44
C ALA K 91 29.65 53.93 2.34
N VAL K 92 29.31 53.81 3.61
CA VAL K 92 30.00 52.87 4.49
C VAL K 92 29.26 51.54 4.45
N TYR K 93 29.99 50.46 4.21
CA TYR K 93 29.42 49.12 4.06
C TYR K 93 29.77 48.28 5.28
N TYR K 94 28.76 47.65 5.88
CA TYR K 94 28.90 46.83 7.07
C TYR K 94 28.48 45.40 6.76
N CYS K 95 29.26 44.46 7.27
CA CYS K 95 28.84 43.07 7.39
C CYS K 95 28.43 42.84 8.84
N ALA K 96 27.30 42.17 9.03
CA ALA K 96 26.78 41.93 10.37
C ALA K 96 26.20 40.53 10.46
N ARG K 97 26.14 40.03 11.70
CA ARG K 97 25.57 38.72 12.01
C ARG K 97 24.14 38.94 12.50
N GLY K 98 23.17 38.40 11.77
CA GLY K 98 21.78 38.48 12.18
C GLY K 98 21.32 37.18 12.79
N TYR K 99 20.42 37.28 13.76
CA TYR K 99 19.79 36.12 14.37
C TYR K 99 18.28 36.34 14.37
N SER K 100 17.55 35.33 13.91
CA SER K 100 16.09 35.38 13.84
C SER K 100 15.52 34.32 14.77
N TYR K 101 14.64 34.73 15.67
CA TYR K 101 13.96 33.81 16.57
C TYR K 101 12.49 33.72 16.15
N GLY K 102 12.11 32.58 15.59
CA GLY K 102 10.75 32.38 15.16
C GLY K 102 10.06 31.19 15.79
N PHE K 103 10.58 30.73 16.92
CA PHE K 103 10.05 29.55 17.58
C PHE K 103 8.89 29.83 18.54
N ALA K 104 8.67 31.09 18.92
CA ALA K 104 7.57 31.42 19.82
C ALA K 104 7.30 32.92 19.77
N TRP K 105 6.06 33.30 20.07
CA TRP K 105 5.72 34.72 20.10
C TRP K 105 6.20 35.36 21.40
N PRO K 106 6.71 36.60 21.34
CA PRO K 106 6.95 37.40 20.13
C PRO K 106 8.19 36.94 19.39
N ASN K 107 8.08 36.77 18.08
CA ASN K 107 9.26 36.57 17.25
C ASN K 107 10.11 37.84 17.29
N TYR K 108 11.42 37.66 17.14
CA TYR K 108 12.32 38.81 17.09
C TYR K 108 13.46 38.49 16.14
N HIS K 109 14.21 39.54 15.80
CA HIS K 109 15.39 39.43 14.97
C HIS K 109 16.30 40.60 15.30
N TYR K 110 17.60 40.38 15.24
CA TYR K 110 18.54 41.47 15.48
C TYR K 110 19.84 41.23 14.74
N LEU K 111 20.69 42.25 14.78
CA LEU K 111 22.02 42.23 14.19
C LEU K 111 22.97 42.56 15.34
N ASP K 112 23.51 41.53 16.00
CA ASP K 112 24.23 41.76 17.25
C ASP K 112 25.71 42.04 17.05
N VAL K 113 26.36 41.39 16.09
CA VAL K 113 27.80 41.53 15.89
C VAL K 113 28.04 42.20 14.53
N TRP K 114 28.74 43.33 14.54
CA TRP K 114 28.96 44.13 13.34
C TRP K 114 30.44 44.22 13.01
N GLY K 115 30.73 44.32 11.71
CA GLY K 115 32.08 44.62 11.29
C GLY K 115 32.41 46.08 11.42
N LYS K 116 33.69 46.39 11.22
CA LYS K 116 34.15 47.77 11.34
C LYS K 116 33.53 48.65 10.27
N GLY K 117 33.42 48.15 9.05
CA GLY K 117 32.89 48.94 7.97
C GLY K 117 33.97 49.36 6.99
N THR K 118 33.56 49.57 5.74
CA THR K 118 34.46 49.96 4.67
C THR K 118 33.89 51.16 3.94
N THR K 119 34.72 52.17 3.68
CA THR K 119 34.28 53.36 2.95
C THR K 119 34.41 53.08 1.46
N VAL K 120 33.29 53.11 0.75
CA VAL K 120 33.23 52.76 -0.67
C VAL K 120 32.81 54.03 -1.40
N THR K 121 33.78 54.68 -2.03
CA THR K 121 33.53 55.87 -2.84
C THR K 121 33.77 55.54 -4.31
N VAL K 122 32.92 56.09 -5.16
CA VAL K 122 33.03 55.91 -6.60
C VAL K 122 33.05 57.29 -7.23
N SER K 123 33.96 57.48 -8.18
CA SER K 123 34.08 58.75 -8.88
C SER K 123 34.94 58.59 -10.14
N GLN L 1 -38.81 26.85 -25.79
CA GLN L 1 -38.45 27.61 -26.98
C GLN L 1 -36.94 27.85 -27.06
N VAL L 2 -36.32 27.33 -28.12
CA VAL L 2 -34.89 27.47 -28.35
C VAL L 2 -34.70 28.08 -29.73
N GLN L 3 -33.86 29.10 -29.82
CA GLN L 3 -33.52 29.70 -31.11
C GLN L 3 -32.02 29.92 -31.21
N LEU L 4 -31.55 29.94 -32.46
CA LEU L 4 -30.14 30.06 -32.79
C LEU L 4 -29.96 31.28 -33.68
N GLN L 5 -29.33 32.32 -33.15
CA GLN L 5 -29.17 33.59 -33.85
C GLN L 5 -27.80 33.62 -34.53
N GLU L 6 -27.80 33.75 -35.86
CA GLU L 6 -26.57 33.71 -36.65
C GLU L 6 -26.14 35.12 -37.03
N SER L 7 -24.83 35.33 -37.06
CA SER L 7 -24.27 36.62 -37.46
C SER L 7 -22.94 36.41 -38.16
N GLY L 8 -22.57 37.39 -38.98
CA GLY L 8 -21.32 37.35 -39.72
C GLY L 8 -21.50 37.74 -41.17
N ALA L 9 -20.48 38.40 -41.72
CA ALA L 9 -20.55 38.90 -43.09
C ALA L 9 -20.52 37.74 -44.08
N GLY L 10 -21.44 37.76 -45.04
CA GLY L 10 -21.51 36.71 -46.03
C GLY L 10 -20.87 37.07 -47.35
N LEU L 11 -20.51 38.34 -47.53
CA LEU L 11 -19.87 38.81 -48.74
C LEU L 11 -18.38 38.93 -48.50
N LEU L 12 -17.58 38.12 -49.21
CA LEU L 12 -16.14 38.11 -49.03
C LEU L 12 -15.47 37.91 -50.38
N LYS L 13 -14.17 38.15 -50.38
CA LYS L 13 -13.31 37.99 -51.54
C LYS L 13 -12.49 36.72 -51.42
N PRO L 14 -11.99 36.17 -52.52
CA PRO L 14 -11.20 34.94 -52.44
C PRO L 14 -9.97 35.11 -51.57
N SER L 15 -9.62 34.02 -50.87
CA SER L 15 -8.49 33.90 -49.94
C SER L 15 -8.73 34.64 -48.62
N GLU L 16 -9.91 35.22 -48.40
CA GLU L 16 -10.23 35.90 -47.16
C GLU L 16 -10.59 34.87 -46.09
N THR L 17 -11.08 35.35 -44.94
CA THR L 17 -11.44 34.51 -43.80
C THR L 17 -12.93 34.63 -43.53
N LEU L 18 -13.68 33.59 -43.84
CA LEU L 18 -15.07 33.51 -43.43
C LEU L 18 -15.16 33.36 -41.91
N SER L 19 -15.91 34.25 -41.27
CA SER L 19 -16.04 34.26 -39.82
C SER L 19 -17.51 34.40 -39.47
N LEU L 20 -18.11 33.35 -38.92
CA LEU L 20 -19.52 33.35 -38.55
C LEU L 20 -19.66 32.98 -37.08
N SER L 21 -20.74 33.45 -36.47
CA SER L 21 -21.01 33.16 -35.08
C SER L 21 -22.48 32.83 -34.92
N CYS L 22 -22.79 32.06 -33.88
CA CYS L 22 -24.16 31.66 -33.60
C CYS L 22 -24.36 31.67 -32.09
N THR L 23 -25.40 32.38 -31.64
CA THR L 23 -25.73 32.53 -30.23
C THR L 23 -26.97 31.71 -29.91
N VAL L 24 -26.92 30.97 -28.80
CA VAL L 24 -27.97 30.04 -28.41
C VAL L 24 -28.86 30.71 -27.36
N ASP L 25 -30.17 30.71 -27.59
CA ASP L 25 -31.15 31.27 -26.67
CA ASP L 25 -31.16 31.28 -26.68
C ASP L 25 -32.19 30.20 -26.33
N GLY L 26 -32.06 29.62 -25.14
CA GLY L 26 -32.99 28.61 -24.71
C GLY L 26 -32.31 27.30 -24.33
N GLU L 27 -32.75 26.71 -23.22
CA GLU L 27 -32.26 25.42 -22.74
C GLU L 27 -30.76 25.47 -22.44
N SER L 28 -30.17 24.32 -22.17
CA SER L 28 -28.79 24.29 -21.71
C SER L 28 -27.82 24.43 -22.90
N PHE L 29 -26.60 24.82 -22.57
CA PHE L 29 -25.50 24.84 -23.52
C PHE L 29 -24.68 23.56 -23.48
N ASN L 30 -24.59 22.92 -22.31
CA ASN L 30 -23.89 21.65 -22.20
CA ASN L 30 -23.89 21.65 -22.20
C ASN L 30 -24.76 20.49 -22.67
N GLY L 31 -24.12 19.40 -23.03
CA GLY L 31 -24.79 18.19 -23.47
C GLY L 31 -25.20 18.16 -24.93
N PHE L 32 -24.89 19.20 -25.69
CA PHE L 32 -25.23 19.27 -27.10
C PHE L 32 -23.96 19.42 -27.92
N PHE L 33 -24.00 18.98 -29.16
CA PHE L 33 -22.93 19.21 -30.11
C PHE L 33 -23.35 20.38 -31.01
N TRP L 34 -22.73 21.53 -30.79
CA TRP L 34 -23.04 22.71 -31.58
C TRP L 34 -22.34 22.58 -32.93
N THR L 35 -23.12 22.58 -34.00
CA THR L 35 -22.71 22.04 -35.29
C THR L 35 -22.80 23.12 -36.36
N TRP L 36 -21.85 23.11 -37.28
CA TRP L 36 -21.88 23.93 -38.47
C TRP L 36 -22.03 23.02 -39.67
N ILE L 37 -23.07 23.27 -40.47
CA ILE L 37 -23.40 22.56 -41.70
C ILE L 37 -23.42 23.62 -42.80
N ARG L 38 -23.25 23.17 -44.04
CA ARG L 38 -23.44 24.09 -45.15
C ARG L 38 -24.08 23.36 -46.32
N GLN L 39 -24.78 24.11 -47.14
CA GLN L 39 -25.35 23.59 -48.39
C GLN L 39 -24.83 24.43 -49.55
N PRO L 40 -24.00 23.87 -50.43
CA PRO L 40 -23.57 24.60 -51.62
C PRO L 40 -24.69 24.64 -52.64
N PRO L 41 -24.71 25.65 -53.51
CA PRO L 41 -25.80 25.76 -54.50
C PRO L 41 -25.83 24.55 -55.41
N GLY L 42 -26.97 23.88 -55.44
CA GLY L 42 -27.18 22.70 -56.27
C GLY L 42 -26.79 21.38 -55.62
N LYS L 43 -26.17 21.40 -54.46
CA LYS L 43 -25.67 20.20 -53.80
C LYS L 43 -26.44 19.95 -52.50
N GLY L 44 -26.08 18.86 -51.82
CA GLY L 44 -26.73 18.48 -50.59
C GLY L 44 -26.07 19.09 -49.36
N LEU L 45 -26.61 18.74 -48.20
CA LEU L 45 -26.07 19.22 -46.94
C LEU L 45 -24.71 18.61 -46.67
N GLU L 46 -23.78 19.42 -46.18
CA GLU L 46 -22.42 18.98 -45.89
C GLU L 46 -22.06 19.39 -44.48
N TRP L 47 -21.63 18.42 -43.68
CA TRP L 47 -21.24 18.67 -42.29
C TRP L 47 -19.88 19.34 -42.27
N ILE L 48 -19.81 20.54 -41.71
CA ILE L 48 -18.53 21.21 -41.55
C ILE L 48 -17.84 20.76 -40.28
N GLY L 49 -18.55 20.80 -39.16
CA GLY L 49 -17.93 20.34 -37.93
C GLY L 49 -18.83 20.56 -36.74
N GLU L 50 -18.30 20.23 -35.57
CA GLU L 50 -19.06 20.38 -34.34
C GLU L 50 -18.12 20.57 -33.16
N ILE L 51 -18.68 21.12 -32.08
CA ILE L 51 -17.92 21.45 -30.88
C ILE L 51 -18.81 21.27 -29.64
N ASN L 52 -18.17 20.95 -28.51
CA ASN L 52 -18.80 20.86 -27.19
C ASN L 52 -18.61 22.14 -26.36
N HIS L 53 -19.21 22.10 -25.16
CA HIS L 53 -18.92 23.11 -24.14
C HIS L 53 -17.55 22.91 -23.51
N LEU L 54 -16.89 21.78 -23.76
CA LEU L 54 -15.53 21.54 -23.32
C LEU L 54 -14.50 21.90 -24.38
N ALA L 55 -14.94 22.49 -25.49
CA ALA L 55 -14.10 22.85 -26.63
C ALA L 55 -13.57 21.63 -27.37
N SER L 56 -14.07 20.43 -27.07
CA SER L 56 -13.75 19.28 -27.91
C SER L 56 -14.43 19.43 -29.26
N THR L 57 -13.69 19.12 -30.32
CA THR L 57 -14.16 19.40 -31.67
C THR L 57 -14.01 18.19 -32.58
N GLY L 58 -14.86 18.15 -33.59
CA GLY L 58 -14.67 17.25 -34.72
C GLY L 58 -14.87 18.02 -36.00
N TYR L 59 -14.05 17.69 -37.01
CA TYR L 59 -14.04 18.44 -38.27
C TYR L 59 -14.21 17.49 -39.45
N ASN L 60 -14.85 17.99 -40.49
CA ASN L 60 -14.86 17.30 -41.77
C ASN L 60 -13.44 17.30 -42.34
N PRO L 61 -12.84 16.14 -42.61
CA PRO L 61 -11.42 16.11 -43.00
C PRO L 61 -11.10 16.94 -44.23
N SER L 62 -12.00 16.97 -45.23
CA SER L 62 -11.72 17.72 -46.45
C SER L 62 -11.58 19.21 -46.17
N LEU L 63 -12.25 19.72 -45.14
CA LEU L 63 -12.10 21.10 -44.71
C LEU L 63 -11.17 21.25 -43.51
N LYS L 64 -10.66 20.14 -42.99
CA LYS L 64 -10.02 20.16 -41.66
C LYS L 64 -8.86 21.15 -41.60
N SER L 65 -8.03 21.20 -42.64
CA SER L 65 -6.85 22.04 -42.61
C SER L 65 -7.17 23.53 -42.59
N ARG L 66 -8.41 23.93 -42.87
CA ARG L 66 -8.76 25.34 -42.95
C ARG L 66 -9.79 25.80 -41.92
N VAL L 67 -10.39 24.89 -41.16
CA VAL L 67 -11.55 25.19 -40.34
C VAL L 67 -11.13 25.23 -38.89
N THR L 68 -11.64 26.22 -38.16
CA THR L 68 -11.54 26.27 -36.71
C THR L 68 -12.91 26.59 -36.15
N ILE L 69 -13.35 25.78 -35.19
CA ILE L 69 -14.61 26.02 -34.49
C ILE L 69 -14.28 26.26 -33.02
N SER L 70 -14.88 27.31 -32.46
CA SER L 70 -14.59 27.73 -31.11
C SER L 70 -15.88 28.02 -30.38
N VAL L 71 -15.80 28.18 -29.06
CA VAL L 71 -16.96 28.44 -28.23
C VAL L 71 -16.65 29.52 -27.20
N ASP L 72 -17.71 30.17 -26.74
CA ASP L 72 -17.67 31.11 -25.61
C ASP L 72 -18.90 30.76 -24.78
N THR L 73 -18.68 29.97 -23.73
CA THR L 73 -19.78 29.51 -22.90
C THR L 73 -20.35 30.62 -22.03
N SER L 74 -19.58 31.70 -21.81
CA SER L 74 -20.04 32.79 -20.96
C SER L 74 -21.27 33.45 -21.55
N LYS L 75 -21.27 33.69 -22.85
CA LYS L 75 -22.43 34.24 -23.55
C LYS L 75 -23.08 33.21 -24.46
N ASN L 76 -22.79 31.94 -24.26
CA ASN L 76 -23.47 30.81 -24.91
C ASN L 76 -23.47 30.97 -26.43
N GLN L 77 -22.27 31.10 -27.00
CA GLN L 77 -22.16 31.21 -28.44
C GLN L 77 -21.05 30.30 -28.95
N PHE L 78 -21.09 30.03 -30.24
CA PHE L 78 -20.04 29.26 -30.89
C PHE L 78 -19.79 29.83 -32.28
N SER L 79 -18.53 29.75 -32.71
CA SER L 79 -18.06 30.44 -33.90
C SER L 79 -17.37 29.48 -34.85
N LEU L 80 -17.53 29.78 -36.15
CA LEU L 80 -16.86 29.11 -37.25
C LEU L 80 -15.89 30.08 -37.91
N LYS L 81 -14.71 29.58 -38.29
CA LYS L 81 -13.68 30.37 -38.94
C LYS L 81 -13.01 29.53 -40.01
N LEU L 82 -13.26 29.87 -41.28
CA LEU L 82 -12.71 29.16 -42.42
C LEU L 82 -11.76 30.10 -43.17
N THR L 83 -10.51 29.70 -43.30
CA THR L 83 -9.47 30.57 -43.84
C THR L 83 -9.18 30.25 -45.30
N SER L 84 -8.80 31.29 -46.05
CA SER L 84 -8.40 31.17 -47.46
C SER L 84 -9.55 30.63 -48.31
N VAL L 85 -10.66 31.37 -48.28
CA VAL L 85 -11.87 30.92 -48.97
C VAL L 85 -11.71 31.10 -50.48
N THR L 86 -12.13 30.08 -51.22
CA THR L 86 -12.20 30.14 -52.67
C THR L 86 -13.66 30.01 -53.10
N ALA L 87 -13.88 29.99 -54.42
CA ALA L 87 -15.24 29.92 -54.94
C ALA L 87 -16.00 28.68 -54.49
N ALA L 88 -15.29 27.63 -54.08
CA ALA L 88 -15.94 26.42 -53.61
C ALA L 88 -16.62 26.60 -52.25
N ASP L 89 -16.36 27.69 -51.55
CA ASP L 89 -16.92 27.95 -50.24
C ASP L 89 -18.20 28.76 -50.29
N THR L 90 -18.69 29.10 -51.48
CA THR L 90 -19.97 29.76 -51.62
C THR L 90 -21.09 28.78 -51.25
N ALA L 91 -21.87 29.12 -50.23
CA ALA L 91 -22.90 28.21 -49.75
C ALA L 91 -23.78 28.93 -48.76
N VAL L 92 -24.82 28.24 -48.31
CA VAL L 92 -25.63 28.70 -47.18
C VAL L 92 -25.15 27.94 -45.95
N TYR L 93 -24.83 28.67 -44.89
CA TYR L 93 -24.20 28.09 -43.70
C TYR L 93 -25.21 28.09 -42.55
N TYR L 94 -25.45 26.91 -42.00
CA TYR L 94 -26.39 26.72 -40.91
C TYR L 94 -25.65 26.36 -39.63
N CYS L 95 -26.04 26.99 -38.53
CA CYS L 95 -25.66 26.54 -37.20
C CYS L 95 -26.82 25.75 -36.61
N ALA L 96 -26.51 24.61 -35.99
CA ALA L 96 -27.53 23.70 -35.52
C ALA L 96 -27.13 23.12 -34.16
N ARG L 97 -28.13 22.71 -33.41
CA ARG L 97 -27.94 22.02 -32.15
C ARG L 97 -28.07 20.53 -32.40
N GLY L 98 -27.05 19.76 -32.02
CA GLY L 98 -27.06 18.32 -32.16
C GLY L 98 -27.18 17.66 -30.81
N TYR L 99 -27.85 16.53 -30.77
CA TYR L 99 -27.96 15.72 -29.58
C TYR L 99 -27.62 14.28 -29.92
N SER L 100 -26.74 13.69 -29.13
CA SER L 100 -26.32 12.31 -29.32
C SER L 100 -26.81 11.50 -28.13
N TYR L 101 -27.42 10.36 -28.39
CA TYR L 101 -27.82 9.43 -27.35
C TYR L 101 -27.02 8.15 -27.53
N GLY L 102 -26.14 7.87 -26.57
CA GLY L 102 -25.33 6.68 -26.61
C GLY L 102 -25.40 5.83 -25.36
N PHE L 103 -26.46 6.00 -24.57
CA PHE L 103 -26.60 5.31 -23.30
C PHE L 103 -27.25 3.94 -23.43
N ALA L 104 -27.88 3.62 -24.55
CA ALA L 104 -28.51 2.32 -24.76
C ALA L 104 -28.85 2.16 -26.24
N TRP L 105 -28.96 0.89 -26.67
CA TRP L 105 -29.24 0.57 -28.07
C TRP L 105 -30.74 0.63 -28.35
N PRO L 106 -31.15 1.17 -29.51
CA PRO L 106 -30.31 1.74 -30.57
C PRO L 106 -29.86 3.15 -30.27
N ASN L 107 -28.57 3.42 -30.46
CA ASN L 107 -28.05 4.78 -30.33
C ASN L 107 -28.63 5.66 -31.42
N TYR L 108 -28.74 6.95 -31.13
CA TYR L 108 -29.24 7.89 -32.13
C TYR L 108 -28.57 9.24 -31.94
N HIS L 109 -28.67 10.05 -32.99
CA HIS L 109 -28.18 11.41 -33.00
C HIS L 109 -29.05 12.21 -33.95
N TYR L 110 -29.31 13.47 -33.61
CA TYR L 110 -30.12 14.32 -34.48
C TYR L 110 -29.68 15.77 -34.33
N LEU L 111 -30.19 16.61 -35.23
CA LEU L 111 -30.02 18.05 -35.18
C LEU L 111 -31.43 18.64 -35.13
N ASP L 112 -31.88 19.02 -33.93
CA ASP L 112 -33.30 19.35 -33.78
C ASP L 112 -33.59 20.83 -33.99
N VAL L 113 -32.71 21.73 -33.55
CA VAL L 113 -32.94 23.17 -33.64
C VAL L 113 -31.91 23.78 -34.56
N TRP L 114 -32.38 24.42 -35.63
CA TRP L 114 -31.53 24.94 -36.69
C TRP L 114 -31.57 26.47 -36.71
N GLY L 115 -30.44 27.06 -37.08
CA GLY L 115 -30.40 28.49 -37.35
C GLY L 115 -31.00 28.82 -38.70
N LYS L 116 -31.22 30.12 -38.92
CA LYS L 116 -31.87 30.56 -40.15
C LYS L 116 -31.03 30.22 -41.37
N GLY L 117 -29.71 30.39 -41.28
CA GLY L 117 -28.84 30.14 -42.41
C GLY L 117 -28.34 31.44 -43.02
N THR L 118 -27.02 31.53 -43.22
CA THR L 118 -26.39 32.72 -43.76
C THR L 118 -25.90 32.45 -45.17
N THR L 119 -26.34 33.26 -46.12
CA THR L 119 -25.84 33.16 -47.48
C THR L 119 -24.43 33.72 -47.54
N VAL L 120 -23.49 32.93 -48.08
CA VAL L 120 -22.08 33.28 -48.08
C VAL L 120 -21.59 33.12 -49.51
N THR L 121 -21.37 34.25 -50.19
CA THR L 121 -20.82 34.28 -51.53
C THR L 121 -19.43 34.88 -51.47
N VAL L 122 -18.44 34.14 -51.98
CA VAL L 122 -17.08 34.62 -52.07
C VAL L 122 -16.72 34.72 -53.55
N SER L 123 -16.35 35.91 -53.99
CA SER L 123 -16.03 36.16 -55.40
C SER L 123 -15.07 37.33 -55.54
C1 NAG M . 11.34 -27.17 1.83
C2 NAG M . 11.34 -27.16 0.30
C3 NAG M . 11.62 -28.55 -0.27
C4 NAG M . 12.86 -29.18 0.37
C5 NAG M . 12.78 -29.04 1.90
C6 NAG M . 14.01 -29.55 2.64
C7 NAG M . 10.10 -25.40 -0.84
C8 NAG M . 8.75 -24.89 -1.26
N2 NAG M . 10.12 -26.56 -0.17
O3 NAG M . 11.72 -28.45 -1.68
O4 NAG M . 12.92 -30.54 0.02
O5 NAG M . 12.56 -27.70 2.29
O6 NAG M . 15.17 -28.84 2.28
O7 NAG M . 11.13 -24.79 -1.11
C1 NAG M . 13.77 -30.79 -1.12
C2 NAG M . 14.47 -32.15 -0.92
C3 NAG M . 15.15 -32.64 -2.21
C4 NAG M . 14.23 -32.48 -3.43
C5 NAG M . 13.74 -31.03 -3.45
C6 NAG M . 12.89 -30.67 -4.66
C7 NAG M . 15.44 -32.70 1.27
C8 NAG M . 16.56 -32.36 2.22
N2 NAG M . 15.44 -32.00 0.13
O3 NAG M . 15.55 -33.97 -2.02
O4 NAG M . 14.98 -32.74 -4.58
O5 NAG M . 12.98 -30.83 -2.29
O6 NAG M . 11.88 -31.63 -4.83
O7 NAG M . 14.60 -33.54 1.54
C1 BMA M . 14.37 -33.84 -5.30
C2 BMA M . 14.44 -33.54 -6.78
C3 BMA M . 14.01 -34.77 -7.63
C4 BMA M . 14.34 -36.18 -7.07
C5 BMA M . 14.70 -36.24 -5.58
C6 BMA M . 15.71 -37.32 -5.21
O2 BMA M . 15.73 -33.10 -7.09
O3 BMA M . 14.44 -34.59 -8.96
O4 BMA M . 13.15 -36.91 -7.28
O5 BMA M . 15.07 -35.02 -4.99
O6 BMA M . 16.96 -37.01 -5.77
C1 MAN M . 13.38 -35.04 -9.84
C2 MAN M . 13.88 -34.99 -11.28
C3 MAN M . 14.13 -33.55 -11.70
C4 MAN M . 12.82 -32.77 -11.57
C5 MAN M . 12.38 -32.86 -10.11
C6 MAN M . 11.07 -32.16 -9.83
O2 MAN M . 12.87 -35.57 -12.07
O3 MAN M . 14.64 -33.56 -13.01
O4 MAN M . 13.06 -31.44 -11.97
O5 MAN M . 12.23 -34.22 -9.72
O6 MAN M . 10.09 -32.58 -10.74
C1 NAG M . 13.37 -36.70 -12.79
C2 NAG M . 12.47 -36.94 -14.01
C3 NAG M . 13.01 -38.10 -14.84
C4 NAG M . 14.47 -37.87 -15.20
C5 NAG M . 15.26 -37.57 -13.93
C6 NAG M . 16.72 -37.25 -14.20
C7 NAG M . 10.66 -38.17 -12.80
C8 NAG M . 9.17 -38.17 -12.57
N2 NAG M . 11.10 -37.20 -13.61
O3 NAG M . 12.20 -38.21 -15.98
O4 NAG M . 14.92 -39.03 -15.85
O5 NAG M . 14.70 -36.47 -13.25
O6 NAG M . 16.80 -36.09 -14.98
O7 NAG M . 11.37 -39.01 -12.26
C1 MAN M . 17.91 -37.96 -5.23
C2 MAN M . 19.33 -37.46 -5.54
C3 MAN M . 19.64 -37.56 -7.03
C4 MAN M . 19.32 -38.95 -7.58
C5 MAN M . 17.89 -39.32 -7.21
C6 MAN M . 17.56 -40.75 -7.61
O2 MAN M . 20.20 -38.26 -4.77
O3 MAN M . 21.00 -37.24 -7.20
O4 MAN M . 19.48 -38.87 -8.98
O5 MAN M . 17.71 -39.23 -5.81
O6 MAN M . 16.21 -41.02 -7.31
C1 NAG N . 10.08 -14.16 -24.60
C2 NAG N . 10.35 -15.44 -25.41
C3 NAG N . 10.32 -15.21 -26.91
C4 NAG N . 9.10 -14.39 -27.33
C5 NAG N . 9.02 -13.12 -26.47
C6 NAG N . 7.86 -12.21 -26.81
C7 NAG N . 11.89 -17.14 -24.55
C8 NAG N . 13.33 -17.46 -24.28
N2 NAG N . 11.65 -15.93 -25.07
O3 NAG N . 10.36 -16.47 -27.54
O4 NAG N . 9.25 -14.11 -28.69
O5 NAG N . 8.95 -13.50 -25.12
O6 NAG N . 6.95 -12.05 -25.76
O7 NAG N . 10.99 -17.93 -24.31
C1 NAG N . 8.08 -14.56 -29.42
C2 NAG N . 8.23 -14.12 -30.88
C3 NAG N . 7.10 -14.68 -31.73
C4 NAG N . 6.87 -16.16 -31.48
C5 NAG N . 6.78 -16.42 -29.97
C6 NAG N . 6.55 -17.87 -29.59
C7 NAG N . 9.44 -11.96 -31.15
C8 NAG N . 10.71 -12.75 -31.28
N2 NAG N . 8.31 -12.68 -30.97
O3 NAG N . 7.41 -14.43 -33.07
O4 NAG N . 5.69 -16.54 -32.15
O5 NAG N . 7.97 -15.96 -29.36
O6 NAG N . 7.33 -18.70 -30.42
O7 NAG N . 9.44 -10.74 -31.22
C1 NAG O . -1.63 -27.42 -13.72
C2 NAG O . -1.31 -28.90 -13.74
C3 NAG O . -2.51 -29.67 -14.29
C4 NAG O . -3.82 -29.34 -13.56
C5 NAG O . -3.96 -27.82 -13.40
C6 NAG O . -5.09 -27.40 -12.48
C7 NAG O . 0.95 -29.75 -13.95
C8 NAG O . 2.20 -29.81 -14.80
N2 NAG O . -0.08 -29.05 -14.45
O3 NAG O . -2.17 -31.02 -14.18
O4 NAG O . -4.90 -29.81 -14.32
O5 NAG O . -2.77 -27.27 -12.90
O6 NAG O . -4.85 -27.83 -11.17
O7 NAG O . 0.89 -30.32 -12.88
C1 NAG O . -5.44 -31.04 -13.82
C2 NAG O . -6.85 -31.20 -14.37
C3 NAG O . -7.45 -32.47 -13.80
C4 NAG O . -6.61 -33.65 -14.23
C5 NAG O . -5.12 -33.43 -13.89
C6 NAG O . -4.22 -34.38 -14.62
C7 NAG O . -7.90 -29.15 -15.14
C8 NAG O . -8.80 -27.99 -14.78
N2 NAG O . -7.68 -30.05 -14.17
O3 NAG O . -8.77 -32.58 -14.25
O4 NAG O . -7.11 -34.80 -13.59
O5 NAG O . -4.68 -32.13 -14.25
O6 NAG O . -4.32 -34.12 -15.99
O7 NAG O . -7.43 -29.24 -16.26
C1 BMA O . -7.70 -35.69 -14.55
C2 BMA O . -8.29 -36.87 -13.79
C3 BMA O . -8.89 -37.88 -14.78
C4 BMA O . -9.37 -37.28 -16.13
C5 BMA O . -9.64 -35.77 -16.07
C6 BMA O . -11.05 -35.42 -15.63
O2 BMA O . -9.23 -36.36 -12.88
O3 BMA O . -9.91 -38.56 -14.10
O4 BMA O . -8.36 -37.58 -17.07
O5 BMA O . -8.70 -35.04 -15.29
O6 BMA O . -11.88 -35.41 -16.77
C1 NAG P . 15.77 2.98 -25.55
C2 NAG P . 16.39 2.07 -26.64
C3 NAG P . 17.48 2.81 -27.41
C4 NAG P . 17.00 4.18 -27.87
C5 NAG P . 16.50 4.96 -26.65
C6 NAG P . 16.04 6.38 -26.95
C7 NAG P . 16.35 -0.32 -26.03
C8 NAG P . 17.13 -1.43 -25.37
N2 NAG P . 16.95 0.88 -26.05
O3 NAG P . 17.85 2.02 -28.52
O4 NAG P . 18.12 4.78 -28.44
O5 NAG P . 15.43 4.24 -26.08
O6 NAG P . 15.11 6.37 -27.99
O7 NAG P . 15.26 -0.53 -26.52
C1 NAG P . 17.84 5.23 -29.78
C2 NAG P . 18.96 6.21 -30.14
C3 NAG P . 18.76 6.74 -31.55
C4 NAG P . 18.65 5.57 -32.53
C5 NAG P . 17.55 4.61 -32.05
C6 NAG P . 17.34 3.39 -32.91
C7 NAG P . 19.93 7.37 -28.20
C8 NAG P . 19.78 8.55 -27.27
N2 NAG P . 18.99 7.27 -29.15
O3 NAG P . 19.83 7.60 -31.84
O4 NAG P . 18.34 6.10 -33.80
O5 NAG P . 17.85 4.19 -30.73
O6 NAG P . 18.44 2.53 -32.85
O7 NAG P . 20.86 6.59 -28.09
C1 BMA P . 19.48 6.01 -34.67
C2 BMA P . 18.96 6.09 -36.11
C3 BMA P . 20.12 5.97 -37.11
C4 BMA P . 21.49 6.42 -36.57
C5 BMA P . 21.42 7.36 -35.37
C6 BMA P . 21.31 8.84 -35.76
O2 BMA P . 18.24 7.29 -36.23
O3 BMA P . 19.73 6.67 -38.26
O4 BMA P . 22.20 5.24 -36.25
O5 BMA P . 20.40 7.05 -34.43
O6 BMA P . 21.48 9.61 -34.59
C1 FUC P . 14.80 7.73 -28.37
C2 FUC P . 14.01 7.69 -29.68
C3 FUC P . 12.68 6.99 -29.44
C4 FUC P . 11.89 7.77 -28.40
C5 FUC P . 12.73 7.81 -27.12
C6 FUC P . 12.09 8.61 -26.01
O2 FUC P . 14.80 7.04 -30.65
O3 FUC P . 12.03 6.85 -30.68
O4 FUC P . 11.60 9.05 -28.91
O5 FUC P . 14.02 8.36 -27.37
C1 NAG Q . 28.11 -2.37 -13.31
C2 NAG Q . 28.56 -2.04 -14.75
C3 NAG Q . 30.06 -1.73 -14.78
C4 NAG Q . 30.43 -0.69 -13.74
C5 NAG Q . 29.91 -1.15 -12.37
C6 NAG Q . 30.17 -0.21 -11.22
C7 NAG Q . 27.44 -2.97 -16.73
C8 NAG Q . 27.21 -4.20 -17.58
N2 NAG Q . 28.24 -3.11 -15.67
O3 NAG Q . 30.39 -1.32 -16.08
O4 NAG Q . 31.84 -0.57 -13.74
O5 NAG Q . 28.51 -1.34 -12.45
O6 NAG Q . 29.54 1.02 -11.48
O7 NAG Q . 26.94 -1.90 -17.02
C1 NAG Q . 32.23 0.82 -13.80
C2 NAG Q . 33.66 0.94 -13.24
C3 NAG Q . 34.16 2.38 -13.36
C4 NAG Q . 33.96 2.90 -14.78
C5 NAG Q . 32.49 2.69 -15.18
C6 NAG Q . 32.13 3.18 -16.56
C7 NAG Q . 34.39 -0.57 -11.44
C8 NAG Q . 35.06 -1.38 -12.52
N2 NAG Q . 33.74 0.52 -11.86
O3 NAG Q . 35.51 2.40 -12.97
O4 NAG Q . 34.31 4.26 -14.77
O5 NAG Q . 32.21 1.30 -15.11
O6 NAG Q . 30.77 3.51 -16.61
O7 NAG Q . 34.45 -0.91 -10.26
C1 BMA Q . 35.39 4.51 -15.70
C2 BMA Q . 35.51 6.02 -15.86
C3 BMA Q . 36.61 6.36 -16.89
C4 BMA Q . 37.71 5.29 -17.03
C5 BMA Q . 37.84 4.35 -15.83
C6 BMA Q . 38.80 4.88 -14.76
O2 BMA Q . 35.76 6.57 -14.60
O3 BMA Q . 37.13 7.62 -16.51
O4 BMA Q . 37.39 4.57 -18.21
O5 BMA Q . 36.62 3.97 -15.24
O6 BMA Q . 38.83 3.94 -13.71
C1 NAG R . 22.58 -24.34 -13.16
C2 NAG R . 24.09 -24.42 -13.41
C3 NAG R . 24.52 -23.94 -14.79
C4 NAG R . 23.56 -24.36 -15.90
C5 NAG R . 22.11 -24.14 -15.45
C6 NAG R . 21.10 -24.60 -16.47
C7 NAG R . 25.61 -24.23 -11.51
C8 NAG R . 26.14 -23.27 -10.48
N2 NAG R . 24.73 -23.70 -12.36
O3 NAG R . 25.80 -24.46 -15.01
O4 NAG R . 23.82 -23.58 -17.04
O5 NAG R . 21.88 -24.85 -14.26
O6 NAG R . 21.31 -25.95 -16.78
O7 NAG R . 25.98 -25.39 -11.56
C1 NAG R . 24.36 -24.36 -18.11
C2 NAG R . 23.94 -23.68 -19.44
C3 NAG R . 24.50 -24.46 -20.61
C4 NAG R . 26.01 -24.63 -20.49
C5 NAG R . 26.38 -25.16 -19.10
C6 NAG R . 27.89 -25.19 -18.88
C7 NAG R . 21.82 -22.42 -19.40
C8 NAG R . 20.33 -22.51 -19.62
N2 NAG R . 22.52 -23.55 -19.59
O3 NAG R . 24.14 -23.83 -21.80
O4 NAG R . 26.38 -25.57 -21.47
O5 NAG R . 25.77 -24.42 -18.07
O6 NAG R . 28.21 -25.73 -17.63
O7 NAG R . 22.34 -21.38 -19.06
C1 BMA R . 27.12 -24.99 -22.55
C2 BMA R . 27.73 -26.18 -23.32
C3 BMA R . 28.32 -25.77 -24.69
C4 BMA R . 27.44 -24.80 -25.50
C5 BMA R . 26.82 -23.72 -24.62
C6 BMA R . 25.81 -22.82 -25.32
O2 BMA R . 26.73 -27.16 -23.44
O3 BMA R . 28.56 -26.96 -25.40
O4 BMA R . 28.26 -24.26 -26.50
O5 BMA R . 26.29 -24.21 -23.39
O6 BMA R . 24.49 -23.15 -24.95
C1 MAN R . 29.94 -26.99 -25.78
C2 MAN R . 30.14 -28.22 -26.68
C3 MAN R . 29.98 -29.51 -25.87
C4 MAN R . 30.96 -29.51 -24.71
C5 MAN R . 30.66 -28.27 -23.86
C6 MAN R . 31.58 -28.13 -22.68
O2 MAN R . 31.42 -28.15 -27.23
O3 MAN R . 30.19 -30.56 -26.76
O4 MAN R . 30.78 -30.71 -23.99
O5 MAN R . 30.77 -27.10 -24.65
O6 MAN R . 30.90 -27.47 -21.65
C1 NAG R . 31.33 -27.55 -28.53
C2 NAG R . 32.72 -27.02 -28.91
C3 NAG R . 32.71 -26.51 -30.36
C4 NAG R . 32.01 -27.47 -31.32
C5 NAG R . 30.67 -27.91 -30.74
C6 NAG R . 29.93 -28.92 -31.60
C7 NAG R . 33.91 -26.13 -26.91
C8 NAG R . 34.47 -27.50 -26.69
N2 NAG R . 33.10 -25.99 -27.99
O3 NAG R . 34.05 -26.30 -30.74
O4 NAG R . 31.78 -26.78 -32.53
O5 NAG R . 30.91 -28.49 -29.48
O6 NAG R . 29.16 -28.24 -32.55
O7 NAG R . 34.22 -25.23 -26.15
C1 GAL R . 32.69 -27.28 -33.53
C2 GAL R . 32.05 -27.08 -34.91
C3 GAL R . 33.05 -27.55 -35.96
C4 GAL R . 34.33 -26.74 -35.84
C5 GAL R . 34.87 -26.96 -34.44
C6 GAL R . 36.15 -26.21 -34.16
O2 GAL R . 30.85 -27.80 -34.97
O3 GAL R . 32.45 -27.45 -37.23
O4 GAL R . 34.02 -25.39 -36.10
O5 GAL R . 33.91 -26.57 -33.47
O6 GAL R . 36.63 -26.57 -32.89
C1 MAN R . 24.07 -24.26 -25.77
C2 MAN R . 23.77 -23.65 -27.16
C3 MAN R . 22.48 -24.16 -27.78
C4 MAN R . 22.35 -25.61 -27.41
C5 MAN R . 21.98 -25.61 -25.92
C6 MAN R . 21.85 -27.00 -25.36
O2 MAN R . 24.84 -24.03 -27.98
O3 MAN R . 22.62 -23.94 -29.17
O4 MAN R . 21.34 -26.16 -28.23
O5 MAN R . 22.96 -24.91 -25.16
O6 MAN R . 23.05 -27.71 -25.59
C1 NAG S . 32.40 -13.48 -9.95
C2 NAG S . 32.65 -14.80 -9.19
C3 NAG S . 33.63 -14.62 -8.03
C4 NAG S . 34.88 -13.88 -8.47
C5 NAG S . 34.47 -12.57 -9.13
C6 NAG S . 35.66 -11.79 -9.62
C7 NAG S . 30.91 -16.55 -9.21
C8 NAG S . 29.67 -17.04 -8.53
N2 NAG S . 31.45 -15.41 -8.71
O3 NAG S . 33.89 -15.90 -7.55
O4 NAG S . 35.70 -13.60 -7.35
O5 NAG S . 33.62 -12.85 -10.22
O6 NAG S . 35.19 -10.75 -10.45
O7 NAG S . 31.40 -17.13 -10.17
C1 NAG S . 36.72 -14.60 -7.25
C2 NAG S . 37.98 -13.98 -6.62
C3 NAG S . 39.02 -15.06 -6.35
C4 NAG S . 38.42 -16.25 -5.60
C5 NAG S . 37.16 -16.73 -6.31
C6 NAG S . 36.44 -17.86 -5.60
C7 NAG S . 38.28 -11.67 -7.39
C8 NAG S . 39.02 -10.79 -8.37
N2 NAG S . 38.56 -12.97 -7.47
O3 NAG S . 40.06 -14.48 -5.63
O4 NAG S . 39.42 -17.24 -5.60
O5 NAG S . 36.26 -15.65 -6.42
O6 NAG S . 36.26 -17.52 -4.25
O7 NAG S . 37.47 -11.22 -6.60
C1 BMA S . 39.69 -17.68 -4.25
C2 BMA S . 39.95 -19.17 -4.37
C3 BMA S . 40.32 -19.77 -2.99
C4 BMA S . 40.84 -18.75 -1.95
C5 BMA S . 41.48 -17.51 -2.56
C6 BMA S . 42.96 -17.74 -2.92
O2 BMA S . 40.95 -19.37 -5.34
O3 BMA S . 41.22 -20.81 -3.25
O4 BMA S . 39.73 -18.42 -1.14
O5 BMA S . 40.80 -16.99 -3.69
O6 BMA S . 43.51 -16.49 -3.24
C1 MAN S . 40.62 -22.02 -2.72
C2 MAN S . 41.58 -22.56 -1.65
C3 MAN S . 42.88 -23.00 -2.30
C4 MAN S . 42.61 -24.01 -3.40
C5 MAN S . 41.61 -23.42 -4.40
C6 MAN S . 41.17 -24.46 -5.41
O2 MAN S . 40.92 -23.63 -1.02
O3 MAN S . 43.69 -23.54 -1.28
O4 MAN S . 43.85 -24.30 -4.00
O5 MAN S . 40.44 -22.96 -3.74
O6 MAN S . 42.31 -24.95 -6.06
C1 FUC S . 36.07 -9.62 -10.31
C2 FUC S . 35.57 -8.56 -11.32
C3 FUC S . 34.32 -7.82 -10.82
C4 FUC S . 34.49 -7.33 -9.38
C5 FUC S . 34.83 -8.56 -8.54
C6 FUC S . 34.96 -8.29 -7.06
O2 FUC S . 35.33 -9.23 -12.53
O3 FUC S . 34.05 -6.79 -11.73
O4 FUC S . 35.49 -6.35 -9.32
O5 FUC S . 36.05 -9.12 -9.00
C1 NAG T . 23.89 16.18 8.30
C2 NAG T . 24.77 16.67 9.46
C3 NAG T . 26.16 17.04 8.98
C4 NAG T . 26.79 15.98 8.08
C5 NAG T . 25.82 15.58 6.97
C6 NAG T . 26.28 14.46 6.07
C7 NAG T . 24.12 17.87 11.48
C8 NAG T . 23.57 19.17 12.02
N2 NAG T . 24.25 17.82 10.14
O3 NAG T . 26.92 17.30 10.13
O4 NAG T . 27.95 16.61 7.58
O5 NAG T . 24.56 15.21 7.55
O6 NAG T . 27.00 15.01 4.99
O7 NAG T . 24.39 16.92 12.20
C1 NAG T . 29.13 15.78 7.65
C2 NAG T . 30.31 16.60 7.10
C3 NAG T . 31.58 15.74 7.10
C4 NAG T . 31.83 15.17 8.49
C5 NAG T . 30.56 14.49 9.04
C6 NAG T . 30.70 14.01 10.47
C7 NAG T . 29.64 16.51 4.69
C8 NAG T . 29.38 17.38 3.49
N2 NAG T . 30.01 17.17 5.81
O3 NAG T . 32.66 16.52 6.66
O4 NAG T . 32.91 14.26 8.40
O5 NAG T . 29.45 15.37 8.97
O6 NAG T . 29.62 13.15 10.78
O7 NAG T . 29.53 15.30 4.61
C1 NAG U . 20.02 1.44 22.74
C2 NAG U . 20.37 1.90 24.16
C3 NAG U . 21.47 0.99 24.72
C4 NAG U . 21.16 -0.50 24.60
C5 NAG U . 20.65 -0.82 23.20
C6 NAG U . 20.10 -2.23 23.06
C7 NAG U . 20.22 4.24 24.90
C8 NAG U . 20.85 5.61 24.75
N2 NAG U . 20.80 3.28 24.16
O3 NAG U . 21.71 1.35 26.06
O4 NAG U . 22.37 -1.18 24.85
O5 NAG U . 19.65 0.08 22.78
O6 NAG U . 18.90 -2.32 23.80
O7 NAG U . 19.28 4.05 25.64
C1 NAG U . 22.24 -2.13 25.92
C2 NAG U . 23.36 -3.16 25.72
C3 NAG U . 23.49 -4.10 26.91
C4 NAG U . 23.63 -3.29 28.19
C5 NAG U . 22.44 -2.34 28.30
C6 NAG U . 22.48 -1.45 29.53
C7 NAG U . 24.02 -4.07 23.52
C8 NAG U . 23.51 -4.86 22.33
N2 NAG U . 23.13 -3.89 24.49
O3 NAG U . 24.59 -4.93 26.68
O4 NAG U . 23.66 -4.21 29.26
O5 NAG U . 22.39 -1.50 27.17
O6 NAG U . 23.43 -0.43 29.34
O7 NAG U . 25.15 -3.63 23.54
C1 BMA U . 24.94 -4.11 29.94
C2 BMA U . 24.66 -4.17 31.44
C3 BMA U . 25.98 -4.05 32.22
C4 BMA U . 27.23 -4.57 31.47
C5 BMA U . 26.91 -5.54 30.33
C6 BMA U . 26.75 -7.00 30.78
O2 BMA U . 23.96 -5.35 31.71
O3 BMA U . 25.78 -4.68 33.46
O4 BMA U . 27.89 -3.43 30.97
O5 BMA U . 25.78 -5.18 29.54
O6 BMA U . 26.31 -7.73 29.67
C1 MAN U . 25.10 -3.77 34.34
C2 MAN U . 26.12 -3.23 35.34
C3 MAN U . 26.62 -4.35 36.23
C4 MAN U . 25.45 -5.05 36.91
C5 MAN U . 24.45 -5.52 35.85
C6 MAN U . 23.19 -6.08 36.47
O2 MAN U . 25.47 -2.22 36.07
O3 MAN U . 27.51 -3.79 37.17
O4 MAN U . 25.98 -6.13 37.65
O5 MAN U . 24.07 -4.43 35.03
O6 MAN U . 23.54 -7.11 37.37
C1 NAG V . 18.87 22.32 -7.56
C2 NAG V . 19.92 23.24 -6.91
C3 NAG V . 20.12 24.54 -7.70
C4 NAG V . 20.26 24.27 -9.20
C5 NAG V . 19.07 23.43 -9.67
C6 NAG V . 19.09 23.12 -11.16
C7 NAG V . 20.02 22.95 -4.45
C8 NAG V . 19.47 23.47 -3.14
N2 NAG V . 19.55 23.55 -5.55
O3 NAG V . 21.24 25.22 -7.20
O4 NAG V . 20.28 25.53 -9.81
O5 NAG V . 19.07 22.21 -8.96
O6 NAG V . 20.36 22.60 -11.49
O7 NAG V . 20.84 22.04 -4.50
C1 NAG V . 21.42 25.64 -10.69
C2 NAG V . 21.19 26.82 -11.64
C3 NAG V . 22.38 26.88 -12.59
C4 NAG V . 23.65 27.12 -11.77
C5 NAG V . 23.77 25.95 -10.77
C6 NAG V . 24.96 26.04 -9.84
C7 NAG V . 18.84 27.44 -12.08
C8 NAG V . 17.64 27.10 -12.94
N2 NAG V . 19.94 26.70 -12.33
O3 NAG V . 22.13 27.89 -13.53
O4 NAG V . 24.74 27.16 -12.65
O5 NAG V . 22.61 25.89 -9.97
O6 NAG V . 24.68 26.96 -8.83
O7 NAG V . 18.79 28.30 -11.23
C1 BMA V . 25.24 28.51 -12.73
C2 BMA V . 26.52 28.45 -13.55
C3 BMA V . 27.13 29.88 -13.69
C4 BMA V . 26.12 31.03 -13.52
C5 BMA V . 24.68 30.64 -13.82
C6 BMA V . 24.32 30.76 -15.30
O2 BMA V . 26.22 27.86 -14.77
O3 BMA V . 27.79 29.90 -14.94
O4 BMA V . 26.26 31.49 -12.19
O5 BMA V . 24.30 29.36 -13.35
O6 BMA V . 23.02 30.23 -15.47
C1 FUC V . 20.47 22.48 -12.92
C2 FUC V . 21.89 22.00 -13.23
C3 FUC V . 22.09 20.60 -12.65
C4 FUC V . 21.10 19.66 -13.34
C5 FUC V . 19.69 20.18 -13.08
C6 FUC V . 18.65 19.40 -13.86
O2 FUC V . 22.84 22.92 -12.74
O3 FUC V . 23.43 20.25 -12.85
O4 FUC V . 21.41 19.61 -14.71
O5 FUC V . 19.54 21.55 -13.43
C1 NAG W . 5.67 30.60 1.69
C2 NAG W . 6.75 31.45 1.01
C3 NAG W . 6.29 32.89 0.81
C4 NAG W . 4.93 32.95 0.12
C5 NAG W . 3.95 32.12 0.94
C6 NAG W . 2.54 32.06 0.41
C7 NAG W . 9.14 30.98 1.28
C8 NAG W . 10.31 30.97 2.24
N2 NAG W . 7.97 31.39 1.78
O3 NAG W . 7.29 33.54 0.07
O4 NAG W . 4.51 34.30 0.11
O5 NAG W . 4.43 30.79 1.04
O6 NAG W . 2.57 31.76 -0.96
O7 NAG W . 9.27 30.64 0.13
C1 NAG W . 4.16 34.77 -1.19
C2 NAG W . 3.24 35.99 -1.04
C3 NAG W . 2.95 36.68 -2.37
C4 NAG W . 4.22 36.89 -3.19
C5 NAG W . 5.02 35.58 -3.23
C6 NAG W . 6.31 35.71 -4.02
C7 NAG W . 1.62 36.08 0.81
C8 NAG W . 2.60 37.00 1.48
N2 NAG W . 2.00 35.64 -0.40
O3 NAG W . 2.32 37.89 -2.10
O4 NAG W . 3.81 37.26 -4.48
O5 NAG W . 5.31 35.16 -1.92
O6 NAG W . 6.61 34.48 -4.63
O7 NAG W . 0.57 35.76 1.34
C1 BMA W . 4.14 38.64 -4.73
C2 BMA W . 4.32 38.78 -6.23
C3 BMA W . 4.70 40.23 -6.59
C4 BMA W . 4.21 41.30 -5.59
C5 BMA W . 3.07 40.87 -4.67
C6 BMA W . 1.68 41.21 -5.19
O2 BMA W . 3.14 38.35 -6.85
O3 BMA W . 4.24 40.44 -7.90
O4 BMA W . 5.35 41.67 -4.83
O5 BMA W . 3.10 39.50 -4.27
O6 BMA W . 1.54 40.68 -6.49
C1 NAG X . 12.67 24.80 22.45
C2 NAG X . 12.43 26.31 22.48
C3 NAG X . 13.45 27.06 21.63
C4 NAG X . 14.88 26.57 21.84
C5 NAG X . 14.86 25.04 21.70
C6 NAG X . 16.23 24.38 21.72
C7 NAG X . 10.13 27.21 22.74
C8 NAG X . 8.78 27.26 22.09
N2 NAG X . 11.07 26.52 22.06
O3 NAG X . 13.30 28.41 21.96
O4 NAG X . 15.68 27.15 20.84
O5 NAG X . 14.02 24.51 22.70
O6 NAG X . 16.87 24.65 22.93
O7 NAG X . 10.36 27.77 23.80
C1 NAG X . 16.77 27.92 21.37
C2 NAG X . 17.89 27.92 20.32
C3 NAG X . 19.06 28.74 20.82
C4 NAG X . 18.61 30.17 21.12
C5 NAG X . 17.38 30.15 22.05
C6 NAG X . 16.75 31.51 22.18
C7 NAG X . 18.25 26.04 18.77
C8 NAG X . 18.80 24.64 18.67
N2 NAG X . 18.34 26.59 19.99
O3 NAG X . 20.07 28.71 19.83
O4 NAG X . 19.68 30.79 21.76
O5 NAG X . 16.37 29.25 21.61
O6 NAG X . 15.91 31.56 23.31
O7 NAG X . 17.76 26.63 17.81
C1 BMA X . 20.33 31.79 20.95
C2 BMA X . 21.05 32.69 21.95
C3 BMA X . 22.16 33.56 21.32
C4 BMA X . 22.98 32.89 20.21
C5 BMA X . 22.17 31.93 19.31
C6 BMA X . 23.02 31.04 18.40
O2 BMA X . 21.57 31.87 22.97
O3 BMA X . 22.97 33.95 22.41
O4 BMA X . 23.50 33.95 19.45
O5 BMA X . 21.20 31.17 20.01
O6 BMA X . 23.40 29.87 19.10
C1 MAN X . 23.08 35.38 22.46
C2 MAN X . 24.27 35.72 23.36
C3 MAN X . 23.99 35.31 24.81
C4 MAN X . 22.68 35.97 25.27
C5 MAN X . 21.59 35.52 24.31
C6 MAN X . 20.22 36.07 24.65
O2 MAN X . 24.48 37.11 23.29
O3 MAN X . 25.09 35.70 25.58
O4 MAN X . 22.42 35.56 26.60
O5 MAN X . 21.91 35.94 23.00
O6 MAN X . 19.26 35.17 24.16
C1 NAG X . 25.54 37.42 22.36
C2 NAG X . 25.39 38.91 22.03
C3 NAG X . 26.56 39.39 21.17
C4 NAG X . 27.92 38.95 21.74
C5 NAG X . 27.88 37.46 22.05
C6 NAG X . 29.16 36.95 22.68
C7 NAG X . 22.99 39.60 21.90
C8 NAG X . 23.07 39.94 23.36
N2 NAG X . 24.13 39.12 21.35
O3 NAG X . 26.47 40.78 21.06
O4 NAG X . 28.90 39.21 20.78
O5 NAG X . 26.81 37.17 22.92
O6 NAG X . 29.24 35.55 22.57
O7 NAG X . 21.95 39.74 21.28
C1 GAL X . 29.67 40.36 21.12
C2 GAL X . 31.05 40.24 20.47
C3 GAL X . 31.86 41.47 20.82
C4 GAL X . 31.16 42.74 20.32
C5 GAL X . 29.75 42.75 20.91
C6 GAL X . 28.92 43.87 20.34
O2 GAL X . 31.66 39.06 20.93
O3 GAL X . 33.16 41.31 20.29
O4 GAL X . 31.17 42.73 18.91
O5 GAL X . 29.06 41.54 20.63
O6 GAL X . 27.60 43.74 20.79
C1 MAN X . 24.80 29.62 18.81
C2 MAN X . 24.88 28.38 17.93
C3 MAN X . 24.46 27.13 18.70
C4 MAN X . 25.20 27.02 20.02
C5 MAN X . 25.00 28.33 20.78
C6 MAN X . 25.69 28.36 22.12
O2 MAN X . 26.21 28.28 17.51
O3 MAN X . 24.72 26.02 17.87
O4 MAN X . 24.67 25.92 20.72
O5 MAN X . 25.49 29.41 20.01
O6 MAN X . 24.92 29.13 22.99
C1 NAG Y . 4.15 33.43 13.62
C2 NAG Y . 3.74 33.50 15.10
C3 NAG Y . 2.35 34.13 15.28
C4 NAG Y . 2.22 35.45 14.53
C5 NAG Y . 2.58 35.24 13.07
C6 NAG Y . 2.58 36.50 12.25
C7 NAG Y . 4.61 31.79 16.63
C8 NAG Y . 4.40 30.39 17.15
N2 NAG Y . 3.73 32.19 15.70
O3 NAG Y . 2.16 34.28 16.66
O4 NAG Y . 0.89 35.94 14.63
O5 NAG Y . 3.87 34.66 12.98
O6 NAG Y . 2.98 36.19 10.95
O7 NAG Y . 5.53 32.49 17.03
C1 NAG Y . 0.80 36.91 15.69
C2 NAG Y . -0.24 37.99 15.35
C3 NAG Y . -0.52 38.87 16.56
C4 NAG Y . -0.71 38.07 17.86
C5 NAG Y . 0.42 37.06 18.02
C6 NAG Y . 0.30 36.19 19.25
C7 NAG Y . -0.22 38.83 13.02
C8 NAG Y . 0.45 39.84 12.11
N2 NAG Y . 0.22 38.83 14.29
O3 NAG Y . -1.64 39.63 16.25
O4 NAG Y . -0.69 39.00 18.91
O5 NAG Y . 0.42 36.24 16.87
O6 NAG Y . -0.90 35.45 19.18
O7 NAG Y . -1.07 38.06 12.61
C1 BMA Y . -1.96 38.98 19.59
C2 BMA Y . -1.71 39.42 21.02
C3 BMA Y . -3.05 39.45 21.79
C4 BMA Y . -4.32 39.68 20.95
C5 BMA Y . -4.09 40.23 19.54
C6 BMA Y . -4.27 41.74 19.43
O2 BMA Y . -1.05 40.67 21.01
O3 BMA Y . -2.87 40.36 22.85
O4 BMA Y . -4.92 38.40 20.85
O5 BMA Y . -2.85 39.85 18.93
O6 BMA Y . -3.43 42.36 20.38
C1 MAN Y . -2.41 39.57 23.98
C2 MAN Y . -3.44 39.68 25.09
C3 MAN Y . -3.49 41.10 25.64
C4 MAN Y . -2.11 41.51 26.12
C5 MAN Y . -1.11 41.36 24.97
C6 MAN Y . 0.31 41.58 25.44
O2 MAN Y . -3.09 38.75 26.09
O3 MAN Y . -4.45 41.12 26.66
O4 MAN Y . -2.19 42.84 26.57
O5 MAN Y . -1.16 40.04 24.44
O6 MAN Y . 0.70 40.51 26.26
C1 FUC Y . 2.55 37.21 10.04
C2 FUC Y . 3.31 36.97 8.73
C3 FUC Y . 2.84 35.67 8.08
C4 FUC Y . 1.33 35.69 7.87
C5 FUC Y . 0.64 35.96 9.21
C6 FUC Y . -0.85 36.14 9.07
O2 FUC Y . 4.66 36.94 9.06
O3 FUC Y . 3.57 35.51 6.88
O4 FUC Y . 1.01 36.64 6.90
O5 FUC Y . 1.16 37.15 9.81
C1 NAG Z . -26.80 12.88 6.01
C2 NAG Z . -28.32 12.95 5.91
C3 NAG Z . -28.87 13.80 7.06
C4 NAG Z . -28.30 13.42 8.42
C5 NAG Z . -26.77 13.23 8.36
C6 NAG Z . -26.16 12.59 9.58
C7 NAG Z . -29.56 12.90 3.78
C8 NAG Z . -29.71 13.62 2.45
N2 NAG Z . -28.66 13.44 4.61
O3 NAG Z . -30.26 13.68 7.04
O4 NAG Z . -28.56 14.48 9.30
O5 NAG Z . -26.43 12.40 7.27
O6 NAG Z . -26.73 11.31 9.78
O7 NAG Z . -30.22 11.91 4.06
C1 NAG Z . -29.28 14.06 10.47
C2 NAG Z . -29.16 15.18 11.51
C3 NAG Z . -30.11 14.97 12.68
C4 NAG Z . -31.52 14.75 12.16
C5 NAG Z . -31.54 13.59 11.15
C6 NAG Z . -32.89 13.45 10.49
C7 NAG Z . -27.02 16.38 11.67
C8 NAG Z . -25.64 16.35 12.31
N2 NAG Z . -27.82 15.36 11.99
O3 NAG Z . -30.04 16.10 13.50
O4 NAG Z . -32.34 14.47 13.27
O5 NAG Z . -30.61 13.83 10.12
O6 NAG Z . -33.09 14.57 9.66
O7 NAG Z . -27.34 17.29 10.91
C1 BMA Z . -33.26 15.57 13.44
C2 BMA Z . -34.56 15.01 13.99
C3 BMA Z . -35.60 16.15 14.03
C4 BMA Z . -34.99 17.55 14.30
C5 BMA Z . -33.57 17.56 14.85
C6 BMA Z . -33.51 17.60 16.37
O2 BMA Z . -34.31 14.43 15.24
O3 BMA Z . -36.59 15.77 14.96
O4 BMA Z . -35.05 18.22 13.04
O5 BMA Z . -32.73 16.51 14.37
O6 BMA Z . -32.15 17.73 16.73
C1 MAN Z . -37.48 14.87 14.25
C2 MAN Z . -38.88 15.50 14.25
C3 MAN Z . -39.46 15.55 15.67
C4 MAN Z . -39.42 14.16 16.30
C5 MAN Z . -37.99 13.61 16.24
C6 MAN Z . -37.91 12.17 16.71
O2 MAN Z . -39.67 14.72 13.39
O3 MAN Z . -40.76 16.05 15.58
O4 MAN Z . -39.87 14.30 17.63
O5 MAN Z . -37.52 13.62 14.89
O6 MAN Z . -36.59 11.73 16.61
C1 NAG AA . -3.66 20.67 -21.65
C2 NAG AA . -4.80 21.52 -22.25
C3 NAG AA . -4.48 21.97 -23.68
C4 NAG AA . -3.06 22.49 -23.79
C5 NAG AA . -2.10 21.43 -23.24
C6 NAG AA . -0.63 21.80 -23.36
C7 NAG AA . -7.04 20.99 -21.37
C8 NAG AA . -8.24 20.10 -21.54
N2 NAG AA . -6.03 20.78 -22.22
O3 NAG AA . -5.43 22.92 -24.07
O4 NAG AA . -2.83 22.73 -25.16
O5 NAG AA . -2.41 21.26 -21.88
O6 NAG AA . -0.42 23.04 -22.73
O7 NAG AA . -6.99 21.85 -20.50
C1 NAG AA . -2.37 24.08 -25.37
C2 NAG AA . -1.70 24.11 -26.74
C3 NAG AA . -1.21 25.53 -27.03
C4 NAG AA . -2.38 26.50 -26.93
C5 NAG AA . -3.05 26.34 -25.55
C6 NAG AA . -4.25 27.22 -25.32
C7 NAG AA . -0.70 22.02 -27.53
C8 NAG AA . 0.53 21.15 -27.47
N2 NAG AA . -0.63 23.16 -26.82
O3 NAG AA . -0.61 25.52 -28.28
O4 NAG AA . -1.86 27.80 -27.12
O5 NAG AA . -3.44 25.00 -25.36
O6 NAG AA . -5.29 26.82 -26.18
O7 NAG AA . -1.68 21.70 -28.18
C1 BMA AA . -2.30 28.33 -28.38
C2 BMA AA . -2.04 29.83 -28.36
C3 BMA AA . -2.56 30.47 -29.66
C4 BMA AA . -2.55 29.53 -30.89
C5 BMA AA . -1.64 28.31 -30.76
C6 BMA AA . -0.22 28.55 -31.27
O2 BMA AA . -0.68 30.03 -28.16
O3 BMA AA . -1.81 31.64 -29.85
O4 BMA AA . -3.89 29.14 -31.08
O5 BMA AA . -1.60 27.74 -29.46
O6 BMA AA . 0.39 27.28 -31.42
C1 FUC AA . 0.85 23.57 -23.12
C2 FUC AA . 0.90 25.03 -22.65
C3 FUC AA . 0.86 25.07 -21.13
C4 FUC AA . 2.02 24.27 -20.54
C5 FUC AA . 1.94 22.85 -21.11
C6 FUC AA . 3.10 21.98 -20.67
O2 FUC AA . -0.18 25.71 -23.22
O3 FUC AA . 0.86 26.44 -20.76
O4 FUC AA . 3.22 24.92 -20.86
O5 FUC AA . 1.91 22.86 -22.52
C1 NAG BA . -10.90 5.49 -28.68
C2 NAG BA . -10.83 6.80 -29.50
C3 NAG BA . -10.89 6.49 -31.01
C4 NAG BA . -9.89 5.40 -31.40
C5 NAG BA . -10.11 4.19 -30.49
C6 NAG BA . -9.19 3.00 -30.72
C7 NAG BA . -11.71 9.07 -28.85
C8 NAG BA . -12.97 9.83 -28.51
N2 NAG BA . -11.87 7.76 -29.16
O3 NAG BA . -10.63 7.69 -31.69
O4 NAG BA . -10.10 5.08 -32.76
O5 NAG BA . -9.94 4.59 -29.14
O6 NAG BA . -7.86 3.41 -30.55
O7 NAG BA . -10.64 9.63 -28.83
C1 NAG BA . -8.86 5.03 -33.49
C2 NAG BA . -9.09 4.15 -34.71
C3 NAG BA . -7.90 4.21 -35.66
C4 NAG BA . -7.60 5.65 -35.99
C5 NAG BA . -7.31 6.40 -34.69
C6 NAG BA . -6.97 7.86 -34.90
C7 NAG BA . -10.52 2.16 -34.48
C8 NAG BA . -11.61 3.00 -35.09
N2 NAG BA . -9.34 2.78 -34.34
O3 NAG BA . -8.24 3.46 -36.80
O4 NAG BA . -6.48 5.63 -36.85
O5 NAG BA . -8.46 6.33 -33.87
O6 NAG BA . -6.37 8.39 -33.75
O7 NAG BA . -10.71 1.00 -34.15
C1 BMA BA . -6.90 6.11 -38.14
C2 BMA BA . -5.64 6.50 -38.91
C3 BMA BA . -6.05 7.06 -40.29
C4 BMA BA . -7.42 6.58 -40.81
C5 BMA BA . -7.88 5.24 -40.23
C6 BMA BA . -7.34 4.03 -41.00
O2 BMA BA . -4.81 5.38 -38.99
O3 BMA BA . -4.98 6.76 -41.16
O4 BMA BA . -8.34 7.60 -40.51
O5 BMA BA . -7.60 5.09 -38.84
O6 BMA BA . -7.40 2.91 -40.14
C1 NAG CA . -30.50 6.43 -17.36
C2 NAG CA . -30.93 6.25 -18.82
C3 NAG CA . -30.60 7.46 -19.68
C4 NAG CA . -31.01 8.76 -19.00
C5 NAG CA . -30.49 8.77 -17.55
C6 NAG CA . -30.86 10.03 -16.80
C7 NAG CA . -31.03 3.98 -19.75
C8 NAG CA . -30.22 2.81 -20.23
N2 NAG CA . -30.32 5.05 -19.33
O3 NAG CA . -31.28 7.27 -20.88
O4 NAG CA . -30.42 9.83 -19.70
O5 NAG CA . -30.98 7.64 -16.85
O6 NAG CA . -32.25 10.11 -16.66
O7 NAG CA . -32.25 3.97 -19.76
C1 NAG CA . -31.41 10.73 -20.23
C2 NAG CA . -30.77 12.11 -20.39
C3 NAG CA . -31.78 13.08 -20.97
C4 NAG CA . -32.38 12.54 -22.27
C5 NAG CA . -32.87 11.11 -22.07
C6 NAG CA . -33.31 10.48 -23.38
C7 NAG CA . -28.97 12.66 -18.80
C8 NAG CA . -28.67 13.23 -17.43
N2 NAG CA . -30.27 12.61 -19.13
O3 NAG CA . -31.14 14.31 -21.16
O4 NAG CA . -33.45 13.37 -22.59
O5 NAG CA . -31.87 10.29 -21.48
O6 NAG CA . -33.89 9.22 -23.17
O7 NAG CA . -28.07 12.26 -19.52
C1 BMA CA . -33.20 14.28 -23.69
C2 BMA CA . -34.57 14.83 -24.02
C3 BMA CA . -34.48 15.99 -25.05
C4 BMA CA . -33.38 17.04 -24.77
C5 BMA CA . -32.10 16.47 -24.14
C6 BMA CA . -31.22 17.51 -23.44
O2 BMA CA . -35.20 15.21 -22.81
O3 BMA CA . -35.75 16.58 -25.07
O4 BMA CA . -33.13 17.63 -26.02
O5 BMA CA . -32.29 15.31 -23.33
O6 BMA CA . -31.49 17.66 -22.05
C1 MAN CA . -36.18 16.70 -26.43
C2 MAN CA . -37.43 17.58 -26.47
C3 MAN CA . -38.58 16.89 -25.75
C4 MAN CA . -38.84 15.55 -26.42
C5 MAN CA . -37.54 14.73 -26.32
C6 MAN CA . -37.64 13.38 -27.01
O2 MAN CA . -37.75 17.75 -27.82
O3 MAN CA . -39.70 17.74 -25.82
O4 MAN CA . -39.92 14.93 -25.78
O5 MAN CA . -36.48 15.43 -26.95
O6 MAN CA . -36.70 12.50 -26.44
C1 NAG CA . -37.24 19.01 -28.25
C2 NAG CA . -37.14 18.95 -29.78
C3 NAG CA . -36.72 20.31 -30.33
C4 NAG CA . -37.58 21.43 -29.77
C5 NAG CA . -37.64 21.33 -28.24
C6 NAG CA . -38.54 22.34 -27.57
C7 NAG CA . -36.58 16.71 -30.68
C8 NAG CA . -38.06 16.48 -30.84
N2 NAG CA . -36.24 17.91 -30.17
O3 NAG CA . -36.77 20.23 -31.73
O4 NAG CA . -36.99 22.64 -30.17
O5 NAG CA . -38.10 20.05 -27.86
O6 NAG CA . -37.79 23.45 -27.14
O7 NAG CA . -35.77 15.84 -30.99
C1 GAL CA . -37.83 23.34 -31.11
C2 GAL CA . -37.54 24.83 -30.93
C3 GAL CA . -38.43 25.60 -31.90
C4 GAL CA . -38.14 25.16 -33.34
C5 GAL CA . -38.32 23.64 -33.43
C6 GAL CA . -37.89 23.13 -34.79
O2 GAL CA . -37.79 25.19 -29.60
O3 GAL CA . -38.18 26.95 -31.68
O4 GAL CA . -36.84 25.56 -33.68
O5 GAL CA . -37.55 22.97 -32.44
O6 GAL CA . -38.12 21.75 -34.87
C1 MAN CA . -32.42 18.78 -21.88
C2 MAN CA . -31.60 19.97 -21.31
C3 MAN CA . -32.24 20.64 -20.09
C4 MAN CA . -33.74 20.57 -20.25
C5 MAN CA . -34.03 19.10 -20.00
C6 MAN CA . -35.51 18.88 -19.94
O2 MAN CA . -31.52 20.89 -22.36
O3 MAN CA . -31.79 21.98 -20.04
O4 MAN CA . -34.36 21.39 -19.28
O5 MAN CA . -33.49 18.33 -21.07
O6 MAN CA . -36.09 19.57 -21.02
C1 NAG DA . -22.43 0.96 -28.65
C2 NAG DA . -23.69 0.15 -28.35
C3 NAG DA . -23.72 -1.21 -29.04
C4 NAG DA . -23.28 -1.12 -30.50
C5 NAG DA . -21.95 -0.39 -30.59
C6 NAG DA . -21.45 -0.22 -32.01
C7 NAG DA . -24.97 0.45 -26.30
C8 NAG DA . -25.09 0.15 -24.84
N2 NAG DA . -23.91 -0.05 -26.94
O3 NAG DA . -25.00 -1.72 -28.88
O4 NAG DA . -23.11 -2.44 -31.01
O5 NAG DA . -22.08 0.88 -30.01
O6 NAG DA . -20.28 0.56 -32.00
O7 NAG DA . -25.82 1.11 -26.88
C1 NAG DA . -24.30 -2.87 -31.70
C2 NAG DA . -23.91 -3.75 -32.89
C3 NAG DA . -25.14 -4.42 -33.49
C4 NAG DA . -26.10 -4.98 -32.45
C5 NAG DA . -26.35 -3.94 -31.36
C6 NAG DA . -27.27 -4.36 -30.24
C7 NAG DA . -21.95 -3.17 -34.25
C8 NAG DA . -21.43 -2.25 -35.32
N2 NAG DA . -23.23 -2.97 -33.89
O3 NAG DA . -24.66 -5.42 -34.36
O4 NAG DA . -27.30 -5.27 -33.09
O5 NAG DA . -25.09 -3.61 -30.81
O6 NAG DA . -26.92 -5.63 -29.77
O7 NAG DA . -21.25 -4.04 -33.75
C1 BMA DA . -27.68 -6.64 -32.83
C2 BMA DA . -29.19 -6.70 -32.97
C3 BMA DA . -29.70 -8.15 -32.80
C4 BMA DA . -28.69 -9.24 -33.21
C5 BMA DA . -27.52 -8.78 -34.07
C6 BMA DA . -27.80 -8.84 -35.57
O2 BMA DA . -29.58 -6.11 -34.18
O3 BMA DA . -30.95 -8.23 -33.46
O4 BMA DA . -28.24 -9.78 -31.98
O5 BMA DA . -27.02 -7.49 -33.75
O6 BMA DA . -26.54 -8.90 -36.22
C1 MAN DA . -31.90 -8.76 -32.51
C2 MAN DA . -32.68 -9.89 -33.19
C3 MAN DA . -33.57 -9.34 -34.29
C4 MAN DA . -34.52 -8.32 -33.70
C5 MAN DA . -33.71 -7.22 -32.99
C6 MAN DA . -34.63 -6.30 -32.22
O2 MAN DA . -33.44 -10.54 -32.19
O3 MAN DA . -34.26 -10.43 -34.86
O4 MAN DA . -35.29 -7.80 -34.76
O5 MAN DA . -32.79 -7.77 -32.06
O6 MAN DA . -35.69 -5.92 -33.05
C1 FUC DA . -19.48 0.33 -33.18
C2 FUC DA . -18.40 1.42 -33.22
C3 FUC DA . -17.37 1.23 -32.11
C4 FUC DA . -16.82 -0.20 -32.11
C5 FUC DA . -18.00 -1.17 -32.05
C6 FUC DA . -17.57 -2.61 -32.09
O2 FUC DA . -19.05 2.66 -33.14
O3 FUC DA . -16.38 2.21 -32.26
O4 FUC DA . -16.02 -0.40 -33.25
O5 FUC DA . -18.89 -0.93 -33.13
C1 NAG EA . 2.39 9.79 27.83
C2 NAG EA . 3.79 10.27 27.40
C3 NAG EA . 4.63 10.72 28.61
C4 NAG EA . 3.84 11.73 29.45
C5 NAG EA . 2.43 11.19 29.75
C6 NAG EA . 1.56 12.18 30.51
C7 NAG EA . 4.70 9.45 25.34
C8 NAG EA . 5.39 8.31 24.62
N2 NAG EA . 4.44 9.26 26.64
O3 NAG EA . 5.86 11.18 28.15
O4 NAG EA . 4.51 11.89 30.68
O5 NAG EA . 1.74 10.77 28.59
O6 NAG EA . 1.38 13.38 29.80
O7 NAG EA . 4.43 10.49 24.76
C1 NAG EA . 5.38 13.03 30.68
C2 NAG EA . 5.40 13.61 32.12
C3 NAG EA . 6.55 14.59 32.33
C4 NAG EA . 7.87 14.05 31.79
C5 NAG EA . 7.64 13.65 30.34
C6 NAG EA . 8.88 13.15 29.65
C7 NAG EA . 3.23 13.77 33.28
C8 NAG EA . 2.01 14.63 33.41
N2 NAG EA . 4.15 14.25 32.41
O3 NAG EA . 6.60 14.89 33.69
O4 NAG EA . 8.84 15.07 31.85
O5 NAG EA . 6.66 12.63 30.29
O6 NAG EA . 9.50 12.17 30.44
O7 NAG EA . 3.38 12.73 33.90
C1 BMA EA . 9.93 14.70 32.73
C2 BMA EA . 11.25 15.14 32.08
C3 BMA EA . 12.44 14.99 33.08
C4 BMA EA . 12.14 15.35 34.55
C5 BMA EA . 10.69 15.16 34.99
C6 BMA EA . 10.26 15.95 36.22
O2 BMA EA . 11.11 16.46 31.61
O3 BMA EA . 13.50 15.73 32.53
O4 BMA EA . 12.99 14.50 35.31
O5 BMA EA . 9.74 15.34 33.95
O6 BMA EA . 10.48 17.32 35.95
C1 MAN EA . 14.73 14.98 32.63
C2 MAN EA . 15.87 15.91 32.20
C3 MAN EA . 15.79 16.21 30.70
C4 MAN EA . 15.77 14.91 29.92
C5 MAN EA . 14.58 14.09 30.40
C6 MAN EA . 14.44 12.77 29.68
O2 MAN EA . 17.08 15.28 32.54
O3 MAN EA . 16.87 17.05 30.38
O4 MAN EA . 15.64 15.24 28.55
O5 MAN EA . 14.69 13.84 31.81
O6 MAN EA . 15.68 12.11 29.63
C1 MAN EA . 10.03 18.08 37.08
C2 MAN EA . 9.77 19.51 36.60
C3 MAN EA . 11.08 20.15 36.14
C4 MAN EA . 12.14 20.05 37.22
C5 MAN EA . 12.27 18.61 37.72
C6 MAN EA . 13.17 18.51 38.93
O2 MAN EA . 9.19 20.20 37.68
O3 MAN EA . 10.81 21.47 35.76
O4 MAN EA . 13.35 20.51 36.65
O5 MAN EA . 11.00 18.09 38.08
O6 MAN EA . 13.35 17.15 39.27
C1 NAG FA . -28.99 -5.36 -2.49
C2 NAG FA . -29.10 -3.89 -2.91
C3 NAG FA . -30.56 -3.41 -3.01
C4 NAG FA . -31.37 -4.38 -3.86
C5 NAG FA . -31.14 -5.82 -3.38
C6 NAG FA . -31.87 -6.83 -4.23
C7 NAG FA . -27.25 -2.37 -2.50
C8 NAG FA . -26.54 -1.46 -1.51
N2 NAG FA . -28.35 -3.01 -2.06
O3 NAG FA . -30.54 -2.10 -3.47
O4 NAG FA . -32.74 -4.11 -3.65
O5 NAG FA . -29.78 -6.17 -3.33
O6 NAG FA . -31.43 -6.82 -5.56
O7 NAG FA . -26.84 -2.50 -3.64
C1 NAG FA . -33.31 -3.18 -4.59
C2 NAG FA . -34.79 -3.56 -4.85
C3 NAG FA . -35.53 -2.45 -5.61
C4 NAG FA . -35.24 -1.06 -5.02
C5 NAG FA . -33.74 -0.88 -4.86
C6 NAG FA . -33.36 0.48 -4.28
C7 NAG FA . -35.41 -5.93 -5.12
C8 NAG FA . -35.39 -7.10 -6.08
N2 NAG FA . -34.88 -4.79 -5.58
O3 NAG FA . -36.90 -2.72 -5.61
O4 NAG FA . -35.76 -0.14 -5.94
O5 NAG FA . -33.22 -1.90 -4.03
O6 NAG FA . -34.08 0.71 -3.10
O7 NAG FA . -35.87 -6.07 -4.00
C1 BMA FA . -36.76 0.66 -5.29
C2 BMA FA . -36.63 2.11 -5.76
C3 BMA FA . -37.78 2.97 -5.18
C4 BMA FA . -39.15 2.27 -4.97
C5 BMA FA . -39.16 0.74 -5.00
C6 BMA FA . -40.44 0.10 -5.52
O2 BMA FA . -36.60 2.16 -7.16
O3 BMA FA . -37.86 4.16 -5.94
O4 BMA FA . -39.52 2.68 -3.67
O5 BMA FA . -38.04 0.16 -5.64
O6 BMA FA . -40.58 0.35 -6.90
C1 MAN FA . -38.07 5.29 -5.05
C2 MAN FA . -38.25 6.54 -5.92
C3 MAN FA . -36.96 6.81 -6.68
C4 MAN FA . -35.82 7.05 -5.69
C5 MAN FA . -35.72 5.79 -4.80
C6 MAN FA . -34.63 5.93 -3.74
O2 MAN FA . -38.51 7.58 -5.02
O3 MAN FA . -37.14 7.92 -7.52
O4 MAN FA . -34.63 7.23 -6.43
O5 MAN FA . -36.97 5.50 -4.19
O6 MAN FA . -34.85 7.05 -2.93
C1 NAG FA . -39.91 7.92 -4.94
C2 NAG FA . -40.00 9.29 -4.24
C3 NAG FA . -41.47 9.69 -4.12
C4 NAG FA . -42.12 9.69 -5.50
C5 NAG FA . -41.89 8.34 -6.18
C6 NAG FA . -42.39 8.34 -7.61
C7 NAG FA . -39.66 8.50 -1.90
C8 NAG FA . -38.80 8.71 -0.68
N2 NAG FA . -39.35 9.29 -2.96
O3 NAG FA . -41.52 10.95 -3.50
O4 NAG FA . -43.48 9.98 -5.34
O5 NAG FA . -40.51 8.03 -6.22
O6 NAG FA . -41.88 9.49 -8.25
O7 NAG FA . -40.55 7.68 -1.90
C1 MAN FA . -41.77 -0.36 -7.33
C2 MAN FA . -41.86 -0.22 -8.86
C3 MAN FA . -42.23 1.21 -9.26
C4 MAN FA . -43.47 1.68 -8.54
C5 MAN FA . -43.27 1.52 -7.02
C6 MAN FA . -44.53 1.85 -6.27
O2 MAN FA . -42.83 -1.15 -9.28
O3 MAN FA . -42.39 1.25 -10.66
O4 MAN FA . -43.67 3.02 -8.90
O5 MAN FA . -42.92 0.17 -6.73
O6 MAN FA . -44.28 1.72 -4.89
C1 NAG GA . -5.66 -42.22 9.75
C2 NAG GA . -5.74 -41.83 8.27
C3 NAG GA . -6.74 -42.71 7.53
C4 NAG GA . -6.45 -44.18 7.77
C5 NAG GA . -6.44 -44.43 9.28
C6 NAG GA . -6.14 -45.85 9.66
C7 NAG GA . -5.34 -39.53 7.53
C8 NAG GA . -5.92 -38.14 7.46
N2 NAG GA . -6.12 -40.45 8.11
O3 NAG GA . -6.70 -42.38 6.17
O4 NAG GA . -7.44 -44.93 7.12
O5 NAG GA . -5.45 -43.61 9.87
O6 NAG GA . -4.81 -46.14 9.31
O7 NAG GA . -4.24 -39.78 7.09
C1 NAG HA . 22.09 -25.01 11.78
C2 NAG HA . 21.87 -25.83 13.06
C3 NAG HA . 22.22 -24.98 14.28
C4 NAG HA . 23.62 -24.41 14.14
C5 NAG HA . 23.77 -23.68 12.80
C6 NAG HA . 25.17 -23.17 12.53
C7 NAG HA . 20.17 -27.59 13.23
C8 NAG HA . 18.68 -27.84 13.29
N2 NAG HA . 20.52 -26.30 13.14
O3 NAG HA . 22.09 -25.79 15.42
O4 NAG HA . 23.84 -23.55 15.24
O5 NAG HA . 23.42 -24.56 11.74
O6 NAG HA . 25.34 -22.97 11.14
O7 NAG HA . 20.98 -28.51 13.26
UNK UNX IA . -8.85 -13.12 15.71
UNK UNX JA . -4.81 -7.13 8.54
C1 NAG KA . -1.45 -26.22 -20.92
C2 NAG KA . -0.95 -27.06 -22.11
C3 NAG KA . -2.00 -27.14 -23.22
C4 NAG KA . -3.39 -27.47 -22.67
C5 NAG KA . -3.72 -26.50 -21.52
C6 NAG KA . -5.09 -26.71 -20.91
C7 NAG KA . 1.44 -27.13 -22.82
C8 NAG KA . 2.53 -26.28 -23.43
N2 NAG KA . 0.26 -26.50 -22.66
O3 NAG KA . -1.56 -28.10 -24.15
O4 NAG KA . -4.29 -27.33 -23.74
O5 NAG KA . -2.73 -26.67 -20.53
O6 NAG KA . -5.41 -25.63 -20.06
O7 NAG KA . 1.63 -28.30 -22.53
C1 NAG LA . 26.97 4.58 19.93
C2 NAG LA . 28.15 5.34 20.54
C3 NAG LA . 29.48 4.65 20.19
C4 NAG LA . 29.42 3.18 20.54
C5 NAG LA . 28.21 2.55 19.84
C6 NAG LA . 28.04 1.08 20.11
C7 NAG LA . 27.75 7.74 20.83
C8 NAG LA . 27.82 9.08 20.15
N2 NAG LA . 28.16 6.70 20.08
O3 NAG LA . 30.50 5.31 20.90
O4 NAG LA . 30.63 2.59 20.12
O5 NAG LA . 27.04 3.21 20.27
O6 NAG LA . 29.09 0.37 19.50
O7 NAG LA . 27.35 7.61 21.98
C1 NAG MA . -18.48 20.80 -11.50
C2 NAG MA . -19.84 21.53 -11.53
C3 NAG MA . -19.68 23.02 -11.82
C4 NAG MA . -18.70 23.63 -10.83
C5 NAG MA . -17.38 22.91 -11.09
C6 NAG MA . -16.20 23.46 -10.31
C7 NAG MA . -21.84 20.30 -12.18
C8 NAG MA . -22.65 19.78 -13.34
N2 NAG MA . -20.72 20.95 -12.50
O3 NAG MA . -20.94 23.62 -11.78
O4 NAG MA . -18.63 25.02 -11.04
O5 NAG MA . -17.54 21.54 -10.76
O6 NAG MA . -16.61 23.85 -9.02
O7 NAG MA . -22.18 20.11 -11.02
C1 NAG NA . -26.72 20.31 3.25
C2 NAG NA . -27.87 21.23 2.86
C3 NAG NA . -27.72 22.58 3.55
C4 NAG NA . -27.52 22.39 5.05
C5 NAG NA . -26.34 21.46 5.28
C6 NAG NA . -26.02 21.20 6.74
C7 NAG NA . -28.77 20.68 0.66
C8 NAG NA . -28.68 20.96 -0.81
N2 NAG NA . -27.92 21.37 1.44
O3 NAG NA . -28.87 23.34 3.26
O4 NAG NA . -27.33 23.67 5.62
O5 NAG NA . -26.61 20.22 4.65
O6 NAG NA . -27.15 20.69 7.39
O7 NAG NA . -29.57 19.86 1.11
C1 NAG OA . 3.45 -8.97 42.63
C2 NAG OA . 4.71 -8.68 41.81
C3 NAG OA . 5.90 -9.50 42.33
C4 NAG OA . 6.06 -9.30 43.83
C5 NAG OA . 4.73 -9.64 44.51
C6 NAG OA . 4.76 -9.48 46.01
C7 NAG OA . 4.61 -8.05 39.45
C8 NAG OA . 4.41 -8.58 38.06
N2 NAG OA . 4.54 -8.98 40.41
O3 NAG OA . 7.04 -9.12 41.63
O4 NAG OA . 7.10 -10.16 44.26
O5 NAG OA . 3.73 -8.80 43.99
O6 NAG OA . 4.65 -8.11 46.34
O7 NAG OA . 4.82 -6.88 39.69
C1 NAG PA . -9.75 17.54 28.20
C2 NAG PA . -10.71 17.29 29.40
C3 NAG PA . -12.17 17.35 28.98
C4 NAG PA . -12.43 18.69 28.34
C5 NAG PA . -11.51 18.78 27.13
C6 NAG PA . -11.73 20.05 26.33
C7 NAG PA . -10.68 15.73 31.32
C8 NAG PA . -10.33 14.33 31.72
N2 NAG PA . -10.44 16.02 30.03
O3 NAG PA . -12.95 17.18 30.13
O4 NAG PA . -13.79 18.79 28.01
O5 NAG PA . -10.18 18.74 27.58
O6 NAG PA . -11.87 21.13 27.23
O7 NAG PA . -11.12 16.53 32.14
C10 A1BK9 QA . -21.48 -27.01 39.95
C13 A1BK9 QA . -23.68 -28.17 42.06
C15 A1BK9 QA . -24.92 -27.94 43.02
C17 A1BK9 QA . -23.60 -27.39 38.80
C20 A1BK9 QA . -21.90 -29.60 35.20
C21 A1BK9 QA . -21.92 -30.42 34.06
C22 A1BK9 QA . -22.82 -31.69 34.00
C24 A1BK9 QA . -24.88 -32.80 33.59
C28 A1BK9 QA . -24.23 -36.97 35.37
C01 A1BK9 QA . -21.16 -31.02 31.75
C02 A1BK9 QA . -21.12 -30.13 32.95
C03 A1BK9 QA . -20.30 -29.02 32.98
C04 A1BK9 QA . -20.28 -28.17 34.16
C06 A1BK9 QA . -19.94 -26.63 35.71
C07 A1BK9 QA . -20.84 -27.53 36.18
C08 A1BK9 QA . -21.53 -27.41 37.57
C09 A1BK9 QA . -20.81 -27.14 38.72
C11 A1BK9 QA . -22.88 -27.15 40.01
C14 A1BK9 QA . -23.91 -29.55 41.26
C16 A1BK9 QA . -22.37 -28.37 42.96
C18 A1BK9 QA . -22.93 -27.51 37.60
C23 A1BK9 QA . -24.14 -31.64 33.64
C25 A1BK9 QA . -24.30 -34.01 33.90
C27 A1BK9 QA . -25.33 -35.83 35.12
C29 A1BK9 QA . -26.72 -36.44 35.00
C30 A1BK9 QA . -22.98 -34.05 34.24
C31 A1BK9 QA . -22.24 -32.88 34.29
N05 A1BK9 QA . -19.58 -27.02 34.46
N19 A1BK9 QA . -21.06 -28.47 35.21
O12 A1BK9 QA . -23.56 -27.02 41.20
O26 A1BK9 QA . -25.06 -35.22 33.85
C1 NAG RA . -38.03 -8.67 19.47
C2 NAG RA . -37.76 -7.21 19.03
C3 NAG RA . -38.39 -6.20 20.00
C4 NAG RA . -39.85 -6.53 20.24
C5 NAG RA . -39.90 -7.95 20.78
C6 NAG RA . -41.30 -8.40 21.18
C7 NAG RA . -35.79 -6.65 17.71
C8 NAG RA . -34.33 -6.34 17.74
N2 NAG RA . -36.36 -6.91 18.88
O3 NAG RA . -38.25 -4.92 19.47
O4 NAG RA . -40.38 -5.56 21.13
O5 NAG RA . -39.40 -8.82 19.80
O6 NAG RA . -42.09 -8.58 20.03
O7 NAG RA . -36.43 -6.64 16.67
C1 NAG SA . -28.87 -17.51 -10.23
C2 NAG SA . -29.68 -18.66 -9.64
C3 NAG SA . -28.88 -19.96 -9.74
C4 NAG SA . -28.46 -20.19 -11.19
C5 NAG SA . -27.72 -18.96 -11.72
C6 NAG SA . -27.31 -19.05 -13.17
C7 NAG SA . -31.29 -18.47 -7.78
C8 NAG SA . -31.42 -18.19 -6.30
N2 NAG SA . -30.03 -18.42 -8.26
O3 NAG SA . -29.66 -21.01 -9.24
O4 NAG SA . -27.62 -21.33 -11.20
O5 NAG SA . -28.56 -17.83 -11.57
O6 NAG SA . -26.82 -17.81 -13.60
O7 NAG SA . -32.26 -18.73 -8.48
#